data_7WH5
#
_entry.id   7WH5
#
_cell.length_a   111.890
_cell.length_b   97.025
_cell.length_c   131.420
_cell.angle_alpha   90.000
_cell.angle_beta   93.700
_cell.angle_gamma   90.000
#
_symmetry.space_group_name_H-M   'P 1 21 1'
#
loop_
_entity.id
_entity.type
_entity.pdbx_description
1 polymer 'ATP-dependent Clp protease proteolytic subunit, mitochondrial'
2 non-polymer (6S,9aS)-6-[(2S)-butan-2-yl]-8-(naphthalen-1-ylmethyl)-4,7-bis(oxidanylidene)-N-[4,4,4-tris(fluoranyl)butyl]-3,6,9,9a-tetrahydro-2H-pyrazino[1,2-a]pyrimidine-1-carboxamide
3 non-polymer 'MAGNESIUM ION'
4 water water
#
_entity_poly.entity_id   1
_entity_poly.type   'polypeptide(L)'
_entity_poly.pdbx_seq_one_letter_code
;PLIPIVVEQTGRGERAYDIYSRLLRERIVCVMGPIDDSVASLVIAQLLFLQSESNKKPIHMYINSPGGVVTAGLAIYDTM
QYILNPICTWCVGQAASMGSLLLAAGTPGMRHSLPNSRIMIHQPSGGARGQATDIAIQAEEIMKLKKQLYNIYAKHTKQS
LQVIESAMERDRYMSPMEAQEFGILDKVLVHPPQDGEDEPTLVQKEPVEAAPAAEPVPAST
;
_entity_poly.pdbx_strand_id   A,B,C,D,E,F,G,H,I,J,K,L,M,N
#
loop_
_chem_comp.id
_chem_comp.type
_chem_comp.name
_chem_comp.formula
9DF non-polymer (6S,9aS)-6-[(2S)-butan-2-yl]-8-(naphthalen-1-ylmethyl)-4,7-bis(oxidanylidene)-N-[4,4,4-tris(fluoranyl)butyl]-3,6,9,9a-tetrahydro-2H-pyrazino[1,2-a]pyrimidine-1-carboxamide 'C27 H33 F3 N4 O3'
MG non-polymer 'MAGNESIUM ION' 'Mg 2'
#
# COMPACT_ATOMS: atom_id res chain seq x y z
N LEU A 2 -7.78 22.74 10.25
CA LEU A 2 -9.10 23.46 10.19
C LEU A 2 -8.93 24.99 10.17
N ILE A 3 -9.34 25.63 9.08
CA ILE A 3 -9.10 27.04 8.86
C ILE A 3 -10.30 27.84 9.43
N PRO A 4 -10.06 28.79 10.36
CA PRO A 4 -11.20 29.53 10.91
C PRO A 4 -11.78 30.57 9.96
N ILE A 5 -13.06 30.86 10.13
CA ILE A 5 -13.77 31.90 9.36
C ILE A 5 -14.12 33.14 10.17
N VAL A 6 -14.31 34.26 9.46
CA VAL A 6 -14.64 35.57 10.04
C VAL A 6 -15.68 36.24 9.14
N TYR A 17 -15.54 34.82 5.06
CA TYR A 17 -14.12 35.02 4.91
C TYR A 17 -13.27 34.08 5.75
N ASP A 18 -12.50 33.19 5.13
CA ASP A 18 -11.56 32.36 5.89
C ASP A 18 -10.42 33.29 6.30
N ILE A 19 -9.67 32.93 7.35
CA ILE A 19 -8.61 33.80 7.83
C ILE A 19 -7.56 34.30 6.84
N TYR A 20 -7.15 33.49 5.90
CA TYR A 20 -6.18 33.91 4.94
C TYR A 20 -6.80 34.89 3.96
N SER A 21 -8.02 34.64 3.56
CA SER A 21 -8.74 35.59 2.71
C SER A 21 -8.96 36.93 3.40
N ARG A 22 -9.25 36.88 4.69
CA ARG A 22 -9.38 38.10 5.47
C ARG A 22 -8.08 38.90 5.50
N LEU A 23 -6.95 38.22 5.67
CA LEU A 23 -5.62 38.87 5.61
C LEU A 23 -5.33 39.44 4.22
N LEU A 24 -5.75 38.72 3.19
CA LEU A 24 -5.60 39.19 1.80
C LEU A 24 -6.34 40.55 1.57
N ARG A 25 -7.53 40.71 2.15
CA ARG A 25 -8.24 41.99 2.08
C ARG A 25 -7.48 43.15 2.74
N GLU A 26 -6.59 42.86 3.69
CA GLU A 26 -5.67 43.86 4.27
C GLU A 26 -4.28 43.89 3.62
N ARG A 27 -4.15 43.36 2.41
CA ARG A 27 -2.90 43.38 1.63
C ARG A 27 -1.73 42.54 2.23
N ILE A 28 -2.08 41.45 2.93
CA ILE A 28 -1.11 40.51 3.47
C ILE A 28 -1.19 39.21 2.65
N VAL A 29 -0.05 38.82 2.06
CA VAL A 29 0.08 37.57 1.31
C VAL A 29 0.98 36.61 2.08
N CYS A 30 0.57 35.35 2.16
CA CYS A 30 1.31 34.33 2.94
C CYS A 30 2.07 33.36 2.03
N VAL A 31 3.38 33.26 2.25
CA VAL A 31 4.26 32.31 1.55
C VAL A 31 4.75 31.32 2.60
N MET A 32 4.08 30.18 2.66
CA MET A 32 4.25 29.23 3.76
C MET A 32 4.52 27.83 3.24
N GLY A 33 5.44 27.12 3.88
CA GLY A 33 5.77 25.77 3.48
C GLY A 33 6.60 25.69 2.22
N PRO A 34 6.75 24.48 1.68
CA PRO A 34 7.60 24.31 0.49
C PRO A 34 7.04 25.04 -0.73
N ILE A 35 7.91 25.71 -1.46
CA ILE A 35 7.53 26.48 -2.63
C ILE A 35 7.59 25.58 -3.85
N ASP A 36 6.44 25.25 -4.42
CA ASP A 36 6.37 24.54 -5.71
C ASP A 36 5.54 25.40 -6.69
N ASP A 37 5.30 24.88 -7.89
CA ASP A 37 4.52 25.55 -8.94
C ASP A 37 3.12 26.01 -8.48
N SER A 38 2.44 25.16 -7.70
CA SER A 38 1.13 25.49 -7.18
C SER A 38 1.17 26.69 -6.23
N VAL A 39 2.11 26.67 -5.28
CA VAL A 39 2.30 27.83 -4.38
C VAL A 39 2.66 29.12 -5.15
N ALA A 40 3.58 29.01 -6.11
CA ALA A 40 4.00 30.18 -6.88
C ALA A 40 2.83 30.82 -7.63
N SER A 41 2.04 30.01 -8.32
CA SER A 41 0.86 30.50 -9.05
C SER A 41 -0.15 31.22 -8.14
N LEU A 42 -0.41 30.67 -6.95
CA LEU A 42 -1.30 31.31 -5.99
C LEU A 42 -0.77 32.63 -5.49
N VAL A 43 0.51 32.67 -5.17
CA VAL A 43 1.14 33.91 -4.69
C VAL A 43 1.11 34.97 -5.82
N ILE A 44 1.46 34.55 -7.04
CA ILE A 44 1.45 35.46 -8.19
C ILE A 44 0.06 36.02 -8.46
N ALA A 45 -0.95 35.16 -8.43
CA ALA A 45 -2.34 35.58 -8.61
C ALA A 45 -2.76 36.61 -7.56
N GLN A 46 -2.37 36.37 -6.31
CA GLN A 46 -2.65 37.33 -5.23
C GLN A 46 -1.94 38.68 -5.43
N LEU A 47 -0.68 38.65 -5.87
CA LEU A 47 0.06 39.88 -6.17
C LEU A 47 -0.58 40.70 -7.29
N LEU A 48 -1.07 40.03 -8.33
CA LEU A 48 -1.81 40.72 -9.41
C LEU A 48 -3.11 41.35 -8.92
N PHE A 49 -3.82 40.65 -8.04
CA PHE A 49 -5.04 41.18 -7.45
C PHE A 49 -4.80 42.45 -6.64
N LEU A 50 -3.83 42.38 -5.72
CA LEU A 50 -3.51 43.51 -4.88
C LEU A 50 -3.02 44.74 -5.67
N GLN A 51 -2.29 44.49 -6.75
CA GLN A 51 -1.80 45.56 -7.61
C GLN A 51 -2.93 46.33 -8.32
N SER A 52 -3.96 45.60 -8.74
CA SER A 52 -5.10 46.20 -9.40
C SER A 52 -5.85 47.08 -8.42
N GLU A 53 -6.08 46.56 -7.22
CA GLU A 53 -6.77 47.34 -6.17
C GLU A 53 -6.09 48.70 -5.96
N SER A 54 -4.75 48.70 -6.02
CA SER A 54 -3.95 49.92 -5.88
C SER A 54 -2.50 49.60 -6.19
N ASN A 55 -1.94 50.31 -7.16
CA ASN A 55 -0.53 50.13 -7.52
C ASN A 55 0.44 50.98 -6.68
N LYS A 56 -0.07 51.68 -5.67
CA LYS A 56 0.76 52.49 -4.76
C LYS A 56 0.83 51.93 -3.33
N LYS A 57 -0.27 51.37 -2.82
CA LYS A 57 -0.32 50.92 -1.42
C LYS A 57 0.62 49.73 -1.17
N PRO A 58 1.36 49.75 -0.04
CA PRO A 58 2.28 48.62 0.20
C PRO A 58 1.62 47.25 0.27
N ILE A 59 2.39 46.21 -0.05
CA ILE A 59 1.98 44.82 0.09
C ILE A 59 2.89 44.17 1.14
N HIS A 60 2.28 43.44 2.07
CA HIS A 60 3.01 42.72 3.12
C HIS A 60 3.10 41.23 2.75
N MET A 61 4.33 40.70 2.76
CA MET A 61 4.61 39.32 2.40
C MET A 61 5.17 38.58 3.62
N TYR A 62 4.35 37.69 4.18
CA TYR A 62 4.73 36.83 5.31
C TYR A 62 5.44 35.59 4.79
N ILE A 63 6.66 35.34 5.26
CA ILE A 63 7.49 34.25 4.76
C ILE A 63 7.91 33.32 5.90
N ASN A 64 7.43 32.08 5.83
CA ASN A 64 7.86 30.99 6.71
C ASN A 64 7.99 29.74 5.86
N SER A 65 9.19 29.48 5.35
CA SER A 65 9.38 28.47 4.31
C SER A 65 10.77 27.85 4.37
N PRO A 66 10.87 26.50 4.23
CA PRO A 66 12.16 25.81 4.11
C PRO A 66 12.77 25.83 2.69
N GLY A 67 12.09 26.41 1.72
CA GLY A 67 12.61 26.52 0.36
C GLY A 67 11.71 25.84 -0.63
N GLY A 68 12.28 25.38 -1.74
CA GLY A 68 11.49 24.70 -2.76
C GLY A 68 12.09 24.73 -4.15
N VAL A 69 11.24 24.62 -5.16
CA VAL A 69 11.66 24.50 -6.56
C VAL A 69 12.23 25.84 -7.07
N VAL A 70 13.42 25.81 -7.68
CA VAL A 70 14.08 27.04 -8.09
C VAL A 70 13.27 27.90 -9.07
N THR A 71 12.73 27.29 -10.13
CA THR A 71 11.97 28.06 -11.14
C THR A 71 10.68 28.67 -10.56
N ALA A 72 10.06 27.96 -9.61
CA ALA A 72 8.86 28.48 -8.93
C ALA A 72 9.21 29.68 -8.03
N GLY A 73 10.34 29.59 -7.32
CA GLY A 73 10.85 30.73 -6.56
C GLY A 73 11.17 31.92 -7.45
N LEU A 74 11.84 31.67 -8.57
CA LEU A 74 12.18 32.73 -9.53
C LEU A 74 10.94 33.38 -10.15
N ALA A 75 9.87 32.62 -10.32
CA ALA A 75 8.61 33.16 -10.85
C ALA A 75 8.01 34.19 -9.91
N ILE A 76 8.02 33.88 -8.62
CA ILE A 76 7.55 34.82 -7.60
C ILE A 76 8.50 36.03 -7.54
N TYR A 77 9.80 35.79 -7.54
CA TYR A 77 10.80 36.86 -7.52
C TYR A 77 10.53 37.86 -8.64
N ASP A 78 10.40 37.36 -9.89
CA ASP A 78 10.23 38.24 -11.05
C ASP A 78 8.93 39.05 -10.96
N THR A 79 7.88 38.45 -10.43
CA THR A 79 6.60 39.15 -10.28
C THR A 79 6.67 40.26 -9.24
N MET A 80 7.37 40.00 -8.14
CA MET A 80 7.64 41.03 -7.11
C MET A 80 8.33 42.26 -7.71
N GLN A 81 9.38 42.03 -8.49
CA GLN A 81 10.10 43.10 -9.18
C GLN A 81 9.20 43.82 -10.19
N TYR A 82 8.39 43.05 -10.93
CA TYR A 82 7.58 43.58 -12.02
C TYR A 82 6.48 44.56 -11.57
N ILE A 83 5.74 44.22 -10.52
CA ILE A 83 4.69 45.12 -10.02
C ILE A 83 5.30 46.40 -9.45
N LEU A 84 4.47 47.45 -9.43
CA LEU A 84 4.95 48.78 -9.03
C LEU A 84 4.95 48.97 -7.52
N ASN A 85 4.15 48.19 -6.79
CA ASN A 85 3.97 48.38 -5.36
C ASN A 85 5.25 48.20 -4.57
N PRO A 86 5.40 48.96 -3.47
CA PRO A 86 6.42 48.55 -2.49
C PRO A 86 5.99 47.24 -1.80
N ILE A 87 6.97 46.39 -1.50
CA ILE A 87 6.70 45.09 -0.87
C ILE A 87 7.53 45.00 0.39
N CYS A 88 6.85 44.88 1.52
CA CYS A 88 7.47 44.65 2.83
C CYS A 88 7.55 43.15 3.06
N THR A 89 8.75 42.61 3.26
CA THR A 89 8.93 41.19 3.54
C THR A 89 9.11 41.00 5.05
N TRP A 90 8.48 39.94 5.57
CA TRP A 90 8.51 39.59 7.00
C TRP A 90 8.89 38.11 7.22
N CYS A 91 10.08 37.85 7.77
CA CYS A 91 10.50 36.49 8.10
C CYS A 91 10.08 36.09 9.52
N VAL A 92 9.20 35.09 9.60
CA VAL A 92 8.77 34.53 10.89
C VAL A 92 9.00 33.03 10.82
N GLY A 93 9.71 32.49 11.80
CA GLY A 93 10.03 31.06 11.80
C GLY A 93 11.34 30.82 11.06
N GLN A 94 11.24 30.71 9.73
CA GLN A 94 12.45 30.58 8.92
C GLN A 94 12.27 31.00 7.46
N ALA A 95 13.39 31.33 6.83
CA ALA A 95 13.45 31.54 5.38
C ALA A 95 14.74 30.86 4.92
N ALA A 96 14.61 29.68 4.33
CA ALA A 96 15.74 28.92 3.82
C ALA A 96 15.69 28.81 2.31
N SER A 97 16.87 28.77 1.67
CA SER A 97 16.98 28.57 0.22
C SER A 97 16.12 29.62 -0.50
N MET A 98 15.18 29.23 -1.36
CA MET A 98 14.37 30.19 -2.12
C MET A 98 13.57 31.16 -1.25
N GLY A 99 13.19 30.71 -0.05
CA GLY A 99 12.54 31.58 0.92
C GLY A 99 13.39 32.80 1.29
N SER A 100 14.69 32.61 1.46
CA SER A 100 15.58 33.73 1.81
C SER A 100 15.80 34.68 0.63
N LEU A 101 15.69 34.17 -0.60
CA LEU A 101 15.79 35.02 -1.77
C LEU A 101 14.60 35.98 -1.86
N LEU A 102 13.41 35.46 -1.61
CA LEU A 102 12.21 36.30 -1.59
C LEU A 102 12.27 37.36 -0.48
N LEU A 103 12.75 36.97 0.70
CA LEU A 103 12.95 37.90 1.82
C LEU A 103 13.86 39.05 1.42
N ALA A 104 15.01 38.71 0.84
CA ALA A 104 16.00 39.70 0.37
C ALA A 104 15.51 40.59 -0.76
N ALA A 105 14.52 40.11 -1.53
CA ALA A 105 13.98 40.82 -2.67
C ALA A 105 12.89 41.87 -2.33
N GLY A 106 12.60 42.06 -1.05
CA GLY A 106 11.65 43.11 -0.66
C GLY A 106 12.22 44.49 -0.97
N THR A 107 11.34 45.49 -1.02
CA THR A 107 11.74 46.89 -1.24
C THR A 107 12.80 47.32 -0.21
N PRO A 108 13.89 47.98 -0.67
CA PRO A 108 14.94 48.40 0.28
C PRO A 108 14.39 49.24 1.44
N GLY A 109 14.89 48.98 2.64
CA GLY A 109 14.34 49.53 3.87
C GLY A 109 13.13 48.82 4.45
N MET A 110 12.48 47.92 3.70
CA MET A 110 11.23 47.28 4.13
C MET A 110 11.34 45.74 4.33
N ARG A 111 12.54 45.25 4.62
CA ARG A 111 12.79 43.82 4.81
C ARG A 111 13.05 43.55 6.30
N HIS A 112 12.17 42.75 6.90
CA HIS A 112 12.06 42.57 8.36
C HIS A 112 12.22 41.09 8.76
N SER A 113 12.71 40.87 9.98
CA SER A 113 12.61 39.59 10.65
C SER A 113 12.26 39.78 12.13
N LEU A 114 11.50 38.83 12.68
CA LEU A 114 11.30 38.76 14.12
C LEU A 114 12.53 38.09 14.75
N PRO A 115 12.70 38.22 16.09
CA PRO A 115 14.03 37.96 16.69
C PRO A 115 14.55 36.52 16.67
N ASN A 116 13.69 35.52 16.66
CA ASN A 116 14.14 34.10 16.75
C ASN A 116 14.10 33.35 15.40
N SER A 117 13.85 34.06 14.29
CA SER A 117 13.84 33.44 12.97
C SER A 117 15.23 32.93 12.58
N ARG A 118 15.26 31.97 11.65
CA ARG A 118 16.52 31.42 11.12
C ARG A 118 16.53 31.61 9.60
N ILE A 119 17.67 32.06 9.07
CA ILE A 119 17.81 32.42 7.66
C ILE A 119 18.97 31.66 7.04
N MET A 120 18.72 30.99 5.92
CA MET A 120 19.75 30.20 5.23
C MET A 120 19.74 30.52 3.74
N ILE A 121 20.90 30.87 3.19
CA ILE A 121 21.05 31.10 1.76
C ILE A 121 21.61 29.89 0.99
N HIS A 122 22.24 28.96 1.70
CA HIS A 122 22.65 27.66 1.15
C HIS A 122 21.44 26.91 0.54
N GLN A 123 21.68 26.21 -0.57
CA GLN A 123 20.66 25.40 -1.25
C GLN A 123 20.79 23.94 -0.87
N PRO A 124 19.80 23.35 -0.18
CA PRO A 124 19.91 21.91 0.18
C PRO A 124 19.57 20.98 -0.97
N ILE A 137 16.60 17.65 -14.67
CA ILE A 137 17.36 18.72 -15.31
C ILE A 137 18.80 18.26 -15.60
N GLN A 138 19.32 18.62 -16.79
CA GLN A 138 20.74 18.41 -17.15
C GLN A 138 21.71 19.28 -16.30
N ALA A 139 22.96 18.80 -16.20
CA ALA A 139 24.02 19.44 -15.42
C ALA A 139 24.21 20.92 -15.78
N GLU A 140 24.29 21.23 -17.08
CA GLU A 140 24.48 22.61 -17.53
C GLU A 140 23.34 23.53 -17.05
N GLU A 141 22.11 23.01 -17.07
CA GLU A 141 20.95 23.80 -16.65
C GLU A 141 20.92 24.09 -15.15
N ILE A 142 21.31 23.12 -14.32
CA ILE A 142 21.35 23.34 -12.87
C ILE A 142 22.39 24.43 -12.53
N MET A 143 23.53 24.45 -13.24
CA MET A 143 24.53 25.53 -13.05
C MET A 143 24.05 26.90 -13.51
N LYS A 144 23.34 26.95 -14.64
CA LYS A 144 22.78 28.22 -15.11
C LYS A 144 21.81 28.82 -14.08
N LEU A 145 20.94 27.99 -13.53
CA LEU A 145 20.00 28.44 -12.48
C LEU A 145 20.77 28.91 -11.22
N LYS A 146 21.79 28.15 -10.82
CA LYS A 146 22.62 28.51 -9.68
C LYS A 146 23.28 29.91 -9.87
N LYS A 147 23.82 30.17 -11.07
CA LYS A 147 24.39 31.48 -11.39
C LYS A 147 23.35 32.61 -11.38
N GLN A 148 22.11 32.33 -11.81
CA GLN A 148 21.03 33.31 -11.68
C GLN A 148 20.79 33.67 -10.21
N LEU A 149 20.87 32.69 -9.31
CA LEU A 149 20.69 32.94 -7.88
C LEU A 149 21.84 33.81 -7.34
N TYR A 150 23.08 33.51 -7.73
CA TYR A 150 24.24 34.32 -7.34
C TYR A 150 24.02 35.80 -7.69
N ASN A 151 23.64 36.09 -8.92
CA ASN A 151 23.43 37.48 -9.38
C ASN A 151 22.28 38.17 -8.66
N ILE A 152 21.19 37.46 -8.38
CA ILE A 152 20.07 38.04 -7.63
C ILE A 152 20.47 38.40 -6.19
N TYR A 153 21.17 37.50 -5.50
CA TYR A 153 21.61 37.79 -4.12
C TYR A 153 22.61 38.97 -4.10
N ALA A 154 23.52 39.01 -5.07
CA ALA A 154 24.49 40.10 -5.19
C ALA A 154 23.80 41.46 -5.36
N LYS A 155 22.83 41.53 -6.27
CA LYS A 155 22.05 42.73 -6.48
C LYS A 155 21.39 43.23 -5.19
N HIS A 156 20.71 42.35 -4.44
CA HIS A 156 19.87 42.81 -3.32
C HIS A 156 20.61 42.94 -1.99
N THR A 157 21.70 42.18 -1.81
CA THR A 157 22.51 42.29 -0.60
C THR A 157 23.66 43.29 -0.72
N LYS A 158 24.03 43.62 -1.95
CA LYS A 158 25.20 44.47 -2.28
C LYS A 158 26.55 43.83 -1.98
N GLN A 159 26.59 42.52 -1.83
CA GLN A 159 27.86 41.79 -1.62
C GLN A 159 28.41 41.38 -2.98
N SER A 160 29.71 41.13 -3.05
CA SER A 160 30.34 40.68 -4.29
C SER A 160 29.91 39.24 -4.63
N LEU A 161 29.99 38.88 -5.91
CA LEU A 161 29.71 37.53 -6.35
C LEU A 161 30.58 36.47 -5.66
N GLN A 162 31.84 36.79 -5.42
CA GLN A 162 32.76 35.86 -4.75
C GLN A 162 32.29 35.56 -3.31
N VAL A 163 31.83 36.58 -2.58
CA VAL A 163 31.35 36.41 -1.21
C VAL A 163 30.03 35.61 -1.18
N ILE A 164 29.12 35.89 -2.12
CA ILE A 164 27.88 35.12 -2.23
C ILE A 164 28.17 33.64 -2.48
N GLU A 165 29.07 33.35 -3.39
CA GLU A 165 29.38 31.96 -3.75
C GLU A 165 29.96 31.23 -2.54
N SER A 166 30.90 31.86 -1.84
CA SER A 166 31.48 31.26 -0.63
C SER A 166 30.44 31.00 0.46
N ALA A 167 29.60 31.99 0.72
CA ALA A 167 28.57 31.85 1.76
C ALA A 167 27.56 30.72 1.44
N MET A 168 27.14 30.61 0.17
CA MET A 168 26.18 29.60 -0.25
C MET A 168 26.68 28.16 -0.23
N GLU A 169 27.98 27.99 -0.21
CA GLU A 169 28.58 26.67 -0.03
C GLU A 169 28.57 26.21 1.47
N ARG A 170 28.44 27.15 2.41
CA ARG A 170 28.42 26.80 3.85
C ARG A 170 27.02 26.35 4.30
N ASP A 171 26.95 25.12 4.78
CA ASP A 171 25.68 24.55 5.23
C ASP A 171 25.39 25.01 6.67
N ARG A 172 24.78 26.19 6.80
CA ARG A 172 24.48 26.78 8.10
C ARG A 172 23.37 27.80 7.99
N TYR A 173 22.73 28.09 9.12
CA TYR A 173 21.77 29.17 9.24
C TYR A 173 22.44 30.39 9.91
N MET A 174 21.83 31.55 9.66
CA MET A 174 22.20 32.82 10.21
C MET A 174 21.09 33.30 11.13
N SER A 175 21.48 34.00 12.20
CA SER A 175 20.53 34.74 13.03
C SER A 175 20.04 35.97 12.25
N PRO A 176 18.93 36.58 12.69
CA PRO A 176 18.47 37.82 12.04
C PRO A 176 19.51 38.94 12.02
N MET A 177 20.27 39.11 13.11
CA MET A 177 21.33 40.12 13.16
C MET A 177 22.42 39.87 12.11
N GLU A 178 22.81 38.63 11.96
CA GLU A 178 23.78 38.27 10.98
C GLU A 178 23.28 38.56 9.57
N ALA A 179 22.04 38.22 9.30
CA ALA A 179 21.38 38.43 8.01
C ALA A 179 21.28 39.93 7.68
N GLN A 180 21.04 40.75 8.71
CA GLN A 180 21.05 42.22 8.58
C GLN A 180 22.43 42.73 8.17
N GLU A 181 23.47 42.29 8.89
CA GLU A 181 24.86 42.64 8.55
C GLU A 181 25.24 42.22 7.13
N PHE A 182 24.72 41.07 6.68
CA PHE A 182 25.03 40.55 5.34
C PHE A 182 24.30 41.28 4.21
N GLY A 183 23.21 41.99 4.52
CA GLY A 183 22.39 42.69 3.51
C GLY A 183 21.10 41.98 3.04
N ILE A 184 20.73 40.90 3.72
CA ILE A 184 19.51 40.15 3.40
C ILE A 184 18.27 40.88 3.92
N LEU A 185 18.39 41.56 5.05
CA LEU A 185 17.26 42.30 5.59
C LEU A 185 17.70 43.61 6.25
N ASP A 186 16.72 44.49 6.52
CA ASP A 186 16.96 45.82 7.06
C ASP A 186 16.70 45.97 8.56
N LYS A 187 15.65 45.34 9.08
CA LYS A 187 15.21 45.55 10.48
C LYS A 187 14.85 44.27 11.24
N VAL A 188 15.36 44.17 12.46
CA VAL A 188 15.04 43.09 13.39
C VAL A 188 14.24 43.71 14.54
N LEU A 189 12.92 43.47 14.53
CA LEU A 189 12.03 44.13 15.49
C LEU A 189 11.50 43.14 16.53
N VAL A 190 11.58 43.51 17.81
CA VAL A 190 10.97 42.77 18.92
C VAL A 190 9.51 43.19 19.17
N HIS A 191 9.16 44.43 18.86
CA HIS A 191 7.90 45.14 19.15
C HIS A 191 7.72 46.15 18.00
N PRO A 192 6.46 46.59 17.71
CA PRO A 192 6.34 47.60 16.64
C PRO A 192 7.01 48.96 16.98
N PRO A 193 7.33 49.78 15.96
CA PRO A 193 7.94 51.09 16.19
C PRO A 193 6.91 52.19 16.49
N LEU B 2 -5.02 25.56 -0.10
CA LEU B 2 -6.19 26.47 0.17
C LEU B 2 -6.20 27.66 -0.79
N ILE B 3 -7.26 27.79 -1.58
CA ILE B 3 -7.38 28.87 -2.57
C ILE B 3 -8.10 30.05 -1.89
N PRO B 4 -7.49 31.25 -1.87
CA PRO B 4 -8.17 32.37 -1.19
C PRO B 4 -9.34 32.96 -2.00
N ILE B 5 -10.29 33.54 -1.29
CA ILE B 5 -11.48 34.18 -1.88
C ILE B 5 -11.46 35.72 -1.78
N VAL B 6 -12.15 36.39 -2.70
CA VAL B 6 -12.31 37.87 -2.69
C VAL B 6 -13.80 38.26 -2.87
N VAL B 7 -14.20 39.29 -2.15
CA VAL B 7 -15.58 39.90 -2.31
C VAL B 7 -15.75 41.16 -3.27
N GLU B 8 -16.91 41.19 -3.94
CA GLU B 8 -17.25 42.28 -4.88
C GLU B 8 -18.74 42.63 -4.85
N ALA B 16 -18.68 36.01 -3.73
CA ALA B 16 -17.53 35.13 -3.47
C ALA B 16 -16.89 34.51 -4.74
N TYR B 17 -15.73 35.04 -5.11
CA TYR B 17 -14.82 34.50 -6.11
C TYR B 17 -13.59 33.92 -5.44
N ASP B 18 -13.16 32.72 -5.83
CA ASP B 18 -11.76 32.32 -5.58
C ASP B 18 -10.82 33.15 -6.47
N ILE B 19 -9.55 33.23 -6.10
CA ILE B 19 -8.62 34.18 -6.76
C ILE B 19 -8.48 33.93 -8.27
N TYR B 20 -8.49 32.68 -8.72
CA TYR B 20 -8.42 32.38 -10.17
C TYR B 20 -9.66 32.87 -10.92
N SER B 21 -10.83 32.71 -10.31
CA SER B 21 -12.06 33.24 -10.90
C SER B 21 -12.05 34.76 -10.96
N ARG B 22 -11.48 35.38 -9.94
CA ARG B 22 -11.33 36.84 -9.94
C ARG B 22 -10.43 37.30 -11.08
N LEU B 23 -9.31 36.59 -11.31
CA LEU B 23 -8.42 36.88 -12.44
C LEU B 23 -9.12 36.65 -13.78
N LEU B 24 -9.93 35.61 -13.87
CA LEU B 24 -10.72 35.34 -15.05
C LEU B 24 -11.67 36.48 -15.43
N ARG B 25 -12.29 37.13 -14.43
CA ARG B 25 -13.12 38.32 -14.68
C ARG B 25 -12.33 39.48 -15.28
N GLU B 26 -11.01 39.54 -15.07
CA GLU B 26 -10.12 40.50 -15.76
C GLU B 26 -9.42 39.94 -17.02
N ARG B 27 -9.96 38.87 -17.58
CA ARG B 27 -9.45 38.26 -18.82
C ARG B 27 -8.05 37.62 -18.72
N ILE B 28 -7.71 37.11 -17.54
CA ILE B 28 -6.45 36.39 -17.31
C ILE B 28 -6.76 34.90 -17.12
N VAL B 29 -6.15 34.07 -17.97
CA VAL B 29 -6.26 32.61 -17.88
C VAL B 29 -4.90 32.04 -17.45
N CYS B 30 -4.91 31.09 -16.53
CA CYS B 30 -3.69 30.48 -15.99
C CYS B 30 -3.47 29.06 -16.54
N VAL B 31 -2.31 28.83 -17.14
CA VAL B 31 -1.88 27.50 -17.62
C VAL B 31 -0.67 27.10 -16.77
N MET B 32 -0.93 26.30 -15.75
CA MET B 32 0.06 26.03 -14.69
C MET B 32 0.20 24.53 -14.48
N GLY B 33 1.44 24.09 -14.30
CA GLY B 33 1.72 22.69 -14.06
C GLY B 33 1.60 21.82 -15.30
N PRO B 34 1.61 20.50 -15.11
CA PRO B 34 1.56 19.60 -16.27
C PRO B 34 0.26 19.71 -17.05
N ILE B 35 0.36 19.75 -18.38
CA ILE B 35 -0.79 19.87 -19.26
C ILE B 35 -1.29 18.47 -19.60
N ASP B 36 -2.45 18.12 -19.08
CA ASP B 36 -3.16 16.90 -19.47
C ASP B 36 -4.56 17.28 -20.01
N ASP B 37 -5.38 16.27 -20.34
CA ASP B 37 -6.74 16.47 -20.83
C ASP B 37 -7.62 17.35 -19.93
N SER B 38 -7.51 17.15 -18.62
CA SER B 38 -8.27 17.95 -17.65
C SER B 38 -7.88 19.43 -17.71
N VAL B 39 -6.59 19.72 -17.70
CA VAL B 39 -6.12 21.11 -17.83
C VAL B 39 -6.56 21.73 -19.17
N ALA B 40 -6.41 20.99 -20.26
CA ALA B 40 -6.77 21.50 -21.58
C ALA B 40 -8.24 21.89 -21.65
N SER B 41 -9.12 21.00 -21.19
CA SER B 41 -10.56 21.28 -21.17
C SER B 41 -10.94 22.52 -20.36
N LEU B 42 -10.30 22.71 -19.20
CA LEU B 42 -10.54 23.89 -18.36
C LEU B 42 -10.08 25.17 -19.06
N VAL B 43 -8.90 25.12 -19.67
CA VAL B 43 -8.38 26.29 -20.38
C VAL B 43 -9.28 26.61 -21.59
N ILE B 44 -9.68 25.59 -22.34
CA ILE B 44 -10.56 25.77 -23.49
C ILE B 44 -11.90 26.37 -23.09
N ALA B 45 -12.49 25.85 -22.00
CA ALA B 45 -13.75 26.38 -21.49
C ALA B 45 -13.63 27.85 -21.10
N GLN B 46 -12.53 28.22 -20.47
CA GLN B 46 -12.27 29.61 -20.12
C GLN B 46 -12.10 30.52 -21.36
N LEU B 47 -11.40 30.02 -22.38
CA LEU B 47 -11.26 30.78 -23.63
C LEU B 47 -12.59 31.02 -24.33
N LEU B 48 -13.48 30.03 -24.33
CA LEU B 48 -14.85 30.21 -24.87
C LEU B 48 -15.66 31.23 -24.09
N PHE B 49 -15.52 31.23 -22.78
CA PHE B 49 -16.19 32.20 -21.92
C PHE B 49 -15.76 33.63 -22.22
N LEU B 50 -14.44 33.85 -22.24
CA LEU B 50 -13.90 35.18 -22.51
C LEU B 50 -14.24 35.72 -23.89
N GLN B 51 -14.36 34.79 -24.84
CA GLN B 51 -14.68 35.11 -26.20
C GLN B 51 -16.09 35.66 -26.33
N SER B 52 -17.04 35.03 -25.65
CA SER B 52 -18.44 35.45 -25.64
C SER B 52 -18.69 36.76 -24.87
N GLU B 53 -17.88 37.06 -23.87
CA GLU B 53 -17.93 38.37 -23.19
C GLU B 53 -17.52 39.49 -24.17
N SER B 54 -16.54 39.21 -25.02
CA SER B 54 -16.08 40.15 -26.06
C SER B 54 -15.11 39.44 -26.98
N ASN B 55 -15.40 39.43 -28.27
CA ASN B 55 -14.50 38.82 -29.26
C ASN B 55 -13.42 39.77 -29.78
N LYS B 56 -13.33 40.97 -29.21
CA LYS B 56 -12.29 41.95 -29.57
C LYS B 56 -11.24 42.19 -28.46
N LYS B 57 -11.66 42.19 -27.20
CA LYS B 57 -10.77 42.54 -26.09
C LYS B 57 -9.66 41.48 -25.90
N PRO B 58 -8.41 41.92 -25.69
CA PRO B 58 -7.33 40.94 -25.51
C PRO B 58 -7.54 39.95 -24.35
N ILE B 59 -6.94 38.76 -24.48
CA ILE B 59 -6.90 37.75 -23.43
C ILE B 59 -5.46 37.55 -23.02
N HIS B 60 -5.21 37.54 -21.71
CA HIS B 60 -3.88 37.29 -21.14
C HIS B 60 -3.75 35.84 -20.66
N MET B 61 -2.71 35.18 -21.14
CA MET B 61 -2.44 33.76 -20.83
C MET B 61 -1.12 33.66 -20.05
N TYR B 62 -1.24 33.34 -18.77
CA TYR B 62 -0.09 33.13 -17.88
C TYR B 62 0.38 31.67 -18.00
N ILE B 63 1.65 31.48 -18.32
CA ILE B 63 2.20 30.14 -18.58
C ILE B 63 3.39 29.86 -17.67
N ASN B 64 3.22 28.86 -16.80
CA ASN B 64 4.29 28.32 -15.98
C ASN B 64 4.11 26.81 -15.94
N SER B 65 4.78 26.11 -16.84
CA SER B 65 4.49 24.69 -17.10
C SER B 65 5.72 23.93 -17.59
N PRO B 66 5.96 22.71 -17.07
CA PRO B 66 7.02 21.83 -17.58
C PRO B 66 6.61 21.02 -18.83
N GLY B 67 5.38 21.14 -19.31
CA GLY B 67 4.93 20.45 -20.51
C GLY B 67 3.77 19.56 -20.23
N GLY B 68 3.63 18.49 -21.02
CA GLY B 68 2.53 17.54 -20.83
C GLY B 68 2.15 16.79 -22.10
N VAL B 69 0.89 16.35 -22.15
CA VAL B 69 0.41 15.46 -23.19
C VAL B 69 0.26 16.21 -24.54
N VAL B 70 0.79 15.64 -25.61
CA VAL B 70 0.83 16.33 -26.90
C VAL B 70 -0.56 16.72 -27.43
N THR B 71 -1.51 15.77 -27.43
CA THR B 71 -2.86 16.05 -27.98
C THR B 71 -3.61 17.10 -27.15
N ALA B 72 -3.37 17.10 -25.83
CA ALA B 72 -3.96 18.10 -24.94
C ALA B 72 -3.39 19.50 -25.21
N GLY B 73 -2.07 19.58 -25.42
CA GLY B 73 -1.45 20.83 -25.85
C GLY B 73 -1.98 21.32 -27.20
N LEU B 74 -2.10 20.42 -28.16
CA LEU B 74 -2.64 20.76 -29.47
C LEU B 74 -4.09 21.23 -29.43
N ALA B 75 -4.87 20.69 -28.49
CA ALA B 75 -6.26 21.11 -28.31
C ALA B 75 -6.36 22.58 -27.90
N ILE B 76 -5.50 22.97 -26.94
CA ILE B 76 -5.42 24.35 -26.51
C ILE B 76 -4.89 25.23 -27.66
N TYR B 77 -3.84 24.78 -28.34
CA TYR B 77 -3.28 25.50 -29.48
C TYR B 77 -4.36 25.84 -30.49
N ASP B 78 -5.12 24.82 -30.92
CA ASP B 78 -6.14 25.01 -31.97
C ASP B 78 -7.23 25.97 -31.52
N THR B 79 -7.60 25.94 -30.25
CA THR B 79 -8.64 26.84 -29.72
C THR B 79 -8.15 28.30 -29.68
N MET B 80 -6.88 28.50 -29.32
CA MET B 80 -6.26 29.82 -29.37
C MET B 80 -6.33 30.43 -30.78
N GLN B 81 -5.96 29.64 -31.78
CA GLN B 81 -6.04 30.07 -33.18
C GLN B 81 -7.49 30.32 -33.61
N TYR B 82 -8.41 29.46 -33.19
CA TYR B 82 -9.81 29.51 -33.63
C TYR B 82 -10.57 30.75 -33.17
N ILE B 83 -10.43 31.15 -31.91
CA ILE B 83 -11.08 32.37 -31.43
C ILE B 83 -10.52 33.61 -32.10
N LEU B 84 -11.33 34.67 -32.13
CA LEU B 84 -10.96 35.90 -32.85
C LEU B 84 -10.06 36.81 -32.01
N ASN B 85 -10.09 36.67 -30.69
CA ASN B 85 -9.40 37.59 -29.81
C ASN B 85 -7.88 37.59 -30.00
N PRO B 86 -7.24 38.75 -29.80
CA PRO B 86 -5.80 38.71 -29.61
C PRO B 86 -5.46 38.04 -28.26
N ILE B 87 -4.35 37.30 -28.24
CA ILE B 87 -3.93 36.58 -27.03
C ILE B 87 -2.50 37.00 -26.71
N CYS B 88 -2.32 37.58 -25.55
CA CYS B 88 -0.99 37.94 -25.00
C CYS B 88 -0.51 36.78 -24.14
N THR B 89 0.63 36.20 -24.50
CA THR B 89 1.22 35.12 -23.70
C THR B 89 2.32 35.68 -22.80
N TRP B 90 2.35 35.16 -21.57
CA TRP B 90 3.32 35.58 -20.53
C TRP B 90 4.03 34.36 -19.89
N CYS B 91 5.32 34.21 -20.15
CA CYS B 91 6.12 33.14 -19.51
C CYS B 91 6.72 33.62 -18.18
N VAL B 92 6.29 32.99 -17.09
CA VAL B 92 6.86 33.24 -15.77
C VAL B 92 7.29 31.89 -15.19
N GLY B 93 8.54 31.79 -14.75
CA GLY B 93 9.06 30.53 -14.23
C GLY B 93 9.65 29.71 -15.34
N GLN B 94 8.80 28.95 -16.04
CA GLN B 94 9.26 28.21 -17.22
C GLN B 94 8.15 27.87 -18.21
N ALA B 95 8.55 27.62 -19.45
CA ALA B 95 7.69 27.06 -20.47
C ALA B 95 8.50 26.02 -21.21
N ALA B 96 8.28 24.75 -20.89
CA ALA B 96 9.00 23.64 -21.51
C ALA B 96 8.03 22.80 -22.35
N SER B 97 8.54 22.23 -23.42
CA SER B 97 7.78 21.30 -24.28
C SER B 97 6.49 21.98 -24.73
N MET B 98 5.31 21.39 -24.50
CA MET B 98 4.04 21.98 -24.96
C MET B 98 3.78 23.38 -24.41
N GLY B 99 4.31 23.67 -23.23
CA GLY B 99 4.23 25.03 -22.68
C GLY B 99 4.88 26.08 -23.58
N SER B 100 6.02 25.76 -24.17
CA SER B 100 6.70 26.70 -25.06
C SER B 100 5.96 26.87 -26.41
N LEU B 101 5.23 25.84 -26.83
CA LEU B 101 4.42 25.93 -28.04
C LEU B 101 3.28 26.93 -27.85
N LEU B 102 2.61 26.85 -26.70
CA LEU B 102 1.54 27.79 -26.38
C LEU B 102 2.07 29.23 -26.27
N LEU B 103 3.23 29.40 -25.64
CA LEU B 103 3.89 30.71 -25.56
C LEU B 103 4.12 31.31 -26.95
N ALA B 104 4.72 30.51 -27.83
CA ALA B 104 5.01 30.91 -29.21
C ALA B 104 3.77 31.18 -30.07
N ALA B 105 2.64 30.59 -29.68
CA ALA B 105 1.38 30.72 -30.41
C ALA B 105 0.56 31.95 -30.07
N GLY B 106 1.07 32.83 -29.20
CA GLY B 106 0.38 34.09 -28.92
C GLY B 106 0.38 34.98 -30.14
N THR B 107 -0.51 35.98 -30.15
CA THR B 107 -0.62 36.96 -31.23
C THR B 107 0.73 37.63 -31.46
N PRO B 108 1.19 37.73 -32.75
CA PRO B 108 2.50 38.36 -33.00
C PRO B 108 2.61 39.77 -32.40
N GLY B 109 3.77 40.08 -31.84
CA GLY B 109 3.97 41.28 -31.03
C GLY B 109 3.53 41.20 -29.58
N MET B 110 2.75 40.18 -29.18
CA MET B 110 2.17 40.11 -27.83
C MET B 110 2.68 38.90 -27.00
N ARG B 111 3.88 38.40 -27.30
CA ARG B 111 4.45 37.24 -26.62
C ARG B 111 5.61 37.72 -25.71
N HIS B 112 5.45 37.51 -24.41
CA HIS B 112 6.33 38.05 -23.39
C HIS B 112 6.96 37.02 -22.47
N SER B 113 8.11 37.36 -21.92
CA SER B 113 8.70 36.64 -20.80
C SER B 113 9.28 37.60 -19.77
N LEU B 114 9.22 37.22 -18.51
CA LEU B 114 9.95 37.92 -17.45
C LEU B 114 11.41 37.46 -17.48
N PRO B 115 12.32 38.21 -16.82
CA PRO B 115 13.76 38.05 -17.10
C PRO B 115 14.44 36.74 -16.72
N ASN B 116 13.95 36.04 -15.70
CA ASN B 116 14.61 34.82 -15.20
C ASN B 116 13.93 33.50 -15.64
N SER B 117 12.93 33.59 -16.52
CA SER B 117 12.24 32.41 -17.03
C SER B 117 13.17 31.54 -17.86
N ARG B 118 12.83 30.24 -17.96
CA ARG B 118 13.57 29.29 -18.79
C ARG B 118 12.61 28.69 -19.83
N ILE B 119 13.08 28.60 -21.07
CA ILE B 119 12.25 28.15 -22.20
C ILE B 119 12.90 26.98 -22.90
N MET B 120 12.15 25.90 -23.10
CA MET B 120 12.68 24.68 -23.75
C MET B 120 11.69 24.20 -24.80
N ILE B 121 12.18 23.98 -26.02
CA ILE B 121 11.37 23.41 -27.09
C ILE B 121 11.55 21.89 -27.27
N HIS B 122 12.66 21.36 -26.74
CA HIS B 122 12.84 19.89 -26.62
C HIS B 122 11.70 19.21 -25.88
N GLN B 123 11.33 18.03 -26.30
CA GLN B 123 10.24 17.21 -25.66
C GLN B 123 10.89 16.15 -24.77
N PRO B 124 10.69 16.24 -23.42
CA PRO B 124 11.28 15.18 -22.56
C PRO B 124 10.44 13.91 -22.54
N ILE B 137 0.24 4.00 -27.84
CA ILE B 137 0.21 4.55 -29.19
C ILE B 137 1.35 4.06 -30.11
N GLN B 138 1.04 3.69 -31.36
CA GLN B 138 1.98 3.14 -32.31
C GLN B 138 3.08 4.17 -32.75
N ALA B 139 4.22 3.61 -33.18
CA ALA B 139 5.36 4.38 -33.63
C ALA B 139 5.02 5.40 -34.72
N GLU B 140 4.26 4.99 -35.73
CA GLU B 140 3.88 5.89 -36.82
C GLU B 140 3.09 7.11 -36.30
N GLU B 141 2.22 6.88 -35.32
CA GLU B 141 1.40 7.97 -34.77
C GLU B 141 2.22 8.98 -33.94
N ILE B 142 3.19 8.52 -33.18
CA ILE B 142 4.04 9.41 -32.40
C ILE B 142 4.86 10.32 -33.36
N MET B 143 5.31 9.78 -34.50
CA MET B 143 6.01 10.60 -35.51
C MET B 143 5.11 11.60 -36.22
N LYS B 144 3.88 11.21 -36.51
CA LYS B 144 2.91 12.15 -37.13
C LYS B 144 2.65 13.35 -36.21
N LEU B 145 2.47 13.10 -34.92
CA LEU B 145 2.28 14.17 -33.93
C LEU B 145 3.53 15.06 -33.85
N LYS B 146 4.71 14.43 -33.82
CA LYS B 146 5.98 15.17 -33.79
C LYS B 146 6.12 16.12 -35.01
N LYS B 147 5.78 15.64 -36.21
CA LYS B 147 5.79 16.48 -37.42
C LYS B 147 4.77 17.62 -37.36
N GLN B 148 3.60 17.40 -36.76
CA GLN B 148 2.66 18.50 -36.54
C GLN B 148 3.29 19.60 -35.65
N LEU B 149 4.07 19.20 -34.64
CA LEU B 149 4.76 20.17 -33.78
C LEU B 149 5.80 20.95 -34.57
N TYR B 150 6.59 20.26 -35.39
CA TYR B 150 7.58 20.93 -36.27
C TYR B 150 6.93 22.05 -37.10
N ASN B 151 5.83 21.73 -37.78
CA ASN B 151 5.13 22.72 -38.63
C ASN B 151 4.55 23.90 -37.83
N ILE B 152 4.02 23.64 -36.65
CA ILE B 152 3.49 24.73 -35.81
C ILE B 152 4.62 25.66 -35.34
N TYR B 153 5.74 25.12 -34.88
CA TYR B 153 6.86 25.96 -34.44
C TYR B 153 7.44 26.79 -35.61
N ALA B 154 7.53 26.15 -36.79
CA ALA B 154 8.01 26.83 -38.00
C ALA B 154 7.13 28.02 -38.36
N LYS B 155 5.83 27.82 -38.37
CA LYS B 155 4.86 28.89 -38.63
C LYS B 155 5.05 30.08 -37.69
N HIS B 156 5.14 29.83 -36.38
CA HIS B 156 5.10 30.93 -35.41
C HIS B 156 6.47 31.58 -35.11
N THR B 157 7.56 30.82 -35.26
CA THR B 157 8.90 31.34 -35.07
C THR B 157 9.53 31.92 -36.34
N LYS B 158 9.00 31.51 -37.50
CA LYS B 158 9.54 31.84 -38.82
C LYS B 158 10.89 31.19 -39.15
N GLN B 159 11.25 30.13 -38.42
CA GLN B 159 12.47 29.37 -38.71
C GLN B 159 12.14 28.24 -39.66
N SER B 160 13.14 27.72 -40.37
CA SER B 160 12.93 26.60 -41.28
C SER B 160 12.64 25.30 -40.49
N LEU B 161 11.97 24.35 -41.13
CA LEU B 161 11.73 23.05 -40.56
C LEU B 161 13.00 22.32 -40.11
N GLN B 162 14.07 22.44 -40.90
CA GLN B 162 15.34 21.80 -40.57
C GLN B 162 15.92 22.35 -39.26
N VAL B 163 15.84 23.67 -39.07
CA VAL B 163 16.36 24.31 -37.85
C VAL B 163 15.51 23.92 -36.62
N ILE B 164 14.19 23.89 -36.77
CA ILE B 164 13.30 23.43 -35.69
C ILE B 164 13.64 22.00 -35.26
N GLU B 165 13.79 21.12 -36.21
CA GLU B 165 14.09 19.75 -35.90
C GLU B 165 15.36 19.63 -35.14
N SER B 166 16.38 20.36 -35.59
CA SER B 166 17.70 20.33 -34.97
C SER B 166 17.63 20.88 -33.55
N ALA B 167 16.90 21.98 -33.38
CA ALA B 167 16.76 22.57 -32.09
C ALA B 167 16.08 21.68 -31.07
N MET B 168 15.05 21.00 -31.50
CA MET B 168 14.24 20.13 -30.64
C MET B 168 14.93 18.83 -30.18
N GLU B 169 15.96 18.43 -30.88
CA GLU B 169 16.80 17.31 -30.47
C GLU B 169 17.80 17.68 -29.34
N ARG B 170 18.10 18.97 -29.18
CA ARG B 170 19.05 19.43 -28.14
C ARG B 170 18.37 19.55 -26.76
N ASP B 171 18.84 18.79 -25.81
CA ASP B 171 18.29 18.80 -24.48
C ASP B 171 18.87 19.95 -23.67
N ARG B 172 18.25 21.12 -23.80
CA ARG B 172 18.72 22.33 -23.13
C ARG B 172 17.61 23.36 -23.05
N TYR B 173 17.77 24.31 -22.12
CA TYR B 173 16.89 25.48 -22.03
C TYR B 173 17.57 26.70 -22.64
N MET B 174 16.72 27.66 -23.01
CA MET B 174 17.12 28.96 -23.52
C MET B 174 16.73 30.02 -22.52
N SER B 175 17.52 31.09 -22.46
CA SER B 175 17.16 32.32 -21.74
C SER B 175 16.08 33.03 -22.52
N PRO B 176 15.37 33.98 -21.89
CA PRO B 176 14.38 34.77 -22.63
C PRO B 176 14.96 35.50 -23.85
N MET B 177 16.17 36.07 -23.74
CA MET B 177 16.81 36.74 -24.87
C MET B 177 17.06 35.79 -26.04
N GLU B 178 17.55 34.59 -25.76
CA GLU B 178 17.74 33.60 -26.82
C GLU B 178 16.43 33.18 -27.49
N ALA B 179 15.38 33.04 -26.69
CA ALA B 179 14.05 32.69 -27.18
C ALA B 179 13.48 33.79 -28.07
N GLN B 180 13.77 35.06 -27.72
CA GLN B 180 13.40 36.21 -28.55
C GLN B 180 14.11 36.17 -29.91
N GLU B 181 15.43 35.98 -29.89
CA GLU B 181 16.23 35.83 -31.11
C GLU B 181 15.73 34.67 -31.99
N PHE B 182 15.28 33.58 -31.37
CA PHE B 182 14.82 32.40 -32.11
C PHE B 182 13.41 32.58 -32.71
N GLY B 183 12.63 33.55 -32.23
CA GLY B 183 11.26 33.77 -32.70
C GLY B 183 10.12 33.20 -31.83
N ILE B 184 10.45 32.69 -30.64
CA ILE B 184 9.46 32.15 -29.70
C ILE B 184 8.68 33.26 -29.01
N LEU B 185 9.34 34.39 -28.75
CA LEU B 185 8.66 35.50 -28.10
C LEU B 185 9.14 36.86 -28.62
N ASP B 186 8.39 37.92 -28.29
CA ASP B 186 8.64 39.27 -28.79
C ASP B 186 9.32 40.21 -27.78
N LYS B 187 8.97 40.13 -26.50
CA LYS B 187 9.44 41.10 -25.49
C LYS B 187 9.87 40.47 -24.16
N VAL B 188 11.02 40.92 -23.66
CA VAL B 188 11.55 40.54 -22.35
C VAL B 188 11.49 41.78 -21.45
N LEU B 189 10.52 41.82 -20.54
CA LEU B 189 10.26 42.98 -19.71
C LEU B 189 10.67 42.76 -18.25
N VAL B 190 11.39 43.72 -17.67
CA VAL B 190 11.66 43.76 -16.23
C VAL B 190 10.55 44.46 -15.42
N HIS B 191 9.84 45.41 -16.05
CA HIS B 191 8.87 46.35 -15.44
C HIS B 191 7.86 46.68 -16.53
N PRO B 192 6.61 47.08 -16.19
CA PRO B 192 5.68 47.41 -17.30
C PRO B 192 6.11 48.62 -18.14
N LEU C 2 -9.45 22.18 -8.95
CA LEU C 2 -9.01 22.86 -10.20
C LEU C 2 -10.09 23.73 -10.91
N ILE C 3 -11.32 23.64 -10.48
CA ILE C 3 -12.45 24.11 -11.28
C ILE C 3 -12.79 25.54 -10.80
N PRO C 4 -12.78 26.55 -11.71
CA PRO C 4 -13.01 27.91 -11.24
C PRO C 4 -14.49 28.23 -10.91
N ILE C 5 -14.69 29.14 -9.97
CA ILE C 5 -15.96 29.30 -9.25
C ILE C 5 -16.61 30.67 -9.52
N VAL C 6 -17.85 30.84 -9.12
CA VAL C 6 -18.42 32.20 -8.81
C VAL C 6 -18.90 32.47 -7.33
N TYR C 17 -20.68 27.77 -8.82
CA TYR C 17 -20.99 27.84 -10.25
C TYR C 17 -19.72 27.72 -11.02
N ASP C 18 -19.50 26.53 -11.54
CA ASP C 18 -18.28 26.25 -12.22
C ASP C 18 -18.37 26.48 -13.70
N ILE C 19 -17.21 26.59 -14.32
CA ILE C 19 -17.15 26.86 -15.73
C ILE C 19 -17.96 25.92 -16.61
N TYR C 20 -18.02 24.65 -16.29
CA TYR C 20 -18.78 23.67 -17.09
C TYR C 20 -20.27 23.91 -17.00
N SER C 21 -20.76 24.24 -15.82
CA SER C 21 -22.18 24.61 -15.65
C SER C 21 -22.53 25.87 -16.44
N ARG C 22 -21.60 26.82 -16.45
CA ARG C 22 -21.79 28.03 -17.25
C ARG C 22 -21.89 27.70 -18.74
N LEU C 23 -21.03 26.81 -19.23
CA LEU C 23 -21.10 26.34 -20.62
C LEU C 23 -22.42 25.59 -20.92
N LEU C 24 -22.87 24.81 -19.95
CA LEU C 24 -24.16 24.12 -20.06
C LEU C 24 -25.34 25.09 -20.25
N ARG C 25 -25.33 26.23 -19.57
CA ARG C 25 -26.35 27.27 -19.77
C ARG C 25 -26.35 27.84 -21.21
N GLU C 26 -25.24 27.75 -21.92
CA GLU C 26 -25.17 28.08 -23.36
C GLU C 26 -25.30 26.87 -24.31
N ARG C 27 -25.85 25.77 -23.80
CA ARG C 27 -26.11 24.55 -24.60
C ARG C 27 -24.85 23.81 -25.11
N ILE C 28 -23.76 23.89 -24.32
CA ILE C 28 -22.53 23.18 -24.62
C ILE C 28 -22.34 22.05 -23.61
N VAL C 29 -22.25 20.81 -24.10
CA VAL C 29 -22.00 19.63 -23.26
C VAL C 29 -20.60 19.09 -23.57
N CYS C 30 -19.86 18.76 -22.51
CA CYS C 30 -18.46 18.31 -22.64
C CYS C 30 -18.33 16.79 -22.40
N VAL C 31 -17.76 16.10 -23.39
CA VAL C 31 -17.47 14.66 -23.31
C VAL C 31 -15.94 14.53 -23.35
N MET C 32 -15.36 14.41 -22.17
CA MET C 32 -13.91 14.54 -21.98
C MET C 32 -13.35 13.36 -21.20
N GLY C 33 -12.20 12.87 -21.63
CA GLY C 33 -11.56 11.74 -20.97
C GLY C 33 -12.24 10.42 -21.24
N PRO C 34 -11.85 9.38 -20.50
CA PRO C 34 -12.43 8.05 -20.74
C PRO C 34 -13.93 7.99 -20.47
N ILE C 35 -14.66 7.35 -21.37
CA ILE C 35 -16.11 7.24 -21.26
C ILE C 35 -16.43 5.97 -20.48
N ASP C 36 -16.94 6.13 -19.28
CA ASP C 36 -17.49 5.02 -18.49
C ASP C 36 -18.95 5.30 -18.15
N ASP C 37 -19.58 4.43 -17.37
CA ASP C 37 -20.98 4.57 -16.94
C ASP C 37 -21.29 5.91 -16.26
N SER C 38 -20.38 6.39 -15.42
CA SER C 38 -20.55 7.66 -14.74
C SER C 38 -20.58 8.84 -15.73
N VAL C 39 -19.62 8.87 -16.66
CA VAL C 39 -19.62 9.90 -17.71
C VAL C 39 -20.89 9.83 -18.59
N ALA C 40 -21.29 8.62 -18.98
CA ALA C 40 -22.46 8.47 -19.84
C ALA C 40 -23.73 9.02 -19.17
N SER C 41 -23.94 8.65 -17.91
CA SER C 41 -25.09 9.14 -17.15
C SER C 41 -25.15 10.67 -17.03
N LEU C 42 -23.99 11.29 -16.77
CA LEU C 42 -23.90 12.75 -16.70
C LEU C 42 -24.22 13.41 -18.03
N VAL C 43 -23.66 12.87 -19.11
CA VAL C 43 -23.92 13.42 -20.43
C VAL C 43 -25.41 13.25 -20.78
N ILE C 44 -25.97 12.07 -20.52
CA ILE C 44 -27.38 11.81 -20.79
C ILE C 44 -28.30 12.76 -20.01
N ALA C 45 -27.99 12.95 -18.72
CA ALA C 45 -28.76 13.87 -17.88
C ALA C 45 -28.72 15.30 -18.44
N GLN C 46 -27.55 15.73 -18.89
CA GLN C 46 -27.40 17.05 -19.51
C GLN C 46 -28.20 17.18 -20.82
N LEU C 47 -28.18 16.13 -21.65
CA LEU C 47 -28.96 16.13 -22.89
C LEU C 47 -30.47 16.23 -22.62
N LEU C 48 -30.97 15.53 -21.60
CA LEU C 48 -32.38 15.65 -21.20
C LEU C 48 -32.74 17.04 -20.71
N PHE C 49 -31.84 17.67 -19.96
CA PHE C 49 -32.05 19.03 -19.48
C PHE C 49 -32.16 20.03 -20.63
N LEU C 50 -31.20 19.99 -21.55
CA LEU C 50 -31.19 20.91 -22.69
C LEU C 50 -32.41 20.72 -23.61
N GLN C 51 -32.87 19.49 -23.75
CA GLN C 51 -34.04 19.19 -24.55
C GLN C 51 -35.33 19.80 -24.00
N SER C 52 -35.49 19.74 -22.68
CA SER C 52 -36.65 20.34 -22.02
C SER C 52 -36.65 21.87 -22.01
N GLU C 53 -35.48 22.49 -22.02
CA GLU C 53 -35.37 23.94 -22.22
C GLU C 53 -35.86 24.36 -23.60
N SER C 54 -35.56 23.53 -24.61
CA SER C 54 -36.00 23.74 -25.99
C SER C 54 -35.66 22.52 -26.82
N ASN C 55 -36.67 21.93 -27.44
CA ASN C 55 -36.46 20.77 -28.32
C ASN C 55 -36.11 21.14 -29.77
N LYS C 56 -35.93 22.44 -30.05
CA LYS C 56 -35.54 22.92 -31.39
C LYS C 56 -34.11 23.49 -31.44
N LYS C 57 -33.68 24.18 -30.39
CA LYS C 57 -32.37 24.88 -30.41
C LYS C 57 -31.20 23.88 -30.46
N PRO C 58 -30.19 24.14 -31.30
CA PRO C 58 -29.08 23.18 -31.38
C PRO C 58 -28.34 22.95 -30.05
N ILE C 59 -27.74 21.76 -29.94
CA ILE C 59 -26.89 21.40 -28.81
C ILE C 59 -25.48 21.19 -29.35
N HIS C 60 -24.49 21.78 -28.67
CA HIS C 60 -23.08 21.62 -29.03
C HIS C 60 -22.40 20.59 -28.12
N MET C 61 -21.76 19.59 -28.74
CA MET C 61 -21.10 18.51 -28.02
C MET C 61 -19.59 18.56 -28.29
N TYR C 62 -18.83 18.95 -27.26
CA TYR C 62 -17.38 19.02 -27.31
C TYR C 62 -16.81 17.63 -26.97
N ILE C 63 -15.98 17.09 -27.86
CA ILE C 63 -15.46 15.73 -27.70
C ILE C 63 -13.92 15.75 -27.73
N ASN C 64 -13.34 15.36 -26.61
CA ASN C 64 -11.90 15.14 -26.49
C ASN C 64 -11.71 13.90 -25.62
N SER C 65 -11.59 12.73 -26.25
CA SER C 65 -11.69 11.46 -25.54
C SER C 65 -10.91 10.35 -26.24
N PRO C 66 -10.17 9.53 -25.46
CA PRO C 66 -9.50 8.33 -26.00
C PRO C 66 -10.40 7.09 -26.14
N GLY C 67 -11.66 7.19 -25.74
CA GLY C 67 -12.61 6.07 -25.87
C GLY C 67 -13.13 5.67 -24.52
N GLY C 68 -13.47 4.38 -24.37
CA GLY C 68 -14.03 3.88 -23.13
C GLY C 68 -14.94 2.67 -23.29
N VAL C 69 -15.85 2.49 -22.34
CA VAL C 69 -16.69 1.31 -22.26
C VAL C 69 -17.75 1.30 -23.37
N VAL C 70 -17.87 0.19 -24.10
CA VAL C 70 -18.76 0.13 -25.27
C VAL C 70 -20.23 0.46 -24.94
N THR C 71 -20.78 -0.20 -23.92
CA THR C 71 -22.20 0.00 -23.57
C THR C 71 -22.50 1.43 -23.10
N ALA C 72 -21.52 2.05 -22.42
CA ALA C 72 -21.64 3.46 -22.00
C ALA C 72 -21.64 4.41 -23.22
N GLY C 73 -20.76 4.15 -24.17
CA GLY C 73 -20.78 4.87 -25.44
C GLY C 73 -22.10 4.72 -26.19
N LEU C 74 -22.58 3.49 -26.27
CA LEU C 74 -23.86 3.21 -26.96
C LEU C 74 -25.05 3.88 -26.27
N ALA C 75 -24.99 4.02 -24.94
CA ALA C 75 -26.05 4.71 -24.19
C ALA C 75 -26.15 6.19 -24.58
N ILE C 76 -25.00 6.83 -24.71
CA ILE C 76 -24.94 8.23 -25.18
C ILE C 76 -25.40 8.31 -26.64
N TYR C 77 -24.90 7.40 -27.47
CA TYR C 77 -25.30 7.34 -28.89
C TYR C 77 -26.82 7.31 -29.02
N ASP C 78 -27.46 6.37 -28.33
CA ASP C 78 -28.91 6.17 -28.44
C ASP C 78 -29.69 7.40 -27.98
N THR C 79 -29.20 8.07 -26.93
CA THR C 79 -29.86 9.26 -26.42
C THR C 79 -29.75 10.44 -27.41
N MET C 80 -28.59 10.58 -28.05
CA MET C 80 -28.39 11.58 -29.11
C MET C 80 -29.41 11.41 -30.24
N GLN C 81 -29.59 10.17 -30.71
CA GLN C 81 -30.57 9.87 -31.74
C GLN C 81 -32.00 10.12 -31.25
N TYR C 82 -32.29 9.75 -29.99
CA TYR C 82 -33.63 9.82 -29.44
C TYR C 82 -34.20 11.24 -29.28
N ILE C 83 -33.40 12.16 -28.77
CA ILE C 83 -33.86 13.54 -28.65
C ILE C 83 -34.08 14.20 -30.01
N LEU C 84 -34.92 15.22 -30.02
CA LEU C 84 -35.33 15.87 -31.27
C LEU C 84 -34.33 16.91 -31.76
N ASN C 85 -33.51 17.44 -30.84
CA ASN C 85 -32.62 18.56 -31.18
C ASN C 85 -31.59 18.20 -32.24
N PRO C 86 -31.20 19.17 -33.07
CA PRO C 86 -29.96 18.99 -33.82
C PRO C 86 -28.76 19.02 -32.87
N ILE C 87 -27.75 18.21 -33.17
CA ILE C 87 -26.55 18.11 -32.33
C ILE C 87 -25.35 18.36 -33.21
N CYS C 88 -24.61 19.43 -32.88
CA CYS C 88 -23.34 19.74 -33.54
C CYS C 88 -22.21 19.10 -32.74
N THR C 89 -21.44 18.23 -33.37
CA THR C 89 -20.30 17.60 -32.72
C THR C 89 -19.01 18.33 -33.09
N TRP C 90 -18.13 18.50 -32.10
CA TRP C 90 -16.85 19.21 -32.26
C TRP C 90 -15.68 18.37 -31.69
N CYS C 91 -14.80 17.89 -32.58
CA CYS C 91 -13.60 17.16 -32.15
C CYS C 91 -12.41 18.13 -31.92
N VAL C 92 -11.96 18.20 -30.68
CA VAL C 92 -10.78 18.98 -30.32
C VAL C 92 -9.84 18.07 -29.57
N GLY C 93 -8.59 17.98 -30.00
CA GLY C 93 -7.61 17.08 -29.40
C GLY C 93 -7.68 15.72 -30.05
N GLN C 94 -8.61 14.88 -29.60
CA GLN C 94 -8.83 13.57 -30.24
C GLN C 94 -10.21 12.97 -30.02
N ALA C 95 -10.60 12.09 -30.92
CA ALA C 95 -11.78 11.24 -30.75
C ALA C 95 -11.37 9.85 -31.21
N ALA C 96 -11.11 8.97 -30.25
CA ALA C 96 -10.71 7.58 -30.54
C ALA C 96 -11.78 6.61 -30.06
N SER C 97 -11.92 5.50 -30.78
CA SER C 97 -12.84 4.42 -30.39
C SER C 97 -14.25 5.00 -30.22
N MET C 98 -14.90 4.81 -29.06
CA MET C 98 -16.28 5.29 -28.86
C MET C 98 -16.44 6.80 -29.04
N GLY C 99 -15.37 7.56 -28.76
CA GLY C 99 -15.37 8.99 -29.04
C GLY C 99 -15.62 9.33 -30.50
N SER C 100 -15.03 8.57 -31.41
CA SER C 100 -15.23 8.82 -32.85
C SER C 100 -16.64 8.43 -33.32
N LEU C 101 -17.26 7.46 -32.64
CA LEU C 101 -18.63 7.07 -32.94
C LEU C 101 -19.60 8.22 -32.61
N LEU C 102 -19.41 8.82 -31.45
CA LEU C 102 -20.22 9.97 -31.03
C LEU C 102 -20.03 11.16 -31.98
N LEU C 103 -18.79 11.42 -32.40
CA LEU C 103 -18.49 12.47 -33.37
C LEU C 103 -19.27 12.25 -34.67
N ALA C 104 -19.19 11.03 -35.20
CA ALA C 104 -19.88 10.64 -36.43
C ALA C 104 -21.41 10.66 -36.33
N ALA C 105 -21.92 10.54 -35.12
CA ALA C 105 -23.36 10.50 -34.86
C ALA C 105 -24.03 11.88 -34.75
N GLY C 106 -23.29 12.96 -34.94
CA GLY C 106 -23.89 14.30 -34.96
C GLY C 106 -24.82 14.45 -36.16
N THR C 107 -25.70 15.45 -36.08
CA THR C 107 -26.63 15.77 -37.16
C THR C 107 -25.87 16.00 -38.48
N PRO C 108 -26.32 15.39 -39.60
CA PRO C 108 -25.62 15.58 -40.88
C PRO C 108 -25.41 17.04 -41.23
N GLY C 109 -24.24 17.37 -41.75
CA GLY C 109 -23.81 18.75 -41.96
C GLY C 109 -23.24 19.49 -40.75
N MET C 110 -23.42 18.95 -39.54
CA MET C 110 -23.02 19.65 -38.30
C MET C 110 -21.90 18.94 -37.49
N ARG C 111 -21.06 18.16 -38.17
CA ARG C 111 -19.97 17.40 -37.55
C ARG C 111 -18.63 18.06 -37.94
N HIS C 112 -17.93 18.55 -36.92
CA HIS C 112 -16.76 19.44 -37.07
C HIS C 112 -15.50 18.84 -36.39
N SER C 113 -14.35 19.21 -36.93
CA SER C 113 -13.07 19.06 -36.23
C SER C 113 -12.20 20.29 -36.42
N LEU C 114 -11.41 20.61 -35.41
CA LEU C 114 -10.35 21.60 -35.52
C LEU C 114 -9.15 20.96 -36.21
N PRO C 115 -8.19 21.77 -36.72
CA PRO C 115 -7.22 21.25 -37.70
C PRO C 115 -6.20 20.21 -37.22
N ASN C 116 -5.82 20.22 -35.94
CA ASN C 116 -4.78 19.28 -35.46
C ASN C 116 -5.30 18.05 -34.67
N SER C 117 -6.61 17.86 -34.66
CA SER C 117 -7.24 16.72 -34.00
C SER C 117 -6.84 15.40 -34.65
N ARG C 118 -6.92 14.32 -33.88
CA ARG C 118 -6.64 12.97 -34.35
C ARG C 118 -7.90 12.10 -34.12
N ILE C 119 -8.26 11.33 -35.14
CA ILE C 119 -9.50 10.53 -35.13
C ILE C 119 -9.18 9.07 -35.40
N MET C 120 -9.67 8.17 -34.55
CA MET C 120 -9.42 6.72 -34.68
C MET C 120 -10.72 5.96 -34.52
N ILE C 121 -11.03 5.09 -35.47
CA ILE C 121 -12.20 4.21 -35.37
C ILE C 121 -11.86 2.80 -34.86
N HIS C 122 -10.59 2.41 -34.94
CA HIS C 122 -10.09 1.18 -34.30
C HIS C 122 -10.40 1.15 -32.80
N GLN C 123 -10.72 -0.03 -32.28
CA GLN C 123 -11.00 -0.25 -30.84
C GLN C 123 -9.78 -0.81 -30.14
N PRO C 124 -9.16 -0.05 -29.21
CA PRO C 124 -7.97 -0.62 -28.50
C PRO C 124 -8.33 -1.58 -27.40
N ILE C 137 -16.97 -10.27 -20.20
CA ILE C 137 -17.90 -10.61 -21.27
C ILE C 137 -17.43 -11.91 -21.98
N GLN C 138 -18.37 -12.79 -22.32
CA GLN C 138 -18.11 -13.92 -23.23
C GLN C 138 -17.76 -13.53 -24.68
N ALA C 139 -17.06 -14.43 -25.36
CA ALA C 139 -16.65 -14.26 -26.76
C ALA C 139 -17.80 -13.87 -27.69
N GLU C 140 -18.91 -14.58 -27.61
CA GLU C 140 -20.08 -14.30 -28.46
C GLU C 140 -20.61 -12.87 -28.23
N GLU C 141 -20.60 -12.42 -26.98
CA GLU C 141 -21.09 -11.08 -26.65
C GLU C 141 -20.19 -9.95 -27.16
N ILE C 142 -18.87 -10.14 -27.10
CA ILE C 142 -17.95 -9.13 -27.62
C ILE C 142 -18.13 -8.98 -29.15
N MET C 143 -18.43 -10.07 -29.84
CA MET C 143 -18.69 -10.04 -31.28
C MET C 143 -20.00 -9.37 -31.61
N LYS C 144 -21.04 -9.62 -30.82
CA LYS C 144 -22.34 -8.97 -31.03
C LYS C 144 -22.21 -7.43 -30.89
N LEU C 145 -21.49 -6.98 -29.87
CA LEU C 145 -21.25 -5.55 -29.67
C LEU C 145 -20.44 -4.96 -30.83
N LYS C 146 -19.40 -5.68 -31.26
CA LYS C 146 -18.59 -5.25 -32.41
C LYS C 146 -19.44 -5.06 -33.68
N LYS C 147 -20.34 -6.01 -33.97
CA LYS C 147 -21.25 -5.88 -35.12
C LYS C 147 -22.22 -4.71 -34.99
N GLN C 148 -22.68 -4.40 -33.77
CA GLN C 148 -23.50 -3.20 -33.56
C GLN C 148 -22.70 -1.93 -33.95
N LEU C 149 -21.40 -1.90 -33.62
CA LEU C 149 -20.56 -0.76 -33.97
C LEU C 149 -20.42 -0.66 -35.50
N TYR C 150 -20.19 -1.78 -36.18
CA TYR C 150 -20.10 -1.81 -37.64
C TYR C 150 -21.33 -1.16 -38.29
N ASN C 151 -22.53 -1.58 -37.87
CA ASN C 151 -23.77 -1.04 -38.44
C ASN C 151 -23.97 0.45 -38.15
N ILE C 152 -23.60 0.91 -36.96
CA ILE C 152 -23.72 2.34 -36.63
C ILE C 152 -22.77 3.18 -37.49
N TYR C 153 -21.51 2.76 -37.64
CA TYR C 153 -20.56 3.51 -38.46
C TYR C 153 -20.99 3.53 -39.95
N ALA C 154 -21.51 2.40 -40.44
CA ALA C 154 -22.02 2.30 -41.82
C ALA C 154 -23.16 3.28 -42.06
N LYS C 155 -24.12 3.31 -41.17
CA LYS C 155 -25.24 4.25 -41.25
C LYS C 155 -24.76 5.71 -41.35
N HIS C 156 -23.85 6.13 -40.48
CA HIS C 156 -23.51 7.56 -40.38
C HIS C 156 -22.41 8.02 -41.34
N THR C 157 -21.52 7.12 -41.75
CA THR C 157 -20.46 7.44 -42.70
C THR C 157 -20.86 7.19 -44.15
N LYS C 158 -21.89 6.37 -44.36
CA LYS C 158 -22.33 5.88 -45.68
C LYS C 158 -21.36 4.96 -46.39
N GLN C 159 -20.43 4.36 -45.65
CA GLN C 159 -19.50 3.37 -46.22
C GLN C 159 -20.11 1.98 -46.06
N SER C 160 -19.65 1.03 -46.86
CA SER C 160 -20.13 -0.35 -46.77
C SER C 160 -19.62 -1.01 -45.48
N LEU C 161 -20.33 -2.04 -45.02
CA LEU C 161 -19.90 -2.84 -43.90
C LEU C 161 -18.49 -3.45 -44.07
N GLN C 162 -18.17 -3.89 -45.26
CA GLN C 162 -16.86 -4.48 -45.55
C GLN C 162 -15.74 -3.45 -45.35
N VAL C 163 -15.95 -2.21 -45.81
CA VAL C 163 -14.95 -1.15 -45.67
C VAL C 163 -14.79 -0.74 -44.18
N ILE C 164 -15.89 -0.63 -43.44
CA ILE C 164 -15.83 -0.35 -42.00
C ILE C 164 -15.04 -1.41 -41.26
N GLU C 165 -15.30 -2.68 -41.54
CA GLU C 165 -14.60 -3.78 -40.86
C GLU C 165 -13.12 -3.73 -41.12
N SER C 166 -12.73 -3.55 -42.39
CA SER C 166 -11.31 -3.44 -42.75
C SER C 166 -10.63 -2.26 -42.06
N ALA C 167 -11.26 -1.09 -42.09
CA ALA C 167 -10.67 0.10 -41.48
C ALA C 167 -10.49 -0.06 -39.95
N MET C 168 -11.48 -0.66 -39.28
CA MET C 168 -11.42 -0.84 -37.82
C MET C 168 -10.37 -1.83 -37.31
N GLU C 169 -9.92 -2.69 -38.20
CA GLU C 169 -8.80 -3.60 -37.89
C GLU C 169 -7.42 -2.89 -37.96
N ARG C 170 -7.33 -1.75 -38.66
CA ARG C 170 -6.05 -1.00 -38.77
C ARG C 170 -5.80 -0.11 -37.56
N ASP C 171 -4.71 -0.37 -36.86
CA ASP C 171 -4.34 0.39 -35.66
C ASP C 171 -3.64 1.70 -36.08
N ARG C 172 -4.44 2.72 -36.37
CA ARG C 172 -3.92 4.01 -36.81
C ARG C 172 -4.93 5.12 -36.58
N TYR C 173 -4.42 6.35 -36.56
CA TYR C 173 -5.27 7.54 -36.53
C TYR C 173 -5.35 8.16 -37.92
N MET C 174 -6.41 8.95 -38.12
CA MET C 174 -6.68 9.73 -39.32
C MET C 174 -6.59 11.20 -38.95
N SER C 175 -6.14 12.00 -39.91
CA SER C 175 -6.22 13.47 -39.84
C SER C 175 -7.70 13.87 -40.03
N PRO C 176 -8.05 15.11 -39.67
CA PRO C 176 -9.40 15.59 -39.92
C PRO C 176 -9.84 15.51 -41.39
N MET C 177 -8.95 15.83 -42.32
CA MET C 177 -9.26 15.74 -43.76
C MET C 177 -9.59 14.31 -44.18
N GLU C 178 -8.80 13.34 -43.72
CA GLU C 178 -9.09 11.93 -44.02
C GLU C 178 -10.45 11.49 -43.43
N ALA C 179 -10.74 11.93 -42.21
CA ALA C 179 -12.00 11.61 -41.54
C ALA C 179 -13.19 12.21 -42.30
N GLN C 180 -13.00 13.42 -42.86
CA GLN C 180 -14.02 14.05 -43.72
C GLN C 180 -14.27 13.23 -44.98
N GLU C 181 -13.20 12.85 -45.68
CA GLU C 181 -13.30 12.00 -46.87
C GLU C 181 -13.99 10.65 -46.57
N PHE C 182 -13.75 10.10 -45.37
CA PHE C 182 -14.32 8.82 -44.98
C PHE C 182 -15.80 8.90 -44.59
N GLY C 183 -16.30 10.09 -44.27
CA GLY C 183 -17.70 10.29 -43.83
C GLY C 183 -17.94 10.43 -42.31
N ILE C 184 -16.87 10.52 -41.53
CA ILE C 184 -16.98 10.68 -40.07
C ILE C 184 -17.37 12.11 -39.70
N LEU C 185 -16.92 13.09 -40.48
CA LEU C 185 -17.28 14.47 -40.20
C LEU C 185 -17.48 15.29 -41.49
N ASP C 186 -18.08 16.47 -41.33
CA ASP C 186 -18.46 17.33 -42.46
C ASP C 186 -17.51 18.52 -42.70
N LYS C 187 -16.99 19.14 -41.64
CA LYS C 187 -16.21 20.39 -41.78
C LYS C 187 -14.95 20.44 -40.91
N VAL C 188 -13.85 20.87 -41.52
CA VAL C 188 -12.58 21.11 -40.84
C VAL C 188 -12.33 22.62 -40.84
N LEU C 189 -12.54 23.27 -39.70
CA LEU C 189 -12.51 24.72 -39.59
C LEU C 189 -11.28 25.20 -38.82
N VAL C 190 -10.58 26.20 -39.36
CA VAL C 190 -9.51 26.92 -38.63
C VAL C 190 -10.09 28.11 -37.81
N HIS C 191 -11.22 28.69 -38.23
CA HIS C 191 -11.82 29.93 -37.72
C HIS C 191 -13.34 29.81 -37.93
N PRO C 192 -14.18 30.49 -37.13
CA PRO C 192 -15.63 30.26 -37.34
C PRO C 192 -16.14 30.76 -38.71
N PRO C 193 -17.30 30.22 -39.18
CA PRO C 193 -17.77 30.52 -40.53
C PRO C 193 -18.64 31.79 -40.58
N LEU D 2 -16.92 15.14 -11.69
CA LEU D 2 -17.53 16.48 -11.39
C LEU D 2 -18.99 16.54 -11.86
N ILE D 3 -19.91 16.77 -10.92
CA ILE D 3 -21.34 16.83 -11.23
C ILE D 3 -21.70 18.29 -11.52
N PRO D 4 -22.27 18.60 -12.71
CA PRO D 4 -22.60 20.00 -12.99
C PRO D 4 -23.83 20.51 -12.23
N ILE D 5 -23.86 21.81 -12.01
CA ILE D 5 -24.96 22.49 -11.33
C ILE D 5 -25.81 23.38 -12.28
N VAL D 6 -27.09 23.58 -11.95
CA VAL D 6 -27.96 24.51 -12.68
C VAL D 6 -28.66 25.50 -11.70
N VAL D 7 -28.75 26.76 -12.13
CA VAL D 7 -29.04 27.89 -11.18
C VAL D 7 -30.37 28.62 -11.28
N TYR D 17 -28.90 23.59 -7.74
CA TYR D 17 -29.15 22.20 -8.06
C TYR D 17 -28.08 21.46 -8.84
N ASP D 18 -27.66 20.31 -8.36
CA ASP D 18 -26.77 19.47 -9.15
C ASP D 18 -27.66 18.78 -10.18
N ILE D 19 -27.15 18.41 -11.34
CA ILE D 19 -27.96 17.82 -12.40
C ILE D 19 -28.93 16.67 -12.05
N TYR D 20 -28.54 15.79 -11.13
CA TYR D 20 -29.39 14.69 -10.72
C TYR D 20 -30.57 15.19 -9.93
N SER D 21 -30.34 16.13 -9.06
CA SER D 21 -31.42 16.77 -8.29
C SER D 21 -32.41 17.49 -9.19
N ARG D 22 -31.89 18.13 -10.23
CA ARG D 22 -32.75 18.77 -11.21
C ARG D 22 -33.66 17.75 -11.93
N LEU D 23 -33.13 16.57 -12.26
CA LEU D 23 -33.90 15.52 -12.89
C LEU D 23 -34.93 14.97 -11.92
N LEU D 24 -34.54 14.85 -10.65
CA LEU D 24 -35.46 14.42 -9.62
C LEU D 24 -36.71 15.33 -9.50
N ARG D 25 -36.52 16.65 -9.64
CA ARG D 25 -37.66 17.59 -9.66
C ARG D 25 -38.63 17.34 -10.84
N GLU D 26 -38.15 16.73 -11.92
CA GLU D 26 -39.02 16.29 -13.04
C GLU D 26 -39.45 14.80 -12.95
N ARG D 27 -39.34 14.20 -11.76
CA ARG D 27 -39.78 12.81 -11.52
C ARG D 27 -38.94 11.72 -12.24
N ILE D 28 -37.65 12.01 -12.44
CA ILE D 28 -36.71 11.04 -13.02
C ILE D 28 -35.76 10.58 -11.93
N VAL D 29 -35.72 9.27 -11.70
CA VAL D 29 -34.79 8.65 -10.74
C VAL D 29 -33.76 7.82 -11.52
N CYS D 30 -32.49 7.96 -11.14
CA CYS D 30 -31.39 7.28 -11.84
C CYS D 30 -30.85 6.10 -11.02
N VAL D 31 -30.84 4.91 -11.64
CA VAL D 31 -30.28 3.69 -11.03
C VAL D 31 -29.09 3.31 -11.91
N MET D 32 -27.90 3.70 -11.46
CA MET D 32 -26.69 3.67 -12.29
C MET D 32 -25.56 2.97 -11.54
N GLY D 33 -24.81 2.14 -12.25
CA GLY D 33 -23.69 1.44 -11.66
C GLY D 33 -24.12 0.28 -10.77
N PRO D 34 -23.17 -0.29 -10.02
CA PRO D 34 -23.50 -1.43 -9.17
C PRO D 34 -24.51 -1.10 -8.08
N ILE D 35 -25.48 -1.98 -7.87
CA ILE D 35 -26.53 -1.78 -6.89
C ILE D 35 -26.06 -2.41 -5.58
N ASP D 36 -25.79 -1.58 -4.58
CA ASP D 36 -25.52 -2.04 -3.21
C ASP D 36 -26.54 -1.40 -2.26
N ASP D 37 -26.39 -1.66 -0.96
CA ASP D 37 -27.25 -1.07 0.08
C ASP D 37 -27.39 0.45 0.03
N SER D 38 -26.27 1.13 -0.21
CA SER D 38 -26.26 2.59 -0.29
C SER D 38 -27.09 3.09 -1.48
N VAL D 39 -26.89 2.50 -2.66
CA VAL D 39 -27.71 2.84 -3.83
C VAL D 39 -29.21 2.55 -3.58
N ALA D 40 -29.52 1.39 -3.02
CA ALA D 40 -30.91 1.02 -2.78
C ALA D 40 -31.62 2.02 -1.86
N SER D 41 -30.97 2.37 -0.74
CA SER D 41 -31.54 3.34 0.18
C SER D 41 -31.81 4.72 -0.45
N LEU D 42 -30.90 5.17 -1.31
CA LEU D 42 -31.05 6.45 -2.00
C LEU D 42 -32.24 6.39 -2.96
N VAL D 43 -32.30 5.31 -3.74
CA VAL D 43 -33.40 5.14 -4.70
C VAL D 43 -34.74 5.06 -3.95
N ILE D 44 -34.79 4.29 -2.87
CA ILE D 44 -36.00 4.15 -2.06
C ILE D 44 -36.45 5.50 -1.47
N ALA D 45 -35.49 6.27 -0.95
CA ALA D 45 -35.78 7.59 -0.41
C ALA D 45 -36.36 8.52 -1.48
N GLN D 46 -35.80 8.46 -2.69
CA GLN D 46 -36.32 9.25 -3.82
C GLN D 46 -37.73 8.82 -4.23
N LEU D 47 -38.00 7.51 -4.24
CA LEU D 47 -39.34 7.01 -4.56
C LEU D 47 -40.39 7.48 -3.54
N LEU D 48 -40.04 7.48 -2.25
CA LEU D 48 -40.93 8.03 -1.22
C LEU D 48 -41.20 9.52 -1.38
N PHE D 49 -40.18 10.28 -1.75
CA PHE D 49 -40.32 11.71 -2.01
C PHE D 49 -41.28 11.98 -3.17
N LEU D 50 -41.05 11.32 -4.30
CA LEU D 50 -41.90 11.52 -5.47
C LEU D 50 -43.36 11.11 -5.23
N GLN D 51 -43.57 10.07 -4.43
CA GLN D 51 -44.90 9.60 -4.10
C GLN D 51 -45.70 10.64 -3.29
N SER D 52 -45.05 11.27 -2.33
CA SER D 52 -45.68 12.32 -1.51
C SER D 52 -45.98 13.61 -2.28
N GLU D 53 -45.18 13.93 -3.29
CA GLU D 53 -45.48 15.04 -4.21
C GLU D 53 -46.77 14.77 -4.99
N SER D 54 -46.96 13.51 -5.38
CA SER D 54 -48.17 13.06 -6.10
C SER D 54 -48.15 11.55 -6.21
N ASN D 55 -49.19 10.89 -5.70
CA ASN D 55 -49.30 9.44 -5.80
C ASN D 55 -49.97 8.95 -7.10
N LYS D 56 -50.25 9.87 -8.03
CA LYS D 56 -50.82 9.53 -9.35
C LYS D 56 -49.86 9.75 -10.52
N LYS D 57 -49.03 10.80 -10.47
CA LYS D 57 -48.18 11.16 -11.60
C LYS D 57 -47.08 10.10 -11.83
N PRO D 58 -46.83 9.72 -13.10
CA PRO D 58 -45.82 8.70 -13.35
C PRO D 58 -44.42 9.05 -12.83
N ILE D 59 -43.64 8.01 -12.54
CA ILE D 59 -42.23 8.13 -12.17
C ILE D 59 -41.41 7.45 -13.26
N HIS D 60 -40.35 8.14 -13.70
CA HIS D 60 -39.43 7.58 -14.70
C HIS D 60 -38.16 7.06 -14.02
N MET D 61 -37.82 5.81 -14.31
CA MET D 61 -36.66 5.14 -13.72
C MET D 61 -35.66 4.80 -14.83
N TYR D 62 -34.54 5.52 -14.83
CA TYR D 62 -33.44 5.31 -15.77
C TYR D 62 -32.52 4.22 -15.21
N ILE D 63 -32.29 3.16 -16.00
CA ILE D 63 -31.51 2.00 -15.54
C ILE D 63 -30.34 1.76 -16.48
N ASN D 64 -29.13 1.93 -15.93
CA ASN D 64 -27.89 1.56 -16.62
C ASN D 64 -26.98 0.92 -15.58
N SER D 65 -27.03 -0.40 -15.45
CA SER D 65 -26.43 -1.09 -14.32
C SER D 65 -25.99 -2.52 -14.69
N PRO D 66 -24.79 -2.93 -14.24
CA PRO D 66 -24.34 -4.33 -14.39
C PRO D 66 -24.87 -5.29 -13.32
N GLY D 67 -25.65 -4.81 -12.35
CA GLY D 67 -26.23 -5.66 -11.32
C GLY D 67 -25.80 -5.25 -9.95
N GLY D 68 -25.78 -6.20 -9.02
CA GLY D 68 -25.35 -5.92 -7.65
C GLY D 68 -25.91 -6.88 -6.63
N VAL D 69 -26.01 -6.40 -5.39
CA VAL D 69 -26.39 -7.24 -4.25
C VAL D 69 -27.88 -7.63 -4.30
N VAL D 70 -28.18 -8.91 -4.14
CA VAL D 70 -29.55 -9.41 -4.32
C VAL D 70 -30.57 -8.74 -3.37
N THR D 71 -30.25 -8.67 -2.06
CA THR D 71 -31.19 -8.08 -1.10
C THR D 71 -31.43 -6.58 -1.35
N ALA D 72 -30.41 -5.89 -1.81
CA ALA D 72 -30.53 -4.46 -2.16
C ALA D 72 -31.42 -4.28 -3.39
N GLY D 73 -31.26 -5.14 -4.39
CA GLY D 73 -32.17 -5.16 -5.54
C GLY D 73 -33.61 -5.45 -5.13
N LEU D 74 -33.80 -6.44 -4.28
CA LEU D 74 -35.13 -6.81 -3.80
C LEU D 74 -35.78 -5.68 -2.98
N ALA D 75 -34.98 -4.90 -2.26
CA ALA D 75 -35.50 -3.77 -1.50
C ALA D 75 -36.12 -2.70 -2.41
N ILE D 76 -35.42 -2.41 -3.51
CA ILE D 76 -35.93 -1.48 -4.52
C ILE D 76 -37.17 -2.08 -5.21
N TYR D 77 -37.09 -3.35 -5.57
CA TYR D 77 -38.22 -4.05 -6.20
C TYR D 77 -39.49 -3.90 -5.35
N ASP D 78 -39.40 -4.23 -4.06
CA ASP D 78 -40.57 -4.21 -3.18
C ASP D 78 -41.14 -2.81 -3.03
N THR D 79 -40.28 -1.79 -3.01
CA THR D 79 -40.73 -0.40 -2.89
C THR D 79 -41.45 0.07 -4.15
N MET D 80 -40.96 -0.34 -5.32
CA MET D 80 -41.62 -0.08 -6.60
C MET D 80 -43.06 -0.62 -6.61
N GLN D 81 -43.22 -1.88 -6.18
CA GLN D 81 -44.54 -2.48 -6.07
C GLN D 81 -45.42 -1.78 -5.04
N TYR D 82 -44.82 -1.41 -3.90
CA TYR D 82 -45.57 -0.85 -2.77
C TYR D 82 -46.20 0.52 -3.05
N ILE D 83 -45.46 1.43 -3.67
CA ILE D 83 -46.03 2.75 -3.99
C ILE D 83 -47.13 2.63 -5.04
N LEU D 84 -48.01 3.64 -5.05
CA LEU D 84 -49.19 3.60 -5.92
C LEU D 84 -48.90 4.07 -7.34
N ASN D 85 -47.83 4.85 -7.51
CA ASN D 85 -47.55 5.47 -8.81
C ASN D 85 -47.30 4.47 -9.91
N PRO D 86 -47.67 4.82 -11.15
CA PRO D 86 -47.11 4.06 -12.27
C PRO D 86 -45.61 4.38 -12.41
N ILE D 87 -44.82 3.37 -12.80
CA ILE D 87 -43.39 3.51 -12.94
C ILE D 87 -43.01 3.08 -14.34
N CYS D 88 -42.45 4.03 -15.11
CA CYS D 88 -41.93 3.74 -16.45
C CYS D 88 -40.43 3.41 -16.29
N THR D 89 -40.03 2.22 -16.73
CA THR D 89 -38.63 1.83 -16.69
C THR D 89 -38.00 2.04 -18.07
N TRP D 90 -36.75 2.56 -18.06
CA TRP D 90 -35.99 2.86 -19.28
C TRP D 90 -34.58 2.25 -19.22
N CYS D 91 -34.32 1.24 -20.07
CA CYS D 91 -32.97 0.64 -20.16
C CYS D 91 -32.12 1.39 -21.20
N VAL D 92 -31.05 2.02 -20.73
CA VAL D 92 -30.08 2.68 -21.61
C VAL D 92 -28.70 2.12 -21.24
N GLY D 93 -27.96 1.63 -22.24
CA GLY D 93 -26.66 1.02 -21.99
C GLY D 93 -26.82 -0.46 -21.69
N GLN D 94 -27.10 -0.78 -20.43
CA GLN D 94 -27.39 -2.16 -20.04
C GLN D 94 -28.22 -2.33 -18.78
N ALA D 95 -28.86 -3.48 -18.67
CA ALA D 95 -29.51 -3.91 -17.44
C ALA D 95 -29.18 -5.39 -17.28
N ALA D 96 -28.24 -5.68 -16.40
CA ALA D 96 -27.80 -7.06 -16.14
C ALA D 96 -28.17 -7.46 -14.70
N SER D 97 -28.47 -8.72 -14.51
CA SER D 97 -28.73 -9.31 -13.19
C SER D 97 -29.86 -8.52 -12.52
N MET D 98 -29.65 -7.97 -11.31
CA MET D 98 -30.71 -7.24 -10.59
C MET D 98 -31.24 -6.03 -11.36
N GLY D 99 -30.40 -5.43 -12.19
CA GLY D 99 -30.85 -4.35 -13.09
C GLY D 99 -31.98 -4.78 -14.03
N SER D 100 -31.89 -5.99 -14.58
CA SER D 100 -32.94 -6.47 -15.48
C SER D 100 -34.25 -6.82 -14.71
N LEU D 101 -34.13 -7.17 -13.43
CA LEU D 101 -35.29 -7.43 -12.60
C LEU D 101 -36.09 -6.13 -12.38
N LEU D 102 -35.39 -5.06 -12.07
CA LEU D 102 -36.00 -3.74 -11.90
C LEU D 102 -36.66 -3.26 -13.18
N LEU D 103 -35.99 -3.47 -14.32
CA LEU D 103 -36.56 -3.13 -15.65
C LEU D 103 -37.89 -3.85 -15.87
N ALA D 104 -37.88 -5.15 -15.64
CA ALA D 104 -39.08 -5.99 -15.79
C ALA D 104 -40.22 -5.68 -14.81
N ALA D 105 -39.88 -5.08 -13.68
CA ALA D 105 -40.84 -4.73 -12.63
C ALA D 105 -41.58 -3.40 -12.85
N GLY D 106 -41.33 -2.72 -13.97
CA GLY D 106 -42.08 -1.50 -14.27
C GLY D 106 -43.56 -1.82 -14.53
N THR D 107 -44.39 -0.79 -14.45
CA THR D 107 -45.83 -0.91 -14.73
C THR D 107 -46.05 -1.52 -16.12
N PRO D 108 -46.95 -2.52 -16.24
CA PRO D 108 -47.20 -3.15 -17.55
C PRO D 108 -47.55 -2.13 -18.64
N GLY D 109 -46.99 -2.33 -19.83
CA GLY D 109 -47.07 -1.35 -20.91
C GLY D 109 -46.05 -0.20 -20.85
N MET D 110 -45.36 -0.01 -19.72
CA MET D 110 -44.47 1.15 -19.55
C MET D 110 -42.98 0.78 -19.36
N ARG D 111 -42.56 -0.37 -19.91
CA ARG D 111 -41.19 -0.86 -19.79
C ARG D 111 -40.51 -0.74 -21.17
N HIS D 112 -39.46 0.09 -21.21
CA HIS D 112 -38.84 0.56 -22.45
C HIS D 112 -37.32 0.19 -22.50
N SER D 113 -36.81 0.05 -23.71
CA SER D 113 -35.39 0.09 -23.97
C SER D 113 -35.07 0.87 -25.22
N LEU D 114 -33.92 1.56 -25.23
CA LEU D 114 -33.37 2.14 -26.45
C LEU D 114 -32.71 1.03 -27.28
N PRO D 115 -32.45 1.30 -28.58
CA PRO D 115 -32.19 0.18 -29.51
C PRO D 115 -30.89 -0.62 -29.34
N ASN D 116 -29.84 -0.02 -28.78
CA ASN D 116 -28.54 -0.72 -28.65
C ASN D 116 -28.22 -1.23 -27.24
N SER D 117 -29.18 -1.18 -26.33
CA SER D 117 -28.99 -1.66 -24.95
C SER D 117 -28.81 -3.18 -24.93
N ARG D 118 -28.21 -3.69 -23.87
CA ARG D 118 -28.01 -5.11 -23.66
C ARG D 118 -28.65 -5.53 -22.33
N ILE D 119 -29.38 -6.65 -22.35
CA ILE D 119 -30.16 -7.10 -21.20
C ILE D 119 -29.77 -8.53 -20.84
N MET D 120 -29.47 -8.78 -19.58
CA MET D 120 -29.04 -10.10 -19.09
C MET D 120 -29.80 -10.45 -17.81
N ILE D 121 -30.41 -11.64 -17.78
CA ILE D 121 -31.01 -12.13 -16.52
C ILE D 121 -30.14 -13.08 -15.73
N HIS D 122 -29.12 -13.65 -16.36
CA HIS D 122 -28.06 -14.39 -15.64
C HIS D 122 -27.39 -13.55 -14.57
N GLN D 123 -27.06 -14.20 -13.45
CA GLN D 123 -26.42 -13.52 -12.26
C GLN D 123 -24.91 -13.88 -12.34
N PRO D 124 -24.03 -12.86 -12.54
CA PRO D 124 -22.60 -13.15 -12.52
C PRO D 124 -22.01 -13.29 -11.10
N ILE D 137 -23.27 -15.93 3.26
CA ILE D 137 -24.55 -16.62 3.27
C ILE D 137 -24.35 -18.15 3.21
N GLN D 138 -25.14 -18.92 3.98
CA GLN D 138 -25.23 -20.39 3.83
C GLN D 138 -25.84 -20.84 2.47
N ALA D 139 -25.51 -22.06 2.08
CA ALA D 139 -25.98 -22.68 0.83
C ALA D 139 -27.51 -22.65 0.69
N GLU D 140 -28.21 -23.06 1.75
CA GLU D 140 -29.68 -23.06 1.74
C GLU D 140 -30.25 -21.66 1.51
N GLU D 141 -29.63 -20.65 2.09
CA GLU D 141 -30.10 -19.25 1.94
C GLU D 141 -29.89 -18.70 0.53
N ILE D 142 -28.77 -19.02 -0.11
CA ILE D 142 -28.53 -18.56 -1.48
C ILE D 142 -29.57 -19.18 -2.43
N MET D 143 -29.97 -20.44 -2.21
CA MET D 143 -31.04 -21.07 -3.00
C MET D 143 -32.42 -20.47 -2.75
N LYS D 144 -32.73 -20.14 -1.50
CA LYS D 144 -34.00 -19.48 -1.19
C LYS D 144 -34.13 -18.14 -1.90
N LEU D 145 -33.06 -17.34 -1.89
CA LEU D 145 -33.04 -16.06 -2.62
C LEU D 145 -33.18 -16.27 -4.12
N LYS D 146 -32.47 -17.25 -4.65
CA LYS D 146 -32.56 -17.60 -6.09
C LYS D 146 -34.00 -17.95 -6.49
N LYS D 147 -34.69 -18.75 -5.68
CA LYS D 147 -36.11 -19.09 -5.93
C LYS D 147 -37.03 -17.87 -5.84
N GLN D 148 -36.75 -16.93 -4.95
CA GLN D 148 -37.50 -15.66 -4.93
C GLN D 148 -37.34 -14.91 -6.25
N LEU D 149 -36.13 -14.92 -6.83
CA LEU D 149 -35.90 -14.28 -8.12
C LEU D 149 -36.69 -14.97 -9.24
N TYR D 150 -36.68 -16.30 -9.25
CA TYR D 150 -37.48 -17.10 -10.22
C TYR D 150 -38.94 -16.66 -10.20
N ASN D 151 -39.56 -16.62 -9.03
CA ASN D 151 -40.98 -16.23 -8.89
C ASN D 151 -41.26 -14.81 -9.30
N ILE D 152 -40.37 -13.88 -8.99
CA ILE D 152 -40.56 -12.48 -9.43
C ILE D 152 -40.50 -12.35 -10.95
N TYR D 153 -39.50 -12.99 -11.60
CA TYR D 153 -39.40 -12.92 -13.05
C TYR D 153 -40.61 -13.60 -13.72
N ALA D 154 -41.06 -14.72 -13.18
CA ALA D 154 -42.25 -15.42 -13.67
C ALA D 154 -43.50 -14.56 -13.65
N LYS D 155 -43.74 -13.90 -12.51
CA LYS D 155 -44.85 -12.97 -12.39
C LYS D 155 -44.83 -11.87 -13.46
N HIS D 156 -43.69 -11.22 -13.67
CA HIS D 156 -43.65 -10.02 -14.53
C HIS D 156 -43.45 -10.31 -16.03
N THR D 157 -42.79 -11.43 -16.35
CA THR D 157 -42.58 -11.82 -17.73
C THR D 157 -43.67 -12.74 -18.28
N LYS D 158 -44.42 -13.37 -17.39
CA LYS D 158 -45.42 -14.42 -17.73
C LYS D 158 -44.83 -15.73 -18.25
N GLN D 159 -43.55 -15.97 -18.05
CA GLN D 159 -42.91 -17.23 -18.46
C GLN D 159 -42.98 -18.23 -17.32
N SER D 160 -42.85 -19.52 -17.66
CA SER D 160 -42.86 -20.56 -16.63
C SER D 160 -41.58 -20.52 -15.79
N LEU D 161 -41.66 -21.06 -14.59
CA LEU D 161 -40.50 -21.19 -13.70
C LEU D 161 -39.36 -21.98 -14.35
N GLN D 162 -39.68 -23.04 -15.09
CA GLN D 162 -38.68 -23.85 -15.76
C GLN D 162 -37.91 -23.03 -16.81
N VAL D 163 -38.61 -22.22 -17.58
CA VAL D 163 -37.97 -21.37 -18.60
C VAL D 163 -37.09 -20.27 -17.97
N ILE D 164 -37.56 -19.66 -16.89
CA ILE D 164 -36.77 -18.66 -16.13
C ILE D 164 -35.45 -19.31 -15.63
N GLU D 165 -35.55 -20.49 -15.05
CA GLU D 165 -34.37 -21.21 -14.54
C GLU D 165 -33.37 -21.50 -15.61
N SER D 166 -33.84 -22.02 -16.74
CA SER D 166 -32.97 -22.31 -17.92
C SER D 166 -32.29 -21.05 -18.43
N ALA D 167 -33.06 -19.97 -18.61
CA ALA D 167 -32.49 -18.72 -19.11
C ALA D 167 -31.41 -18.13 -18.17
N MET D 168 -31.66 -18.16 -16.86
CA MET D 168 -30.73 -17.61 -15.86
C MET D 168 -29.39 -18.40 -15.74
N GLU D 169 -29.38 -19.63 -16.18
CA GLU D 169 -28.17 -20.43 -16.23
C GLU D 169 -27.27 -20.07 -17.46
N ARG D 170 -27.87 -19.46 -18.50
CA ARG D 170 -27.15 -19.12 -19.73
C ARG D 170 -26.38 -17.82 -19.63
N ASP D 171 -25.07 -17.89 -19.78
CA ASP D 171 -24.25 -16.68 -19.64
C ASP D 171 -24.22 -15.93 -21.00
N ARG D 172 -25.25 -15.13 -21.24
CA ARG D 172 -25.39 -14.37 -22.46
C ARG D 172 -26.35 -13.19 -22.30
N TYR D 173 -26.20 -12.19 -23.13
CA TYR D 173 -27.08 -11.03 -23.19
C TYR D 173 -28.11 -11.22 -24.30
N MET D 174 -29.22 -10.49 -24.14
CA MET D 174 -30.32 -10.42 -25.08
C MET D 174 -30.31 -9.00 -25.67
N SER D 175 -30.69 -8.87 -26.94
CA SER D 175 -31.03 -7.62 -27.55
C SER D 175 -32.36 -7.12 -26.99
N PRO D 176 -32.68 -5.83 -27.17
CA PRO D 176 -33.99 -5.33 -26.73
C PRO D 176 -35.18 -6.09 -27.34
N MET D 177 -35.10 -6.45 -28.63
CA MET D 177 -36.17 -7.24 -29.26
C MET D 177 -36.37 -8.60 -28.61
N GLU D 178 -35.28 -9.30 -28.31
CA GLU D 178 -35.37 -10.59 -27.61
C GLU D 178 -35.98 -10.43 -26.20
N ALA D 179 -35.59 -9.37 -25.51
CA ALA D 179 -36.11 -9.09 -24.16
C ALA D 179 -37.62 -8.77 -24.21
N GLN D 180 -38.06 -8.10 -25.28
CA GLN D 180 -39.50 -7.85 -25.52
C GLN D 180 -40.25 -9.17 -25.74
N GLU D 181 -39.74 -10.01 -26.62
CA GLU D 181 -40.31 -11.36 -26.86
C GLU D 181 -40.38 -12.19 -25.59
N PHE D 182 -39.38 -12.07 -24.72
CA PHE D 182 -39.31 -12.83 -23.47
C PHE D 182 -40.27 -12.32 -22.39
N GLY D 183 -40.74 -11.07 -22.50
CA GLY D 183 -41.63 -10.45 -21.51
C GLY D 183 -40.97 -9.52 -20.47
N ILE D 184 -39.67 -9.20 -20.66
CA ILE D 184 -38.94 -8.30 -19.78
C ILE D 184 -39.34 -6.83 -20.04
N LEU D 185 -39.66 -6.49 -21.28
CA LEU D 185 -40.05 -5.15 -21.60
C LEU D 185 -41.15 -5.08 -22.68
N ASP D 186 -41.77 -3.91 -22.82
CA ASP D 186 -42.89 -3.71 -23.74
C ASP D 186 -42.54 -2.99 -25.04
N LYS D 187 -41.66 -2.00 -25.01
CA LYS D 187 -41.39 -1.15 -26.19
C LYS D 187 -39.91 -0.86 -26.42
N VAL D 188 -39.50 -0.99 -27.69
CA VAL D 188 -38.16 -0.65 -28.15
C VAL D 188 -38.29 0.56 -29.06
N LEU D 189 -37.91 1.74 -28.55
CA LEU D 189 -38.12 3.01 -29.25
C LEU D 189 -36.80 3.60 -29.76
N VAL D 190 -36.77 4.03 -31.01
CA VAL D 190 -35.66 4.81 -31.57
C VAL D 190 -35.80 6.32 -31.33
N HIS D 191 -37.04 6.82 -31.22
CA HIS D 191 -37.46 8.24 -31.21
C HIS D 191 -38.80 8.24 -30.43
N PRO D 192 -39.22 9.37 -29.81
CA PRO D 192 -40.52 9.33 -29.12
C PRO D 192 -41.74 9.08 -30.06
N PRO D 193 -42.86 8.56 -29.48
CA PRO D 193 -43.97 8.09 -30.34
C PRO D 193 -44.95 9.21 -30.64
N LEU E 2 -23.10 10.20 -4.62
CA LEU E 2 -23.78 11.54 -4.67
C LEU E 2 -25.15 11.44 -3.99
N ILE E 3 -25.36 12.26 -2.96
CA ILE E 3 -26.67 12.35 -2.28
C ILE E 3 -27.48 13.45 -2.95
N PRO E 4 -28.69 13.14 -3.45
CA PRO E 4 -29.45 14.22 -4.14
C PRO E 4 -30.09 15.21 -3.16
N ILE E 5 -30.29 16.44 -3.63
CA ILE E 5 -30.90 17.52 -2.88
C ILE E 5 -32.32 17.88 -3.38
N VAL E 6 -33.17 18.44 -2.49
CA VAL E 6 -34.49 18.95 -2.87
C VAL E 6 -34.71 20.35 -2.29
N VAL E 7 -35.39 21.23 -3.05
CA VAL E 7 -35.47 22.68 -2.78
C VAL E 7 -36.90 23.09 -2.56
N ALA E 16 -32.36 24.15 0.87
CA ALA E 16 -31.59 22.98 0.39
C ALA E 16 -31.46 21.85 1.45
N TYR E 17 -32.09 20.74 1.11
CA TYR E 17 -32.09 19.55 1.89
C TYR E 17 -31.55 18.39 1.07
N ASP E 18 -30.67 17.58 1.63
CA ASP E 18 -30.29 16.35 0.98
C ASP E 18 -31.45 15.37 1.24
N ILE E 19 -31.65 14.39 0.39
CA ILE E 19 -32.78 13.47 0.52
C ILE E 19 -33.09 12.85 1.89
N TYR E 20 -32.09 12.53 2.67
CA TYR E 20 -32.35 11.98 3.98
C TYR E 20 -32.88 13.02 4.95
N SER E 21 -32.33 14.21 4.93
CA SER E 21 -32.83 15.32 5.75
C SER E 21 -34.27 15.65 5.43
N ARG E 22 -34.63 15.58 4.16
CA ARG E 22 -36.01 15.79 3.75
C ARG E 22 -36.94 14.74 4.37
N LEU E 23 -36.50 13.46 4.36
CA LEU E 23 -37.27 12.39 5.01
C LEU E 23 -37.38 12.59 6.53
N LEU E 24 -36.30 13.08 7.14
CA LEU E 24 -36.29 13.40 8.56
C LEU E 24 -37.35 14.46 8.93
N ARG E 25 -37.55 15.47 8.08
CA ARG E 25 -38.62 16.46 8.30
C ARG E 25 -40.03 15.84 8.28
N GLU E 26 -40.21 14.68 7.61
CA GLU E 26 -41.46 13.91 7.68
C GLU E 26 -41.45 12.76 8.70
N ARG E 27 -40.54 12.83 9.69
CA ARG E 27 -40.47 11.86 10.79
C ARG E 27 -40.05 10.41 10.37
N ILE E 28 -39.22 10.33 9.32
CA ILE E 28 -38.66 9.06 8.86
C ILE E 28 -37.17 9.03 9.17
N VAL E 29 -36.74 8.03 9.95
CA VAL E 29 -35.33 7.83 10.31
C VAL E 29 -34.84 6.55 9.61
N CYS E 30 -33.64 6.63 9.02
CA CYS E 30 -33.08 5.53 8.25
C CYS E 30 -31.94 4.82 9.01
N VAL E 31 -32.08 3.51 9.20
CA VAL E 31 -31.06 2.66 9.84
C VAL E 31 -30.58 1.70 8.75
N MET E 32 -29.46 2.06 8.13
CA MET E 32 -29.01 1.40 6.89
C MET E 32 -27.54 0.98 7.01
N GLY E 33 -27.24 -0.22 6.52
CA GLY E 33 -25.89 -0.74 6.56
C GLY E 33 -25.47 -1.20 7.95
N PRO E 34 -24.18 -1.47 8.12
CA PRO E 34 -23.71 -1.99 9.40
C PRO E 34 -23.90 -0.97 10.55
N ILE E 35 -24.37 -1.46 11.69
CA ILE E 35 -24.62 -0.62 12.84
C ILE E 35 -23.36 -0.56 13.69
N ASP E 36 -22.73 0.60 13.73
CA ASP E 36 -21.62 0.85 14.66
C ASP E 36 -21.96 2.05 15.54
N ASP E 37 -21.02 2.46 16.39
CA ASP E 37 -21.19 3.62 17.30
C ASP E 37 -21.60 4.90 16.59
N SER E 38 -21.01 5.17 15.43
CA SER E 38 -21.34 6.36 14.64
C SER E 38 -22.79 6.34 14.17
N VAL E 39 -23.23 5.22 13.60
CA VAL E 39 -24.64 5.08 13.20
C VAL E 39 -25.60 5.21 14.41
N ALA E 40 -25.28 4.55 15.51
CA ALA E 40 -26.14 4.60 16.70
C ALA E 40 -26.32 6.03 17.21
N SER E 41 -25.22 6.76 17.34
CA SER E 41 -25.29 8.17 17.78
C SER E 41 -26.13 9.06 16.87
N LEU E 42 -26.02 8.88 15.56
CA LEU E 42 -26.83 9.63 14.60
C LEU E 42 -28.30 9.30 14.72
N VAL E 43 -28.61 8.01 14.83
CA VAL E 43 -30.01 7.59 14.98
C VAL E 43 -30.58 8.13 16.30
N ILE E 44 -29.82 8.01 17.38
CA ILE E 44 -30.25 8.51 18.70
C ILE E 44 -30.50 10.02 18.67
N ALA E 45 -29.59 10.77 18.06
CA ALA E 45 -29.74 12.22 17.91
C ALA E 45 -31.01 12.58 17.15
N GLN E 46 -31.29 11.84 16.07
CA GLN E 46 -32.51 12.04 15.30
C GLN E 46 -33.78 11.72 16.10
N LEU E 47 -33.76 10.64 16.89
CA LEU E 47 -34.88 10.29 17.74
C LEU E 47 -35.18 11.36 18.79
N LEU E 48 -34.14 11.95 19.39
CA LEU E 48 -34.32 13.07 20.32
C LEU E 48 -34.92 14.31 19.66
N PHE E 49 -34.48 14.59 18.44
CA PHE E 49 -35.02 15.72 17.67
C PHE E 49 -36.51 15.55 17.38
N LEU E 50 -36.89 14.39 16.85
CA LEU E 50 -38.28 14.12 16.51
C LEU E 50 -39.20 14.14 17.75
N GLN E 51 -38.69 13.68 18.88
CA GLN E 51 -39.44 13.67 20.12
C GLN E 51 -39.77 15.07 20.63
N SER E 52 -38.81 15.99 20.53
CA SER E 52 -39.01 17.38 20.94
C SER E 52 -39.95 18.17 20.00
N GLU E 53 -39.99 17.81 18.72
CA GLU E 53 -40.99 18.37 17.80
C GLU E 53 -42.42 17.97 18.21
N SER E 54 -42.56 16.73 18.69
CA SER E 54 -43.84 16.21 19.16
C SER E 54 -43.60 14.85 19.82
N ASN E 55 -43.99 14.72 21.08
CA ASN E 55 -43.88 13.45 21.78
C ASN E 55 -45.08 12.51 21.59
N LYS E 56 -46.02 12.89 20.73
CA LYS E 56 -47.20 12.05 20.40
C LYS E 56 -47.18 11.50 18.96
N LYS E 57 -46.70 12.29 18.00
CA LYS E 57 -46.77 11.88 16.58
C LYS E 57 -45.86 10.67 16.29
N PRO E 58 -46.35 9.69 15.52
CA PRO E 58 -45.51 8.50 15.27
C PRO E 58 -44.17 8.81 14.58
N ILE E 59 -43.19 7.94 14.81
CA ILE E 59 -41.90 7.98 14.14
C ILE E 59 -41.78 6.71 13.29
N HIS E 60 -41.34 6.88 12.05
CA HIS E 60 -41.12 5.76 11.13
C HIS E 60 -39.62 5.43 11.04
N MET E 61 -39.31 4.17 11.29
CA MET E 61 -37.96 3.66 11.26
C MET E 61 -37.76 2.69 10.11
N TYR E 62 -36.98 3.09 9.12
CA TYR E 62 -36.65 2.24 7.95
C TYR E 62 -35.39 1.43 8.28
N ILE E 63 -35.48 0.11 8.17
CA ILE E 63 -34.39 -0.79 8.54
C ILE E 63 -34.00 -1.67 7.36
N ASN E 64 -32.75 -1.49 6.91
CA ASN E 64 -32.12 -2.36 5.92
C ASN E 64 -30.67 -2.54 6.34
N SER E 65 -30.41 -3.60 7.09
CA SER E 65 -29.11 -3.75 7.78
C SER E 65 -28.73 -5.21 7.99
N PRO E 66 -27.45 -5.55 7.76
CA PRO E 66 -26.93 -6.89 8.07
C PRO E 66 -26.53 -7.10 9.55
N GLY E 67 -26.66 -6.08 10.38
CA GLY E 67 -26.34 -6.21 11.80
C GLY E 67 -25.23 -5.22 12.18
N GLY E 68 -24.46 -5.58 13.19
CA GLY E 68 -23.41 -4.71 13.69
C GLY E 68 -22.98 -4.93 15.11
N VAL E 69 -22.44 -3.88 15.72
CA VAL E 69 -21.88 -3.94 17.09
C VAL E 69 -23.02 -4.06 18.12
N VAL E 70 -22.92 -5.02 19.02
CA VAL E 70 -23.99 -5.28 19.99
C VAL E 70 -24.36 -4.08 20.86
N THR E 71 -23.36 -3.44 21.46
CA THR E 71 -23.62 -2.28 22.36
C THR E 71 -24.23 -1.10 21.62
N ALA E 72 -23.84 -0.90 20.35
CA ALA E 72 -24.43 0.16 19.52
C ALA E 72 -25.89 -0.13 19.19
N GLY E 73 -26.19 -1.40 18.87
CA GLY E 73 -27.58 -1.82 18.70
C GLY E 73 -28.41 -1.63 19.96
N LEU E 74 -27.86 -2.03 21.10
CA LEU E 74 -28.55 -1.87 22.39
C LEU E 74 -28.79 -0.40 22.75
N ALA E 75 -27.88 0.49 22.35
CA ALA E 75 -28.04 1.93 22.60
C ALA E 75 -29.26 2.48 21.88
N ILE E 76 -29.43 2.08 20.61
CA ILE E 76 -30.61 2.46 19.84
C ILE E 76 -31.86 1.83 20.45
N TYR E 77 -31.79 0.53 20.78
CA TYR E 77 -32.92 -0.16 21.40
C TYR E 77 -33.42 0.59 22.63
N ASP E 78 -32.51 0.92 23.55
CA ASP E 78 -32.88 1.57 24.81
C ASP E 78 -33.52 2.95 24.57
N THR E 79 -33.02 3.67 23.57
CA THR E 79 -33.56 5.00 23.26
C THR E 79 -34.96 4.91 22.66
N MET E 80 -35.21 3.91 21.82
CA MET E 80 -36.55 3.63 21.28
C MET E 80 -37.56 3.40 22.41
N GLN E 81 -37.20 2.56 23.37
CA GLN E 81 -38.05 2.31 24.53
C GLN E 81 -38.25 3.57 25.38
N TYR E 82 -37.17 4.35 25.56
CA TYR E 82 -37.19 5.51 26.45
C TYR E 82 -38.10 6.64 25.99
N ILE E 83 -38.07 7.00 24.71
CA ILE E 83 -38.94 8.06 24.21
C ILE E 83 -40.42 7.64 24.26
N LEU E 84 -41.30 8.63 24.29
CA LEU E 84 -42.73 8.39 24.48
C LEU E 84 -43.44 8.05 23.18
N ASN E 85 -42.87 8.44 22.04
CA ASN E 85 -43.53 8.28 20.75
C ASN E 85 -43.80 6.83 20.39
N PRO E 86 -44.91 6.59 19.67
CA PRO E 86 -45.00 5.28 19.00
C PRO E 86 -43.98 5.23 17.85
N ILE E 87 -43.41 4.03 17.62
CA ILE E 87 -42.40 3.84 16.60
C ILE E 87 -42.86 2.72 15.69
N CYS E 88 -43.05 3.05 14.42
CA CYS E 88 -43.38 2.06 13.37
C CYS E 88 -42.06 1.60 12.74
N THR E 89 -41.79 0.30 12.79
CA THR E 89 -40.60 -0.25 12.17
C THR E 89 -40.97 -0.85 10.81
N TRP E 90 -40.09 -0.63 9.82
CA TRP E 90 -40.27 -1.12 8.45
C TRP E 90 -39.01 -1.86 7.93
N CYS E 91 -39.12 -3.17 7.73
CA CYS E 91 -38.03 -3.97 7.16
C CYS E 91 -38.11 -4.01 5.63
N VAL E 92 -37.11 -3.44 4.97
CA VAL E 92 -36.99 -3.48 3.52
C VAL E 92 -35.60 -4.02 3.20
N GLY E 93 -35.53 -5.05 2.37
CA GLY E 93 -34.25 -5.69 2.04
C GLY E 93 -33.92 -6.77 3.04
N GLN E 94 -33.33 -6.37 4.18
CA GLN E 94 -33.09 -7.34 5.26
C GLN E 94 -32.94 -6.70 6.63
N ALA E 95 -33.16 -7.53 7.66
CA ALA E 95 -32.85 -7.17 9.04
C ALA E 95 -32.24 -8.41 9.66
N ALA E 96 -30.91 -8.40 9.78
CA ALA E 96 -30.16 -9.52 10.37
C ALA E 96 -29.52 -9.11 11.68
N SER E 97 -29.41 -10.07 12.62
CA SER E 97 -28.73 -9.84 13.89
C SER E 97 -29.35 -8.62 14.59
N MET E 98 -28.57 -7.60 14.96
CA MET E 98 -29.08 -6.43 15.68
C MET E 98 -30.18 -5.69 14.93
N GLY E 99 -30.14 -5.74 13.59
CA GLY E 99 -31.22 -5.17 12.78
C GLY E 99 -32.58 -5.78 13.09
N SER E 100 -32.62 -7.10 13.27
CA SER E 100 -33.90 -7.76 13.58
C SER E 100 -34.40 -7.46 15.00
N LEU E 101 -33.47 -7.16 15.91
CA LEU E 101 -33.86 -6.76 17.27
C LEU E 101 -34.57 -5.41 17.25
N LEU E 102 -34.02 -4.46 16.49
CA LEU E 102 -34.64 -3.15 16.34
C LEU E 102 -36.03 -3.25 15.68
N LEU E 103 -36.14 -4.09 14.65
CA LEU E 103 -37.43 -4.34 13.98
C LEU E 103 -38.48 -4.85 14.99
N ALA E 104 -38.10 -5.85 15.77
CA ALA E 104 -38.97 -6.44 16.79
C ALA E 104 -39.33 -5.49 17.94
N ALA E 105 -38.50 -4.47 18.16
CA ALA E 105 -38.68 -3.50 19.23
C ALA E 105 -39.62 -2.34 18.89
N GLY E 106 -40.23 -2.34 17.71
CA GLY E 106 -41.23 -1.32 17.38
C GLY E 106 -42.48 -1.46 18.26
N THR E 107 -43.27 -0.41 18.32
CA THR E 107 -44.54 -0.41 19.06
C THR E 107 -45.42 -1.57 18.61
N PRO E 108 -46.00 -2.34 19.57
CA PRO E 108 -46.86 -3.49 19.17
C PRO E 108 -47.98 -3.07 18.20
N GLY E 109 -48.23 -3.91 17.21
CA GLY E 109 -49.11 -3.57 16.09
C GLY E 109 -48.51 -2.75 14.96
N MET E 110 -47.33 -2.15 15.17
CA MET E 110 -46.73 -1.23 14.19
C MET E 110 -45.39 -1.71 13.59
N ARG E 111 -45.19 -3.03 13.54
CA ARG E 111 -43.96 -3.63 13.03
C ARG E 111 -44.27 -4.32 11.69
N HIS E 112 -43.62 -3.81 10.63
CA HIS E 112 -43.97 -4.12 9.23
C HIS E 112 -42.73 -4.71 8.47
N SER E 113 -43.02 -5.53 7.46
CA SER E 113 -42.06 -5.89 6.44
C SER E 113 -42.70 -5.90 5.07
N LEU E 114 -41.92 -5.54 4.06
CA LEU E 114 -42.33 -5.73 2.66
C LEU E 114 -42.09 -7.20 2.27
N PRO E 115 -42.71 -7.66 1.16
CA PRO E 115 -42.85 -9.10 0.95
C PRO E 115 -41.60 -9.94 0.71
N ASN E 116 -40.54 -9.35 0.14
CA ASN E 116 -39.32 -10.13 -0.20
C ASN E 116 -38.15 -9.92 0.77
N SER E 117 -38.38 -9.24 1.89
CA SER E 117 -37.33 -9.04 2.90
C SER E 117 -36.90 -10.36 3.53
N ARG E 118 -35.69 -10.37 4.08
CA ARG E 118 -35.16 -11.54 4.80
C ARG E 118 -34.80 -11.13 6.23
N ILE E 119 -35.18 -11.96 7.20
CA ILE E 119 -35.02 -11.64 8.61
C ILE E 119 -34.24 -12.76 9.31
N MET E 120 -33.20 -12.38 10.05
CA MET E 120 -32.35 -13.35 10.76
C MET E 120 -32.14 -12.90 12.20
N ILE E 121 -32.42 -13.76 13.16
CA ILE E 121 -32.15 -13.49 14.56
C ILE E 121 -30.84 -14.11 15.07
N HIS E 122 -30.31 -15.09 14.35
CA HIS E 122 -28.97 -15.64 14.59
C HIS E 122 -27.90 -14.50 14.56
N GLN E 123 -26.89 -14.62 15.42
CA GLN E 123 -25.77 -13.68 15.49
C GLN E 123 -24.56 -14.23 14.76
N PRO E 124 -24.13 -13.60 13.65
CA PRO E 124 -22.91 -14.13 12.97
C PRO E 124 -21.62 -13.70 13.65
N ILE E 137 -12.46 -8.59 23.83
CA ILE E 137 -13.54 -8.70 24.83
C ILE E 137 -13.69 -10.14 25.41
N GLN E 138 -13.78 -10.24 26.73
CA GLN E 138 -13.66 -11.54 27.43
C GLN E 138 -14.86 -12.48 27.19
N ALA E 139 -14.62 -13.77 27.36
CA ALA E 139 -15.65 -14.81 27.20
C ALA E 139 -16.90 -14.55 28.05
N GLU E 140 -16.70 -14.22 29.33
CA GLU E 140 -17.82 -13.95 30.22
C GLU E 140 -18.69 -12.77 29.72
N GLU E 141 -18.05 -11.74 29.17
CA GLU E 141 -18.77 -10.58 28.68
C GLU E 141 -19.59 -10.85 27.42
N ILE E 142 -19.07 -11.66 26.50
CA ILE E 142 -19.83 -12.00 25.30
C ILE E 142 -21.09 -12.81 25.69
N MET E 143 -21.01 -13.69 26.69
CA MET E 143 -22.20 -14.42 27.18
C MET E 143 -23.21 -13.52 27.89
N LYS E 144 -22.73 -12.56 28.67
CA LYS E 144 -23.65 -11.61 29.32
C LYS E 144 -24.45 -10.81 28.28
N LEU E 145 -23.79 -10.34 27.25
CA LEU E 145 -24.48 -9.62 26.15
C LEU E 145 -25.46 -10.53 25.43
N LYS E 146 -25.05 -11.76 25.15
CA LYS E 146 -25.93 -12.76 24.51
C LYS E 146 -27.23 -12.98 25.33
N LYS E 147 -27.10 -13.12 26.65
CA LYS E 147 -28.26 -13.25 27.54
C LYS E 147 -29.17 -12.02 27.55
N GLN E 148 -28.57 -10.83 27.45
CA GLN E 148 -29.39 -9.60 27.31
C GLN E 148 -30.24 -9.66 26.01
N LEU E 149 -29.66 -10.19 24.93
CA LEU E 149 -30.39 -10.31 23.67
C LEU E 149 -31.55 -11.32 23.81
N TYR E 150 -31.28 -12.46 24.46
CA TYR E 150 -32.34 -13.46 24.73
C TYR E 150 -33.55 -12.82 25.42
N ASN E 151 -33.31 -12.08 26.50
CA ASN E 151 -34.40 -11.45 27.26
C ASN E 151 -35.16 -10.40 26.46
N ILE E 152 -34.45 -9.61 25.65
CA ILE E 152 -35.12 -8.62 24.80
C ILE E 152 -36.01 -9.27 23.73
N TYR E 153 -35.51 -10.30 23.06
CA TYR E 153 -36.33 -11.01 22.04
C TYR E 153 -37.56 -11.69 22.69
N ALA E 154 -37.37 -12.28 23.86
CA ALA E 154 -38.48 -12.93 24.60
C ALA E 154 -39.58 -11.91 24.94
N LYS E 155 -39.18 -10.76 25.47
CA LYS E 155 -40.13 -9.70 25.77
C LYS E 155 -40.97 -9.30 24.55
N HIS E 156 -40.32 -9.04 23.41
CA HIS E 156 -41.03 -8.45 22.27
C HIS E 156 -41.70 -9.45 21.34
N THR E 157 -41.21 -10.68 21.28
CA THR E 157 -41.83 -11.74 20.47
C THR E 157 -42.88 -12.54 21.24
N LYS E 158 -42.81 -12.51 22.58
CA LYS E 158 -43.65 -13.30 23.49
C LYS E 158 -43.34 -14.80 23.46
N GLN E 159 -42.18 -15.20 22.95
CA GLN E 159 -41.75 -16.58 22.97
C GLN E 159 -40.98 -16.85 24.25
N SER E 160 -40.88 -18.11 24.65
CA SER E 160 -40.09 -18.49 25.83
C SER E 160 -38.60 -18.33 25.56
N LEU E 161 -37.82 -18.22 26.64
CA LEU E 161 -36.37 -18.10 26.51
C LEU E 161 -35.78 -19.33 25.82
N GLN E 162 -36.29 -20.51 26.17
CA GLN E 162 -35.80 -21.77 25.57
C GLN E 162 -35.97 -21.75 24.04
N VAL E 163 -37.12 -21.28 23.56
CA VAL E 163 -37.38 -21.21 22.12
C VAL E 163 -36.48 -20.18 21.42
N ILE E 164 -36.29 -19.01 22.06
CA ILE E 164 -35.36 -18.00 21.54
C ILE E 164 -33.96 -18.54 21.41
N GLU E 165 -33.47 -19.23 22.44
CA GLU E 165 -32.10 -19.74 22.42
C GLU E 165 -31.92 -20.76 21.31
N SER E 166 -32.88 -21.69 21.17
CA SER E 166 -32.83 -22.68 20.08
C SER E 166 -32.84 -22.04 18.69
N ALA E 167 -33.74 -21.08 18.49
CA ALA E 167 -33.85 -20.42 17.19
C ALA E 167 -32.56 -19.65 16.82
N MET E 168 -31.96 -18.95 17.80
CA MET E 168 -30.75 -18.16 17.55
C MET E 168 -29.49 -18.96 17.25
N GLU E 169 -29.50 -20.23 17.61
CA GLU E 169 -28.41 -21.14 17.23
C GLU E 169 -28.50 -21.61 15.76
N ARG E 170 -29.70 -21.53 15.14
CA ARG E 170 -29.87 -21.94 13.73
C ARG E 170 -29.42 -20.85 12.75
N ASP E 171 -28.44 -21.19 11.93
CA ASP E 171 -27.89 -20.23 10.96
C ASP E 171 -28.78 -20.21 9.71
N ARG E 172 -29.81 -19.37 9.74
CA ARG E 172 -30.76 -19.26 8.66
C ARG E 172 -31.59 -18.00 8.71
N TYR E 173 -32.16 -17.64 7.58
CA TYR E 173 -33.09 -16.53 7.48
C TYR E 173 -34.53 -17.04 7.46
N MET E 174 -35.44 -16.14 7.84
CA MET E 174 -36.88 -16.35 7.84
C MET E 174 -37.47 -15.42 6.79
N SER E 175 -38.55 -15.89 6.16
CA SER E 175 -39.42 -15.04 5.34
C SER E 175 -40.21 -14.11 6.25
N PRO E 176 -40.78 -13.03 5.69
CA PRO E 176 -41.65 -12.16 6.51
C PRO E 176 -42.82 -12.89 7.19
N MET E 177 -43.46 -13.83 6.50
CA MET E 177 -44.56 -14.62 7.08
C MET E 177 -44.09 -15.43 8.29
N GLU E 178 -42.93 -16.08 8.18
CA GLU E 178 -42.39 -16.83 9.31
C GLU E 178 -42.06 -15.92 10.51
N ALA E 179 -41.51 -14.74 10.20
CA ALA E 179 -41.17 -13.76 11.23
C ALA E 179 -42.43 -13.24 11.94
N GLN E 180 -43.53 -13.08 11.19
CA GLN E 180 -44.84 -12.72 11.75
C GLN E 180 -45.35 -13.80 12.70
N GLU E 181 -45.33 -15.06 12.25
CA GLU E 181 -45.72 -16.19 13.10
C GLU E 181 -44.87 -16.29 14.38
N PHE E 182 -43.59 -15.95 14.28
CA PHE E 182 -42.66 -16.03 15.41
C PHE E 182 -42.85 -14.88 16.43
N GLY E 183 -43.47 -13.77 16.01
CA GLY E 183 -43.66 -12.58 16.87
C GLY E 183 -42.67 -11.42 16.67
N ILE E 184 -41.84 -11.49 15.62
CA ILE E 184 -40.89 -10.42 15.29
C ILE E 184 -41.59 -9.23 14.66
N LEU E 185 -42.63 -9.47 13.89
CA LEU E 185 -43.38 -8.38 13.27
C LEU E 185 -44.88 -8.66 13.20
N ASP E 186 -45.65 -7.62 12.92
CA ASP E 186 -47.12 -7.68 12.92
C ASP E 186 -47.76 -7.77 11.52
N LYS E 187 -47.22 -7.07 10.53
CA LYS E 187 -47.87 -6.96 9.21
C LYS E 187 -46.89 -7.10 8.03
N VAL E 188 -47.30 -7.91 7.05
CA VAL E 188 -46.58 -8.10 5.79
C VAL E 188 -47.44 -7.48 4.69
N LEU E 189 -47.05 -6.29 4.22
CA LEU E 189 -47.85 -5.51 3.29
C LEU E 189 -47.22 -5.49 1.88
N VAL E 190 -48.05 -5.75 0.87
CA VAL E 190 -47.67 -5.59 -0.55
C VAL E 190 -47.97 -4.16 -1.06
N HIS E 191 -48.97 -3.49 -0.46
CA HIS E 191 -49.54 -2.19 -0.87
C HIS E 191 -49.98 -1.48 0.43
N PRO E 192 -50.05 -0.14 0.44
CA PRO E 192 -50.41 0.50 1.73
C PRO E 192 -51.85 0.19 2.20
N PRO E 193 -52.13 0.32 3.52
CA PRO E 193 -53.42 -0.10 4.08
C PRO E 193 -54.47 0.99 4.00
N LEU F 2 -22.65 10.58 6.65
CA LEU F 2 -23.47 11.78 6.30
C LEU F 2 -24.26 12.27 7.52
N ILE F 3 -24.04 13.52 7.91
CA ILE F 3 -24.76 14.14 9.03
C ILE F 3 -26.00 14.83 8.43
N PRO F 4 -27.22 14.50 8.92
CA PRO F 4 -28.40 15.21 8.40
C PRO F 4 -28.54 16.65 8.91
N ILE F 5 -29.20 17.47 8.14
CA ILE F 5 -29.49 18.89 8.48
C ILE F 5 -30.99 19.14 8.83
N VAL F 6 -31.26 20.17 9.63
CA VAL F 6 -32.63 20.61 9.93
C VAL F 6 -32.75 22.13 9.76
N VAL F 7 -33.92 22.60 9.27
CA VAL F 7 -34.18 23.99 8.88
C VAL F 7 -35.29 24.57 9.74
N ARG F 15 -31.07 29.18 7.48
CA ARG F 15 -31.41 28.50 8.73
C ARG F 15 -31.05 27.00 8.72
N ALA F 16 -29.77 26.67 8.58
CA ALA F 16 -29.26 25.28 8.40
C ALA F 16 -28.32 24.83 9.55
N TYR F 17 -28.83 23.92 10.37
CA TYR F 17 -28.10 23.21 11.42
C TYR F 17 -27.90 21.75 11.01
N ASP F 18 -26.69 21.22 11.16
CA ASP F 18 -26.53 19.75 11.25
C ASP F 18 -27.12 19.26 12.58
N ILE F 19 -27.47 17.98 12.66
CA ILE F 19 -28.24 17.47 13.80
C ILE F 19 -27.54 17.68 15.15
N TYR F 20 -26.20 17.56 15.19
CA TYR F 20 -25.46 17.77 16.44
C TYR F 20 -25.50 19.23 16.88
N SER F 21 -25.41 20.16 15.93
CA SER F 21 -25.58 21.58 16.23
C SER F 21 -26.96 21.90 16.74
N ARG F 22 -27.97 21.25 16.16
CA ARG F 22 -29.33 21.40 16.63
C ARG F 22 -29.48 20.93 18.08
N LEU F 23 -28.88 19.79 18.42
CA LEU F 23 -28.88 19.28 19.80
C LEU F 23 -28.13 20.23 20.74
N LEU F 24 -27.03 20.80 20.26
CA LEU F 24 -26.28 21.79 21.02
C LEU F 24 -27.11 23.01 21.40
N ARG F 25 -27.98 23.49 20.51
CA ARG F 25 -28.92 24.58 20.84
C ARG F 25 -29.89 24.22 21.97
N GLU F 26 -30.16 22.93 22.20
CA GLU F 26 -30.92 22.46 23.37
C GLU F 26 -30.04 22.00 24.56
N ARG F 27 -28.78 22.42 24.58
CA ARG F 27 -27.84 22.11 25.67
C ARG F 27 -27.44 20.62 25.83
N ILE F 28 -27.42 19.92 24.71
CA ILE F 28 -26.98 18.51 24.66
C ILE F 28 -25.62 18.44 23.95
N VAL F 29 -24.63 17.89 24.65
CA VAL F 29 -23.28 17.67 24.09
C VAL F 29 -23.06 16.17 23.95
N CYS F 30 -22.50 15.75 22.80
CA CYS F 30 -22.28 14.33 22.50
C CYS F 30 -20.78 13.96 22.62
N VAL F 31 -20.49 12.95 23.45
CA VAL F 31 -19.15 12.40 23.61
C VAL F 31 -19.21 10.96 23.09
N MET F 32 -18.81 10.78 21.84
CA MET F 32 -19.04 9.52 21.11
C MET F 32 -17.75 9.01 20.50
N GLY F 33 -17.55 7.71 20.56
CA GLY F 33 -16.37 7.09 19.99
C GLY F 33 -15.12 7.32 20.81
N PRO F 34 -13.96 6.97 20.25
CA PRO F 34 -12.70 7.12 21.00
C PRO F 34 -12.39 8.58 21.33
N ILE F 35 -11.95 8.80 22.56
CA ILE F 35 -11.64 10.14 23.05
C ILE F 35 -10.17 10.42 22.77
N ASP F 36 -9.91 11.33 21.84
CA ASP F 36 -8.55 11.84 21.59
C ASP F 36 -8.54 13.37 21.80
N ASP F 37 -7.39 14.00 21.54
CA ASP F 37 -7.24 15.46 21.64
C ASP F 37 -8.26 16.27 20.84
N SER F 38 -8.56 15.81 19.63
CA SER F 38 -9.54 16.48 18.77
C SER F 38 -10.94 16.44 19.38
N VAL F 39 -11.37 15.26 19.84
CA VAL F 39 -12.67 15.16 20.53
C VAL F 39 -12.72 16.02 21.81
N ALA F 40 -11.66 15.98 22.61
CA ALA F 40 -11.62 16.75 23.85
C ALA F 40 -11.78 18.25 23.60
N SER F 41 -11.02 18.78 22.65
CA SER F 41 -11.11 20.19 22.28
C SER F 41 -12.51 20.63 21.82
N LEU F 42 -13.16 19.79 21.02
CA LEU F 42 -14.53 20.06 20.56
C LEU F 42 -15.53 20.07 21.72
N VAL F 43 -15.41 19.08 22.59
CA VAL F 43 -16.29 19.00 23.76
C VAL F 43 -16.07 20.21 24.67
N ILE F 44 -14.81 20.56 24.93
CA ILE F 44 -14.46 21.72 25.76
C ILE F 44 -15.01 23.02 25.17
N ALA F 45 -14.84 23.20 23.87
CA ALA F 45 -15.36 24.38 23.17
C ALA F 45 -16.90 24.48 23.32
N GLN F 46 -17.58 23.34 23.18
CA GLN F 46 -19.03 23.30 23.37
C GLN F 46 -19.46 23.64 24.82
N LEU F 47 -18.72 23.13 25.80
CA LEU F 47 -18.99 23.44 27.20
C LEU F 47 -18.82 24.94 27.51
N LEU F 48 -17.79 25.58 26.94
CA LEU F 48 -17.62 27.03 27.07
C LEU F 48 -18.76 27.82 26.44
N PHE F 49 -19.23 27.37 25.28
CA PHE F 49 -20.37 28.00 24.61
C PHE F 49 -21.64 27.95 25.45
N LEU F 50 -21.98 26.76 25.93
CA LEU F 50 -23.18 26.59 26.75
C LEU F 50 -23.16 27.36 28.05
N GLN F 51 -21.97 27.48 28.64
CA GLN F 51 -21.77 28.24 29.90
C GLN F 51 -22.07 29.73 29.70
N SER F 52 -21.59 30.30 28.59
CA SER F 52 -21.83 31.71 28.30
C SER F 52 -23.28 32.04 27.93
N GLU F 53 -24.00 31.08 27.34
CA GLU F 53 -25.45 31.22 27.13
C GLU F 53 -26.20 31.31 28.47
N SER F 54 -25.74 30.54 29.46
CA SER F 54 -26.32 30.54 30.80
C SER F 54 -25.43 29.70 31.71
N ASN F 55 -24.94 30.30 32.79
CA ASN F 55 -24.13 29.56 33.77
C ASN F 55 -24.97 28.84 34.85
N LYS F 56 -26.30 28.86 34.73
CA LYS F 56 -27.20 28.18 35.67
C LYS F 56 -27.93 26.97 35.06
N LYS F 57 -28.33 27.07 33.77
CA LYS F 57 -29.15 26.01 33.15
C LYS F 57 -28.35 24.70 32.99
N PRO F 58 -28.98 23.56 33.30
CA PRO F 58 -28.24 22.30 33.19
C PRO F 58 -27.70 22.00 31.76
N ILE F 59 -26.61 21.22 31.72
CA ILE F 59 -26.04 20.72 30.48
C ILE F 59 -26.18 19.20 30.47
N HIS F 60 -26.65 18.65 29.35
CA HIS F 60 -26.79 17.20 29.18
C HIS F 60 -25.61 16.66 28.35
N MET F 61 -24.95 15.64 28.89
CA MET F 61 -23.77 15.03 28.27
C MET F 61 -24.09 13.57 27.92
N TYR F 62 -24.24 13.29 26.62
CA TYR F 62 -24.49 11.95 26.11
C TYR F 62 -23.14 11.23 25.92
N ILE F 63 -22.99 10.06 26.54
CA ILE F 63 -21.74 9.32 26.51
C ILE F 63 -21.94 7.92 25.97
N ASN F 64 -21.29 7.66 24.82
CA ASN F 64 -21.22 6.33 24.23
C ASN F 64 -19.81 6.16 23.68
N SER F 65 -18.91 5.60 24.49
CA SER F 65 -17.48 5.64 24.19
C SER F 65 -16.75 4.43 24.77
N PRO F 66 -15.82 3.83 24.00
CA PRO F 66 -14.94 2.76 24.50
C PRO F 66 -13.70 3.26 25.27
N GLY F 67 -13.51 4.57 25.36
CA GLY F 67 -12.37 5.13 26.11
C GLY F 67 -11.51 5.98 25.20
N GLY F 68 -10.23 6.06 25.53
CA GLY F 68 -9.31 6.91 24.77
C GLY F 68 -8.10 7.39 25.53
N VAL F 69 -7.54 8.50 25.05
CA VAL F 69 -6.27 9.05 25.59
C VAL F 69 -6.49 9.64 26.99
N VAL F 70 -5.66 9.28 27.95
CA VAL F 70 -5.85 9.71 29.35
C VAL F 70 -5.86 11.24 29.52
N THR F 71 -4.87 11.93 28.96
CA THR F 71 -4.79 13.41 29.13
C THR F 71 -5.97 14.13 28.47
N ALA F 72 -6.46 13.59 27.35
CA ALA F 72 -7.64 14.15 26.68
C ALA F 72 -8.90 13.97 27.54
N GLY F 73 -9.06 12.79 28.14
CA GLY F 73 -10.13 12.55 29.09
C GLY F 73 -10.05 13.48 30.30
N LEU F 74 -8.86 13.63 30.86
CA LEU F 74 -8.64 14.53 31.99
C LEU F 74 -8.93 15.99 31.66
N ALA F 75 -8.67 16.40 30.43
CA ALA F 75 -8.98 17.77 29.98
C ALA F 75 -10.47 18.06 30.03
N ILE F 76 -11.26 17.11 29.54
CA ILE F 76 -12.73 17.21 29.61
C ILE F 76 -13.18 17.17 31.07
N TYR F 77 -12.64 16.24 31.85
CA TYR F 77 -12.97 16.13 33.28
C TYR F 77 -12.79 17.47 33.98
N ASP F 78 -11.61 18.08 33.82
CA ASP F 78 -11.30 19.34 34.52
C ASP F 78 -12.23 20.47 34.10
N THR F 79 -12.60 20.50 32.83
CA THR F 79 -13.51 21.54 32.32
C THR F 79 -14.93 21.38 32.88
N MET F 80 -15.39 20.15 32.99
CA MET F 80 -16.68 19.82 33.64
C MET F 80 -16.73 20.37 35.08
N GLN F 81 -15.68 20.10 35.84
CA GLN F 81 -15.56 20.60 37.22
C GLN F 81 -15.49 22.13 37.24
N TYR F 82 -14.73 22.73 36.31
CA TYR F 82 -14.48 24.16 36.29
C TYR F 82 -15.71 25.03 36.03
N ILE F 83 -16.54 24.66 35.07
CA ILE F 83 -17.74 25.48 34.76
C ILE F 83 -18.73 25.35 35.94
N LEU F 84 -19.61 26.35 36.04
CA LEU F 84 -20.53 26.45 37.16
C LEU F 84 -21.79 25.60 36.98
N ASN F 85 -22.13 25.28 35.73
CA ASN F 85 -23.37 24.60 35.42
C ASN F 85 -23.46 23.21 36.06
N PRO F 86 -24.69 22.79 36.43
CA PRO F 86 -24.87 21.37 36.71
C PRO F 86 -24.77 20.59 35.38
N ILE F 87 -24.22 19.37 35.45
CA ILE F 87 -24.03 18.54 34.28
C ILE F 87 -24.67 17.19 34.54
N CYS F 88 -25.67 16.86 33.73
CA CYS F 88 -26.32 15.54 33.75
C CYS F 88 -25.60 14.63 32.77
N THR F 89 -25.06 13.52 33.25
CA THR F 89 -24.41 12.54 32.37
C THR F 89 -25.38 11.40 32.06
N TRP F 90 -25.35 10.96 30.80
CA TRP F 90 -26.22 9.88 30.29
C TRP F 90 -25.40 8.81 29.54
N CYS F 91 -25.31 7.61 30.12
CA CYS F 91 -24.64 6.47 29.46
C CYS F 91 -25.63 5.68 28.59
N VAL F 92 -25.39 5.68 27.27
CA VAL F 92 -26.15 4.90 26.33
C VAL F 92 -25.17 4.06 25.52
N GLY F 93 -25.37 2.75 25.47
CA GLY F 93 -24.46 1.85 24.78
C GLY F 93 -23.36 1.40 25.70
N GLN F 94 -22.32 2.22 25.85
CA GLN F 94 -21.25 1.90 26.81
C GLN F 94 -20.46 3.12 27.28
N ALA F 95 -19.83 2.97 28.43
CA ALA F 95 -18.84 3.91 28.93
C ALA F 95 -17.72 3.08 29.52
N ALA F 96 -16.62 2.96 28.77
CA ALA F 96 -15.45 2.18 29.20
C ALA F 96 -14.25 3.11 29.41
N SER F 97 -13.40 2.75 30.36
CA SER F 97 -12.15 3.47 30.63
C SER F 97 -12.47 4.96 30.86
N MET F 98 -11.87 5.89 30.12
CA MET F 98 -12.09 7.34 30.33
C MET F 98 -13.55 7.76 30.18
N GLY F 99 -14.31 7.03 29.36
CA GLY F 99 -15.75 7.27 29.26
C GLY F 99 -16.48 7.09 30.58
N SER F 100 -16.11 6.09 31.37
CA SER F 100 -16.76 5.86 32.66
C SER F 100 -16.35 6.92 33.70
N LEU F 101 -15.16 7.50 33.55
CA LEU F 101 -14.72 8.58 34.43
C LEU F 101 -15.57 9.83 34.22
N LEU F 102 -15.82 10.17 32.96
CA LEU F 102 -16.69 11.30 32.62
C LEU F 102 -18.12 11.08 33.13
N LEU F 103 -18.64 9.87 32.97
CA LEU F 103 -19.98 9.51 33.48
C LEU F 103 -20.06 9.75 34.99
N ALA F 104 -19.08 9.23 35.72
CA ALA F 104 -19.00 9.38 37.18
C ALA F 104 -18.80 10.82 37.66
N ALA F 105 -18.25 11.68 36.79
CA ALA F 105 -17.96 13.07 37.12
C ALA F 105 -19.14 14.02 36.93
N GLY F 106 -20.32 13.52 36.57
CA GLY F 106 -21.51 14.37 36.49
C GLY F 106 -21.91 14.87 37.89
N THR F 107 -22.70 15.93 37.92
CA THR F 107 -23.23 16.50 39.18
C THR F 107 -23.93 15.42 40.01
N PRO F 108 -23.62 15.33 41.32
CA PRO F 108 -24.24 14.28 42.16
C PRO F 108 -25.77 14.31 42.08
N GLY F 109 -26.38 13.13 42.01
CA GLY F 109 -27.81 12.99 41.72
C GLY F 109 -28.21 13.04 40.25
N MET F 110 -27.32 13.47 39.35
CA MET F 110 -27.66 13.67 37.93
C MET F 110 -26.90 12.75 36.95
N ARG F 111 -26.47 11.58 37.43
CA ARG F 111 -25.71 10.62 36.63
C ARG F 111 -26.60 9.41 36.31
N HIS F 112 -26.87 9.21 35.02
CA HIS F 112 -27.91 8.31 34.52
C HIS F 112 -27.30 7.23 33.57
N SER F 113 -27.95 6.07 33.53
CA SER F 113 -27.75 5.10 32.47
C SER F 113 -29.07 4.50 32.01
N LEU F 114 -29.16 4.18 30.73
CA LEU F 114 -30.27 3.40 30.20
C LEU F 114 -30.02 1.92 30.52
N PRO F 115 -31.06 1.06 30.43
CA PRO F 115 -30.98 -0.26 31.08
C PRO F 115 -29.98 -1.28 30.52
N ASN F 116 -29.64 -1.22 29.23
CA ASN F 116 -28.75 -2.21 28.63
C ASN F 116 -27.29 -1.77 28.42
N SER F 117 -26.94 -0.60 28.94
CA SER F 117 -25.57 -0.07 28.83
C SER F 117 -24.57 -0.94 29.57
N ARG F 118 -23.31 -0.86 29.17
CA ARG F 118 -22.20 -1.57 29.80
C ARG F 118 -21.16 -0.55 30.28
N ILE F 119 -20.68 -0.72 31.51
CA ILE F 119 -19.78 0.23 32.15
C ILE F 119 -18.51 -0.47 32.62
N MET F 120 -17.35 0.05 32.26
CA MET F 120 -16.05 -0.55 32.63
C MET F 120 -15.11 0.54 33.14
N ILE F 121 -14.52 0.32 34.32
CA ILE F 121 -13.51 1.24 34.85
C ILE F 121 -12.07 0.75 34.62
N HIS F 122 -11.90 -0.53 34.30
CA HIS F 122 -10.60 -1.08 33.85
C HIS F 122 -10.09 -0.32 32.62
N GLN F 123 -8.78 -0.14 32.53
CA GLN F 123 -8.10 0.57 31.42
C GLN F 123 -7.52 -0.49 30.47
N PRO F 124 -8.03 -0.59 29.21
CA PRO F 124 -7.44 -1.57 28.28
C PRO F 124 -6.13 -1.07 27.65
N ILE F 137 5.60 7.49 26.75
CA ILE F 137 5.68 7.93 28.14
C ILE F 137 6.62 7.00 28.94
N GLN F 138 7.43 7.58 29.84
CA GLN F 138 8.19 6.82 30.84
C GLN F 138 7.32 6.09 31.89
N ALA F 139 7.87 5.03 32.47
CA ALA F 139 7.21 4.22 33.49
C ALA F 139 6.65 5.05 34.66
N GLU F 140 7.48 5.94 35.19
CA GLU F 140 7.05 6.79 36.31
C GLU F 140 5.84 7.66 35.95
N GLU F 141 5.81 8.17 34.72
CA GLU F 141 4.70 9.02 34.26
C GLU F 141 3.39 8.26 34.08
N ILE F 142 3.45 7.04 33.57
CA ILE F 142 2.23 6.24 33.42
C ILE F 142 1.63 5.94 34.79
N MET F 143 2.45 5.68 35.81
CA MET F 143 1.96 5.49 37.19
C MET F 143 1.37 6.75 37.81
N LYS F 144 1.99 7.89 37.57
CA LYS F 144 1.45 9.16 38.07
C LYS F 144 0.05 9.44 37.51
N LEU F 145 -0.14 9.21 36.20
CA LEU F 145 -1.45 9.36 35.58
C LEU F 145 -2.46 8.37 36.15
N LYS F 146 -2.03 7.12 36.32
CA LYS F 146 -2.88 6.08 36.92
C LYS F 146 -3.36 6.48 38.32
N LYS F 147 -2.46 7.01 39.16
CA LYS F 147 -2.83 7.50 40.51
C LYS F 147 -3.78 8.69 40.46
N GLN F 148 -3.65 9.57 39.48
CA GLN F 148 -4.65 10.65 39.31
C GLN F 148 -6.04 10.06 39.02
N LEU F 149 -6.11 8.98 38.24
CA LEU F 149 -7.39 8.34 37.97
C LEU F 149 -7.98 7.71 39.24
N TYR F 150 -7.14 7.03 40.03
CA TYR F 150 -7.57 6.46 41.32
C TYR F 150 -8.23 7.52 42.21
N ASN F 151 -7.58 8.66 42.39
CA ASN F 151 -8.12 9.74 43.24
C ASN F 151 -9.40 10.34 42.69
N ILE F 152 -9.52 10.50 41.38
CA ILE F 152 -10.77 11.02 40.80
C ILE F 152 -11.94 10.04 40.99
N TYR F 153 -11.72 8.76 40.76
CA TYR F 153 -12.79 7.77 40.96
C TYR F 153 -13.20 7.68 42.45
N ALA F 154 -12.22 7.75 43.34
CA ALA F 154 -12.48 7.74 44.80
C ALA F 154 -13.35 8.92 45.23
N LYS F 155 -12.99 10.11 44.77
CA LYS F 155 -13.79 11.31 45.04
C LYS F 155 -15.24 11.16 44.60
N HIS F 156 -15.48 10.70 43.37
CA HIS F 156 -16.84 10.74 42.83
C HIS F 156 -17.70 9.51 43.16
N THR F 157 -17.07 8.36 43.39
CA THR F 157 -17.79 7.15 43.77
C THR F 157 -17.94 6.97 45.28
N LYS F 158 -17.10 7.66 46.05
CA LYS F 158 -17.01 7.54 47.52
C LYS F 158 -16.44 6.20 48.00
N GLN F 159 -15.77 5.45 47.12
CA GLN F 159 -15.11 4.20 47.51
C GLN F 159 -13.69 4.49 47.93
N SER F 160 -13.08 3.60 48.71
CA SER F 160 -11.69 3.77 49.13
C SER F 160 -10.73 3.57 47.94
N LEU F 161 -9.54 4.15 48.05
CA LEU F 161 -8.49 3.97 47.06
C LEU F 161 -8.13 2.50 46.82
N GLN F 162 -8.09 1.71 47.89
CA GLN F 162 -7.77 0.29 47.79
C GLN F 162 -8.81 -0.45 46.94
N VAL F 163 -10.10 -0.15 47.13
CA VAL F 163 -11.17 -0.79 46.36
C VAL F 163 -11.13 -0.36 44.88
N ILE F 164 -10.88 0.92 44.62
CA ILE F 164 -10.73 1.41 43.24
C ILE F 164 -9.59 0.68 42.52
N GLU F 165 -8.45 0.57 43.16
CA GLU F 165 -7.30 -0.11 42.61
C GLU F 165 -7.59 -1.54 42.26
N SER F 166 -8.18 -2.27 43.19
CA SER F 166 -8.58 -3.67 42.96
C SER F 166 -9.57 -3.83 41.81
N ALA F 167 -10.60 -3.00 41.80
CA ALA F 167 -11.63 -3.06 40.74
C ALA F 167 -11.05 -2.78 39.34
N MET F 168 -10.16 -1.79 39.24
CA MET F 168 -9.54 -1.41 37.94
C MET F 168 -8.59 -2.46 37.35
N GLU F 169 -8.10 -3.36 38.18
CA GLU F 169 -7.31 -4.48 37.71
C GLU F 169 -8.19 -5.62 37.09
N ARG F 170 -9.48 -5.67 37.43
CA ARG F 170 -10.39 -6.71 36.90
C ARG F 170 -10.92 -6.36 35.51
N ASP F 171 -10.62 -7.21 34.55
CA ASP F 171 -11.02 -6.99 33.16
C ASP F 171 -12.48 -7.46 32.97
N ARG F 172 -13.42 -6.58 33.28
CA ARG F 172 -14.85 -6.91 33.19
C ARG F 172 -15.70 -5.66 33.06
N TYR F 173 -16.90 -5.84 32.55
CA TYR F 173 -17.91 -4.79 32.55
C TYR F 173 -18.92 -5.01 33.69
N MET F 174 -19.58 -3.92 34.06
CA MET F 174 -20.64 -3.86 35.04
C MET F 174 -21.94 -3.52 34.33
N SER F 175 -23.04 -4.07 34.82
CA SER F 175 -24.39 -3.64 34.45
C SER F 175 -24.65 -2.27 35.08
N PRO F 176 -25.67 -1.55 34.59
CA PRO F 176 -26.03 -0.26 35.21
C PRO F 176 -26.35 -0.37 36.72
N MET F 177 -27.01 -1.45 37.12
CA MET F 177 -27.33 -1.65 38.53
C MET F 177 -26.04 -1.73 39.36
N GLU F 178 -25.10 -2.56 38.91
CA GLU F 178 -23.82 -2.71 39.61
C GLU F 178 -23.05 -1.38 39.70
N ALA F 179 -23.08 -0.62 38.62
CA ALA F 179 -22.43 0.69 38.56
C ALA F 179 -23.07 1.67 39.54
N GLN F 180 -24.39 1.58 39.70
CA GLN F 180 -25.13 2.37 40.71
C GLN F 180 -24.68 2.00 42.12
N GLU F 181 -24.67 0.71 42.43
CA GLU F 181 -24.18 0.21 43.73
C GLU F 181 -22.74 0.65 44.02
N PHE F 182 -21.90 0.69 42.99
CA PHE F 182 -20.49 1.07 43.13
C PHE F 182 -20.27 2.57 43.32
N GLY F 183 -21.26 3.40 42.96
CA GLY F 183 -21.15 4.87 43.05
C GLY F 183 -20.79 5.62 41.76
N ILE F 184 -20.77 4.92 40.63
CA ILE F 184 -20.49 5.54 39.32
C ILE F 184 -21.67 6.34 38.81
N LEU F 185 -22.89 5.89 39.11
CA LEU F 185 -24.07 6.62 38.67
C LEU F 185 -25.20 6.57 39.71
N ASP F 186 -26.19 7.43 39.52
CA ASP F 186 -27.30 7.60 40.48
C ASP F 186 -28.60 6.92 40.06
N LYS F 187 -28.96 6.95 38.77
CA LYS F 187 -30.29 6.49 38.31
C LYS F 187 -30.26 5.66 37.03
N VAL F 188 -31.00 4.55 37.05
CA VAL F 188 -31.19 3.64 35.93
C VAL F 188 -32.65 3.79 35.48
N LEU F 189 -32.87 4.47 34.37
CA LEU F 189 -34.22 4.78 33.88
C LEU F 189 -34.57 3.95 32.63
N VAL F 190 -35.75 3.34 32.62
CA VAL F 190 -36.33 2.73 31.40
C VAL F 190 -37.14 3.74 30.57
N HIS F 191 -37.73 4.75 31.24
CA HIS F 191 -38.74 5.70 30.73
C HIS F 191 -38.55 6.98 31.54
N PRO F 192 -38.94 8.17 31.03
CA PRO F 192 -38.77 9.37 31.89
C PRO F 192 -39.63 9.35 33.17
N PRO F 193 -39.23 10.12 34.21
CA PRO F 193 -39.91 10.05 35.51
C PRO F 193 -41.10 11.01 35.58
N LEU G 2 -16.03 16.24 12.54
CA LEU G 2 -17.18 17.16 12.21
C LEU G 2 -17.26 18.31 13.20
N ILE G 3 -17.12 19.56 12.72
CA ILE G 3 -17.14 20.74 13.57
C ILE G 3 -18.58 21.24 13.64
N PRO G 4 -19.16 21.39 14.86
CA PRO G 4 -20.53 21.94 14.91
C PRO G 4 -20.62 23.43 14.66
N ILE G 5 -21.77 23.89 14.19
CA ILE G 5 -22.00 25.28 13.86
C ILE G 5 -22.87 25.99 14.88
N VAL G 6 -22.66 27.29 15.10
CA VAL G 6 -23.43 27.99 16.13
C VAL G 6 -23.76 29.47 15.92
N VAL G 7 -24.98 29.86 16.31
CA VAL G 7 -25.57 31.21 16.26
C VAL G 7 -25.87 31.77 14.86
N TYR G 17 -21.27 30.30 12.08
CA TYR G 17 -19.92 30.08 12.58
C TYR G 17 -19.73 28.60 12.94
N ASP G 18 -18.61 27.97 12.55
CA ASP G 18 -18.17 26.76 13.26
C ASP G 18 -17.71 27.13 14.69
N ILE G 19 -17.69 26.17 15.61
CA ILE G 19 -17.47 26.47 17.03
C ILE G 19 -16.14 27.18 17.31
N TYR G 20 -15.07 26.83 16.59
CA TYR G 20 -13.76 27.51 16.78
C TYR G 20 -13.82 28.97 16.33
N SER G 21 -14.51 29.23 15.21
CA SER G 21 -14.72 30.61 14.77
C SER G 21 -15.54 31.42 15.77
N ARG G 22 -16.53 30.77 16.36
CA ARG G 22 -17.32 31.41 17.40
C ARG G 22 -16.48 31.78 18.61
N LEU G 23 -15.58 30.87 19.02
CA LEU G 23 -14.63 31.17 20.12
C LEU G 23 -13.67 32.29 19.74
N LEU G 24 -13.24 32.32 18.48
CA LEU G 24 -12.39 33.40 17.98
C LEU G 24 -13.04 34.79 18.10
N ARG G 25 -14.36 34.88 17.85
CA ARG G 25 -15.11 36.13 18.06
C ARG G 25 -15.11 36.60 19.52
N GLU G 26 -14.92 35.68 20.48
CA GLU G 26 -14.72 36.04 21.90
C GLU G 26 -13.24 36.10 22.33
N ARG G 27 -12.33 36.25 21.36
CA ARG G 27 -10.88 36.41 21.63
C ARG G 27 -10.18 35.17 22.22
N ILE G 28 -10.68 33.98 21.88
CA ILE G 28 -10.07 32.71 22.29
C ILE G 28 -9.43 32.05 21.07
N VAL G 29 -8.13 31.79 21.15
CA VAL G 29 -7.36 31.11 20.11
C VAL G 29 -6.94 29.73 20.62
N CYS G 30 -7.11 28.71 19.79
CA CYS G 30 -6.84 27.31 20.19
C CYS G 30 -5.55 26.78 19.55
N VAL G 31 -4.62 26.31 20.41
CA VAL G 31 -3.36 25.70 19.97
C VAL G 31 -3.43 24.24 20.41
N MET G 32 -3.82 23.38 19.47
CA MET G 32 -4.20 21.99 19.79
C MET G 32 -3.46 21.02 18.89
N GLY G 33 -3.00 19.92 19.48
CA GLY G 33 -2.29 18.90 18.72
C GLY G 33 -0.86 19.31 18.36
N PRO G 34 -0.22 18.54 17.49
CA PRO G 34 1.17 18.82 17.13
C PRO G 34 1.33 20.17 16.42
N ILE G 35 2.33 20.93 16.81
CA ILE G 35 2.58 22.24 16.25
C ILE G 35 3.51 22.09 15.05
N ASP G 36 2.99 22.33 13.86
CA ASP G 36 3.82 22.43 12.65
C ASP G 36 3.63 23.80 12.00
N ASP G 37 4.25 24.02 10.83
CA ASP G 37 4.14 25.28 10.08
C ASP G 37 2.70 25.72 9.78
N SER G 38 1.85 24.77 9.43
CA SER G 38 0.43 25.06 9.16
C SER G 38 -0.29 25.57 10.40
N VAL G 39 -0.11 24.89 11.53
CA VAL G 39 -0.70 25.37 12.80
C VAL G 39 -0.15 26.76 13.20
N ALA G 40 1.15 26.95 13.08
CA ALA G 40 1.76 28.24 13.45
C ALA G 40 1.19 29.40 12.63
N SER G 41 1.11 29.22 11.31
CA SER G 41 0.54 30.25 10.43
C SER G 41 -0.90 30.61 10.77
N LEU G 42 -1.72 29.61 11.08
CA LEU G 42 -3.11 29.84 11.49
C LEU G 42 -3.21 30.60 12.79
N VAL G 43 -2.40 30.19 13.77
CA VAL G 43 -2.40 30.88 15.06
C VAL G 43 -1.93 32.33 14.88
N ILE G 44 -0.85 32.53 14.11
CA ILE G 44 -0.32 33.87 13.85
C ILE G 44 -1.36 34.76 13.16
N ALA G 45 -2.03 34.23 12.16
CA ALA G 45 -3.09 34.95 11.45
C ALA G 45 -4.22 35.37 12.39
N GLN G 46 -4.62 34.46 13.29
CA GLN G 46 -5.63 34.77 14.30
C GLN G 46 -5.17 35.85 15.28
N LEU G 47 -3.91 35.80 15.71
CA LEU G 47 -3.36 36.83 16.60
C LEU G 47 -3.36 38.21 15.94
N LEU G 48 -3.01 38.29 14.65
CA LEU G 48 -3.08 39.56 13.91
C LEU G 48 -4.51 40.10 13.78
N PHE G 49 -5.47 39.21 13.58
CA PHE G 49 -6.88 39.58 13.51
C PHE G 49 -7.36 40.19 14.83
N LEU G 50 -7.12 39.48 15.92
CA LEU G 50 -7.55 39.95 17.24
C LEU G 50 -6.91 41.27 17.65
N GLN G 51 -5.67 41.48 17.23
CA GLN G 51 -4.94 42.71 17.55
C GLN G 51 -5.60 43.91 16.87
N SER G 52 -5.94 43.76 15.59
CA SER G 52 -6.58 44.83 14.84
C SER G 52 -8.00 45.17 15.31
N GLU G 53 -8.73 44.20 15.86
CA GLU G 53 -10.01 44.46 16.52
C GLU G 53 -9.83 45.34 17.76
N SER G 54 -8.74 45.11 18.50
CA SER G 54 -8.39 45.90 19.68
C SER G 54 -7.00 45.50 20.15
N ASN G 55 -6.09 46.48 20.23
CA ASN G 55 -4.74 46.23 20.72
C ASN G 55 -4.60 46.32 22.25
N LYS G 56 -5.72 46.50 22.96
CA LYS G 56 -5.73 46.55 24.43
C LYS G 56 -6.42 45.35 25.09
N LYS G 57 -7.50 44.84 24.48
CA LYS G 57 -8.31 43.77 25.10
C LYS G 57 -7.52 42.45 25.18
N PRO G 58 -7.59 41.75 26.33
CA PRO G 58 -6.82 40.50 26.44
C PRO G 58 -7.18 39.43 25.38
N ILE G 59 -6.20 38.57 25.09
CA ILE G 59 -6.37 37.42 24.22
C ILE G 59 -6.17 36.16 25.06
N HIS G 60 -7.08 35.20 24.91
CA HIS G 60 -7.00 33.91 25.61
C HIS G 60 -6.45 32.83 24.66
N MET G 61 -5.39 32.14 25.10
CA MET G 61 -4.73 31.11 24.32
C MET G 61 -4.89 29.76 25.04
N TYR G 62 -5.72 28.89 24.46
CA TYR G 62 -5.96 27.53 24.95
C TYR G 62 -4.89 26.60 24.39
N ILE G 63 -4.17 25.90 25.27
CA ILE G 63 -3.05 25.04 24.89
C ILE G 63 -3.26 23.62 25.37
N ASN G 64 -3.39 22.71 24.41
CA ASN G 64 -3.42 21.27 24.65
C ASN G 64 -2.61 20.62 23.55
N SER G 65 -1.31 20.38 23.80
CA SER G 65 -0.38 20.03 22.73
C SER G 65 0.78 19.20 23.26
N PRO G 66 1.16 18.12 22.54
CA PRO G 66 2.36 17.34 22.85
C PRO G 66 3.69 17.95 22.32
N GLY G 67 3.62 19.08 21.62
CA GLY G 67 4.83 19.74 21.12
C GLY G 67 4.81 19.85 19.62
N GLY G 68 5.98 19.95 19.02
CA GLY G 68 6.08 20.03 17.56
C GLY G 68 7.37 20.61 17.05
N VAL G 69 7.31 21.20 15.86
CA VAL G 69 8.51 21.72 15.16
C VAL G 69 9.04 22.97 15.87
N VAL G 70 10.34 23.00 16.15
CA VAL G 70 10.92 24.11 16.92
C VAL G 70 10.72 25.49 16.27
N THR G 71 11.02 25.62 14.98
CA THR G 71 10.91 26.92 14.30
C THR G 71 9.44 27.42 14.23
N ALA G 72 8.50 26.48 14.11
CA ALA G 72 7.07 26.81 14.11
C ALA G 72 6.62 27.30 15.49
N GLY G 73 7.10 26.64 16.55
CA GLY G 73 6.87 27.12 17.92
C GLY G 73 7.46 28.51 18.15
N LEU G 74 8.69 28.71 17.70
CA LEU G 74 9.35 30.01 17.84
C LEU G 74 8.64 31.13 17.07
N ALA G 75 8.03 30.78 15.94
CA ALA G 75 7.26 31.77 15.16
C ALA G 75 6.06 32.30 15.94
N ILE G 76 5.34 31.38 16.60
CA ILE G 76 4.23 31.75 17.46
C ILE G 76 4.74 32.55 18.67
N TYR G 77 5.81 32.07 19.30
CA TYR G 77 6.42 32.75 20.44
C TYR G 77 6.71 34.22 20.10
N ASP G 78 7.42 34.45 18.99
CA ASP G 78 7.82 35.81 18.61
C ASP G 78 6.62 36.71 18.33
N THR G 79 5.57 36.16 17.75
CA THR G 79 4.36 36.92 17.46
C THR G 79 3.62 37.32 18.73
N MET G 80 3.56 36.41 19.71
CA MET G 80 3.01 36.69 21.04
C MET G 80 3.70 37.88 21.70
N GLN G 81 5.03 37.87 21.69
CA GLN G 81 5.82 38.98 22.23
C GLN G 81 5.59 40.27 21.43
N TYR G 82 5.52 40.16 20.10
CA TYR G 82 5.43 41.33 19.21
C TYR G 82 4.14 42.13 19.35
N ILE G 83 2.99 41.47 19.42
CA ILE G 83 1.73 42.20 19.56
C ILE G 83 1.64 42.87 20.95
N LEU G 84 0.81 43.90 21.02
CA LEU G 84 0.73 44.73 22.23
C LEU G 84 -0.20 44.13 23.28
N ASN G 85 -1.13 43.27 22.86
CA ASN G 85 -2.16 42.76 23.77
C ASN G 85 -1.59 41.95 24.92
N PRO G 86 -2.24 42.00 26.10
CA PRO G 86 -1.94 40.96 27.08
C PRO G 86 -2.49 39.60 26.60
N ILE G 87 -1.77 38.53 26.92
CA ILE G 87 -2.13 37.19 26.49
C ILE G 87 -2.21 36.31 27.71
N CYS G 88 -3.41 35.77 27.96
CA CYS G 88 -3.64 34.79 29.03
C CYS G 88 -3.47 33.39 28.44
N THR G 89 -2.54 32.61 28.99
CA THR G 89 -2.35 31.24 28.54
C THR G 89 -3.06 30.27 29.49
N TRP G 90 -3.69 29.25 28.90
CA TRP G 90 -4.45 28.23 29.64
C TRP G 90 -4.04 26.80 29.23
N CYS G 91 -3.39 26.07 30.13
CA CYS G 91 -3.03 24.66 29.90
C CYS G 91 -4.16 23.72 30.34
N VAL G 92 -4.74 23.01 29.37
CA VAL G 92 -5.75 22.00 29.64
C VAL G 92 -5.29 20.71 28.96
N GLY G 93 -5.23 19.62 29.71
CA GLY G 93 -4.74 18.35 29.18
C GLY G 93 -3.24 18.25 29.33
N GLN G 94 -2.50 18.83 28.38
CA GLN G 94 -1.04 18.89 28.50
C GLN G 94 -0.39 20.00 27.70
N ALA G 95 0.81 20.36 28.13
CA ALA G 95 1.70 21.25 27.36
C ALA G 95 3.09 20.66 27.48
N ALA G 96 3.52 19.98 26.42
CA ALA G 96 4.85 19.35 26.37
C ALA G 96 5.72 20.03 25.33
N SER G 97 7.03 20.08 25.60
CA SER G 97 8.01 20.60 24.64
C SER G 97 7.60 22.04 24.24
N MET G 98 7.45 22.34 22.94
CA MET G 98 7.11 23.71 22.49
C MET G 98 5.79 24.24 23.07
N GLY G 99 4.86 23.33 23.36
CA GLY G 99 3.63 23.72 24.05
C GLY G 99 3.87 24.39 25.41
N SER G 100 4.83 23.87 26.18
CA SER G 100 5.13 24.46 27.49
C SER G 100 5.85 25.81 27.37
N LEU G 101 6.58 26.01 26.26
CA LEU G 101 7.23 27.29 26.01
C LEU G 101 6.18 28.39 25.77
N LEU G 102 5.18 28.08 24.97
CA LEU G 102 4.09 29.00 24.70
C LEU G 102 3.30 29.32 25.98
N LEU G 103 3.05 28.31 26.81
CA LEU G 103 2.37 28.50 28.10
C LEU G 103 3.15 29.49 28.98
N ALA G 104 4.46 29.26 29.10
CA ALA G 104 5.35 30.12 29.89
C ALA G 104 5.50 31.55 29.35
N ALA G 105 5.25 31.72 28.05
CA ALA G 105 5.38 33.01 27.37
C ALA G 105 4.16 33.92 27.49
N GLY G 106 3.13 33.52 28.23
CA GLY G 106 1.98 34.40 28.46
C GLY G 106 2.40 35.60 29.32
N THR G 107 1.56 36.65 29.29
CA THR G 107 1.78 37.86 30.08
C THR G 107 1.94 37.50 31.57
N PRO G 108 2.96 38.05 32.26
CA PRO G 108 3.17 37.72 33.68
C PRO G 108 1.90 37.95 34.53
N GLY G 109 1.63 37.03 35.45
CA GLY G 109 0.37 37.01 36.18
C GLY G 109 -0.82 36.36 35.47
N MET G 110 -0.73 36.11 34.17
CA MET G 110 -1.87 35.60 33.38
C MET G 110 -1.66 34.19 32.77
N ARG G 111 -0.81 33.38 33.41
CA ARG G 111 -0.49 32.04 32.94
C ARG G 111 -1.14 31.01 33.89
N HIS G 112 -2.06 30.21 33.34
CA HIS G 112 -2.93 29.31 34.07
C HIS G 112 -2.84 27.86 33.67
N SER G 113 -3.16 26.98 34.61
CA SER G 113 -3.42 25.57 34.31
C SER G 113 -4.61 25.08 35.13
N LEU G 114 -5.38 24.16 34.53
CA LEU G 114 -6.40 23.42 35.28
C LEU G 114 -5.72 22.30 36.06
N PRO G 115 -6.40 21.70 37.06
CA PRO G 115 -5.69 20.91 38.08
C PRO G 115 -5.03 19.60 37.66
N ASN G 116 -5.54 18.93 36.60
CA ASN G 116 -4.99 17.62 36.21
C ASN G 116 -4.08 17.65 34.98
N SER G 117 -3.72 18.84 34.50
CA SER G 117 -2.84 18.98 33.34
C SER G 117 -1.43 18.47 33.65
N ARG G 118 -0.70 18.11 32.59
CA ARG G 118 0.69 17.66 32.69
C ARG G 118 1.58 18.57 31.84
N ILE G 119 2.71 18.98 32.42
CA ILE G 119 3.60 19.96 31.79
C ILE G 119 5.01 19.39 31.68
N MET G 120 5.59 19.45 30.49
CA MET G 120 6.95 18.92 30.25
C MET G 120 7.77 19.93 29.47
N ILE G 121 8.95 20.26 29.98
CA ILE G 121 9.88 21.14 29.27
C ILE G 121 10.98 20.38 28.51
N HIS G 122 11.19 19.11 28.84
CA HIS G 122 12.06 18.21 28.07
C HIS G 122 11.58 18.13 26.60
N GLN G 123 12.55 18.04 25.69
CA GLN G 123 12.30 17.92 24.24
C GLN G 123 12.41 16.47 23.80
N PRO G 124 11.31 15.83 23.35
CA PRO G 124 11.43 14.44 22.85
C PRO G 124 11.99 14.37 21.43
N ILE G 137 19.31 21.19 9.97
CA ILE G 137 19.52 19.76 9.93
C ILE G 137 20.93 19.38 10.44
N GLN G 138 21.93 20.25 10.24
CA GLN G 138 23.28 20.05 10.77
C GLN G 138 23.38 20.10 12.31
N ALA G 139 24.39 19.43 12.85
CA ALA G 139 24.62 19.35 14.29
C ALA G 139 24.71 20.73 14.96
N GLU G 140 25.49 21.63 14.36
CA GLU G 140 25.63 22.99 14.91
C GLU G 140 24.29 23.73 14.98
N GLU G 141 23.43 23.54 13.99
CA GLU G 141 22.12 24.19 13.96
C GLU G 141 21.15 23.68 15.02
N ILE G 142 21.15 22.37 15.28
CA ILE G 142 20.28 21.81 16.31
C ILE G 142 20.70 22.36 17.70
N MET G 143 22.00 22.53 17.94
CA MET G 143 22.47 23.14 19.20
C MET G 143 22.13 24.62 19.32
N LYS G 144 22.23 25.37 18.22
CA LYS G 144 21.85 26.79 18.25
C LYS G 144 20.36 26.96 18.62
N LEU G 145 19.49 26.14 18.03
CA LEU G 145 18.06 26.17 18.37
C LEU G 145 17.83 25.80 19.83
N LYS G 146 18.52 24.75 20.29
CA LYS G 146 18.44 24.33 21.70
C LYS G 146 18.81 25.48 22.67
N LYS G 147 19.90 26.19 22.38
CA LYS G 147 20.31 27.34 23.18
C LYS G 147 19.32 28.49 23.16
N GLN G 148 18.66 28.72 22.01
CA GLN G 148 17.57 29.71 21.98
C GLN G 148 16.44 29.32 22.93
N LEU G 149 16.12 28.03 23.03
CA LEU G 149 15.08 27.57 23.95
C LEU G 149 15.50 27.79 25.41
N TYR G 150 16.75 27.47 25.73
CA TYR G 150 17.30 27.72 27.09
C TYR G 150 17.09 29.19 27.51
N ASN G 151 17.49 30.13 26.66
CA ASN G 151 17.37 31.55 26.97
C ASN G 151 15.94 32.03 27.09
N ILE G 152 15.03 31.51 26.26
CA ILE G 152 13.61 31.89 26.37
C ILE G 152 13.01 31.37 27.69
N TYR G 153 13.27 30.12 28.06
CA TYR G 153 12.75 29.59 29.33
C TYR G 153 13.31 30.36 30.54
N ALA G 154 14.61 30.68 30.49
CA ALA G 154 15.27 31.47 31.56
C ALA G 154 14.61 32.84 31.74
N LYS G 155 14.33 33.51 30.62
CA LYS G 155 13.70 34.83 30.64
C LYS G 155 12.25 34.86 31.16
N HIS G 156 11.50 33.78 30.96
CA HIS G 156 10.10 33.77 31.41
C HIS G 156 9.85 33.06 32.74
N THR G 157 10.71 32.10 33.10
CA THR G 157 10.61 31.41 34.38
C THR G 157 11.41 32.09 35.51
N LYS G 158 12.39 32.90 35.12
CA LYS G 158 13.35 33.56 36.04
C LYS G 158 14.35 32.58 36.69
N GLN G 159 14.50 31.39 36.13
CA GLN G 159 15.48 30.43 36.62
C GLN G 159 16.80 30.64 35.90
N SER G 160 17.90 30.19 36.50
CA SER G 160 19.21 30.29 35.86
C SER G 160 19.32 29.34 34.67
N LEU G 161 20.22 29.65 33.74
CA LEU G 161 20.50 28.80 32.60
C LEU G 161 20.93 27.38 33.00
N GLN G 162 21.72 27.26 34.08
CA GLN G 162 22.16 25.96 34.55
C GLN G 162 20.98 25.09 35.00
N VAL G 163 20.01 25.68 35.71
CA VAL G 163 18.84 24.95 36.19
C VAL G 163 17.94 24.53 35.02
N ILE G 164 17.74 25.43 34.04
CA ILE G 164 16.96 25.10 32.85
C ILE G 164 17.57 23.91 32.10
N GLU G 165 18.89 23.94 31.91
CA GLU G 165 19.55 22.89 31.15
C GLU G 165 19.41 21.55 31.86
N SER G 166 19.63 21.52 33.17
CA SER G 166 19.46 20.29 33.97
C SER G 166 18.04 19.76 33.91
N ALA G 167 17.05 20.63 34.09
CA ALA G 167 15.65 20.20 34.06
C ALA G 167 15.24 19.63 32.68
N MET G 168 15.69 20.26 31.60
CA MET G 168 15.33 19.82 30.24
C MET G 168 15.95 18.48 29.82
N GLU G 169 17.00 18.06 30.50
CA GLU G 169 17.57 16.74 30.28
C GLU G 169 16.75 15.61 30.97
N ARG G 170 15.93 15.95 31.98
CA ARG G 170 15.11 14.95 32.69
C ARG G 170 13.83 14.63 31.94
N ASP G 171 13.68 13.37 31.57
CA ASP G 171 12.49 12.93 30.81
C ASP G 171 11.33 12.66 31.78
N ARG G 172 10.60 13.72 32.12
CA ARG G 172 9.49 13.65 33.07
C ARG G 172 8.53 14.79 32.87
N TYR G 173 7.31 14.59 33.37
CA TYR G 173 6.30 15.64 33.46
C TYR G 173 6.23 16.22 34.87
N MET G 174 5.71 17.44 34.95
CA MET G 174 5.47 18.18 36.19
C MET G 174 3.96 18.32 36.34
N SER G 175 3.50 18.30 37.60
CA SER G 175 2.15 18.70 37.94
C SER G 175 2.02 20.22 37.80
N PRO G 176 0.79 20.74 37.74
CA PRO G 176 0.61 22.19 37.70
C PRO G 176 1.27 22.94 38.87
N MET G 177 1.18 22.40 40.09
CA MET G 177 1.83 23.01 41.25
C MET G 177 3.35 23.09 41.11
N GLU G 178 3.97 22.03 40.63
CA GLU G 178 5.42 22.05 40.39
C GLU G 178 5.80 23.08 39.31
N ALA G 179 4.98 23.17 38.27
CA ALA G 179 5.21 24.13 37.18
C ALA G 179 5.08 25.58 37.69
N GLN G 180 4.15 25.81 38.62
CA GLN G 180 4.00 27.11 39.29
C GLN G 180 5.25 27.45 40.10
N GLU G 181 5.70 26.52 40.94
CA GLU G 181 6.94 26.70 41.71
C GLU G 181 8.16 26.98 40.82
N PHE G 182 8.20 26.34 39.65
CA PHE G 182 9.32 26.49 38.71
C PHE G 182 9.30 27.81 37.95
N GLY G 183 8.15 28.49 37.88
CA GLY G 183 8.00 29.75 37.12
C GLY G 183 7.38 29.65 35.72
N ILE G 184 6.87 28.47 35.37
CA ILE G 184 6.21 28.25 34.07
C ILE G 184 4.80 28.87 34.05
N LEU G 185 4.12 28.87 35.18
CA LEU G 185 2.80 29.45 35.25
C LEU G 185 2.53 30.14 36.60
N ASP G 186 1.46 30.93 36.65
CA ASP G 186 1.11 31.75 37.80
C ASP G 186 -0.02 31.19 38.67
N LYS G 187 -1.05 30.59 38.06
CA LYS G 187 -2.28 30.19 38.81
C LYS G 187 -2.79 28.79 38.41
N VAL G 188 -3.11 27.98 39.42
CA VAL G 188 -3.74 26.68 39.26
C VAL G 188 -5.17 26.80 39.80
N LEU G 189 -6.15 26.86 38.92
CA LEU G 189 -7.54 27.12 39.29
C LEU G 189 -8.41 25.87 39.11
N VAL G 190 -9.22 25.54 40.12
CA VAL G 190 -10.28 24.53 40.00
C VAL G 190 -11.61 25.11 39.46
N HIS G 191 -11.85 26.40 39.73
CA HIS G 191 -13.13 27.13 39.51
C HIS G 191 -12.71 28.60 39.32
N PRO G 192 -13.51 29.44 38.60
CA PRO G 192 -13.07 30.84 38.48
C PRO G 192 -13.03 31.62 39.83
N PRO G 193 -12.25 32.72 39.90
CA PRO G 193 -12.04 33.41 41.17
C PRO G 193 -13.11 34.47 41.44
N LEU H 2 14.21 -17.71 -13.18
CA LEU H 2 14.95 -18.99 -12.88
C LEU H 2 16.27 -19.07 -13.65
N ILE H 3 17.38 -19.15 -12.93
CA ILE H 3 18.71 -19.21 -13.53
C ILE H 3 19.08 -20.68 -13.75
N PRO H 4 19.39 -21.11 -14.99
CA PRO H 4 19.71 -22.52 -15.20
C PRO H 4 21.11 -22.90 -14.70
N ILE H 5 21.30 -24.17 -14.37
CA ILE H 5 22.61 -24.63 -13.93
C ILE H 5 23.17 -25.68 -14.87
N VAL H 6 24.48 -25.85 -14.87
CA VAL H 6 25.21 -26.79 -15.74
C VAL H 6 26.24 -27.57 -14.94
N VAL H 7 26.48 -28.85 -15.29
CA VAL H 7 27.29 -29.82 -14.52
C VAL H 7 28.48 -30.27 -15.34
N ALA H 16 27.87 -28.23 -9.92
CA ALA H 16 26.79 -27.27 -10.15
C ALA H 16 27.25 -25.79 -10.21
N TYR H 17 27.25 -25.25 -11.41
CA TYR H 17 27.39 -23.83 -11.74
C TYR H 17 26.06 -23.31 -12.25
N ASP H 18 25.60 -22.14 -11.79
CA ASP H 18 24.60 -21.38 -12.55
C ASP H 18 25.26 -20.83 -13.83
N ILE H 19 24.45 -20.49 -14.84
CA ILE H 19 25.00 -20.19 -16.16
C ILE H 19 25.98 -18.98 -16.16
N TYR H 20 25.71 -17.96 -15.34
CA TYR H 20 26.61 -16.80 -15.23
C TYR H 20 27.96 -17.19 -14.63
N SER H 21 27.94 -18.04 -13.62
CA SER H 21 29.20 -18.55 -13.04
C SER H 21 29.98 -19.38 -14.05
N ARG H 22 29.27 -20.16 -14.85
CA ARG H 22 29.92 -20.91 -15.92
C ARG H 22 30.59 -19.99 -16.94
N LEU H 23 29.92 -18.90 -17.32
CA LEU H 23 30.52 -17.88 -18.21
C LEU H 23 31.73 -17.20 -17.57
N LEU H 24 31.65 -16.94 -16.27
CA LEU H 24 32.76 -16.36 -15.52
C LEU H 24 34.03 -17.25 -15.58
N ARG H 25 33.86 -18.58 -15.51
CA ARG H 25 34.99 -19.51 -15.67
C ARG H 25 35.66 -19.42 -17.05
N GLU H 26 34.94 -18.96 -18.08
CA GLU H 26 35.51 -18.67 -19.40
C GLU H 26 35.88 -17.19 -19.62
N ARG H 27 36.05 -16.44 -18.52
CA ARG H 27 36.49 -15.04 -18.57
C ARG H 27 35.47 -14.05 -19.22
N ILE H 28 34.18 -14.35 -19.08
CA ILE H 28 33.10 -13.47 -19.54
C ILE H 28 32.41 -12.87 -18.33
N VAL H 29 32.39 -11.54 -18.25
CA VAL H 29 31.72 -10.78 -17.19
C VAL H 29 30.52 -10.04 -17.79
N CYS H 30 29.39 -10.10 -17.09
CA CYS H 30 28.13 -9.53 -17.58
C CYS H 30 27.77 -8.22 -16.86
N VAL H 31 27.59 -7.14 -17.61
CA VAL H 31 27.14 -5.84 -17.09
C VAL H 31 25.75 -5.60 -17.68
N MET H 32 24.74 -5.91 -16.89
CA MET H 32 23.35 -5.98 -17.39
C MET H 32 22.42 -5.16 -16.51
N GLY H 33 21.50 -4.43 -17.14
CA GLY H 33 20.55 -3.62 -16.41
C GLY H 33 21.14 -2.35 -15.83
N PRO H 34 20.38 -1.67 -14.97
CA PRO H 34 20.86 -0.41 -14.42
C PRO H 34 22.11 -0.58 -13.55
N ILE H 35 23.07 0.32 -13.72
CA ILE H 35 24.33 0.28 -13.00
C ILE H 35 24.19 1.07 -11.72
N ASP H 36 24.19 0.39 -10.58
CA ASP H 36 24.26 1.04 -9.27
C ASP H 36 25.49 0.52 -8.52
N ASP H 37 25.67 0.96 -7.26
CA ASP H 37 26.79 0.52 -6.41
C ASP H 37 26.93 -0.99 -6.26
N SER H 38 25.80 -1.69 -6.12
CA SER H 38 25.81 -3.15 -6.01
C SER H 38 26.33 -3.81 -7.28
N VAL H 39 25.85 -3.39 -8.44
CA VAL H 39 26.36 -3.91 -9.71
C VAL H 39 27.86 -3.60 -9.90
N ALA H 40 28.27 -2.38 -9.59
CA ALA H 40 29.67 -1.98 -9.75
C ALA H 40 30.61 -2.85 -8.90
N SER H 41 30.26 -3.03 -7.63
CA SER H 41 31.05 -3.89 -6.74
C SER H 41 31.20 -5.33 -7.22
N LEU H 42 30.11 -5.90 -7.73
CA LEU H 42 30.14 -7.27 -8.28
C LEU H 42 31.02 -7.35 -9.51
N VAL H 43 30.89 -6.38 -10.41
CA VAL H 43 31.72 -6.37 -11.62
C VAL H 43 33.20 -6.19 -11.24
N ILE H 44 33.48 -5.28 -10.32
CA ILE H 44 34.86 -5.03 -9.86
C ILE H 44 35.46 -6.28 -9.23
N ALA H 45 34.70 -6.95 -8.37
CA ALA H 45 35.14 -8.20 -7.73
C ALA H 45 35.46 -9.27 -8.76
N GLN H 46 34.63 -9.39 -9.79
CA GLN H 46 34.88 -10.34 -10.88
C GLN H 46 36.14 -10.00 -11.68
N LEU H 47 36.35 -8.70 -11.97
CA LEU H 47 37.57 -8.27 -12.67
C LEU H 47 38.84 -8.58 -11.87
N LEU H 48 38.82 -8.40 -10.55
CA LEU H 48 39.95 -8.78 -9.69
C LEU H 48 40.22 -10.27 -9.69
N PHE H 49 39.15 -11.08 -9.68
CA PHE H 49 39.28 -12.53 -9.75
C PHE H 49 39.94 -12.99 -11.04
N LEU H 50 39.42 -12.51 -12.18
CA LEU H 50 39.97 -12.89 -13.47
C LEU H 50 41.44 -12.46 -13.66
N GLN H 51 41.79 -11.31 -13.10
CA GLN H 51 43.15 -10.80 -13.16
C GLN H 51 44.16 -11.69 -12.44
N SER H 52 43.77 -12.17 -11.26
CA SER H 52 44.63 -13.08 -10.47
C SER H 52 44.77 -14.48 -11.08
N GLU H 53 43.76 -14.95 -11.81
CA GLU H 53 43.88 -16.19 -12.60
C GLU H 53 44.93 -16.04 -13.70
N SER H 54 44.98 -14.86 -14.31
CA SER H 54 45.96 -14.54 -15.37
C SER H 54 45.87 -13.06 -15.69
N ASN H 55 46.99 -12.35 -15.56
CA ASN H 55 47.03 -10.92 -15.90
C ASN H 55 47.34 -10.65 -17.38
N LYS H 56 47.42 -11.71 -18.21
CA LYS H 56 47.64 -11.58 -19.65
C LYS H 56 46.43 -11.96 -20.50
N LYS H 57 45.67 -12.98 -20.10
CA LYS H 57 44.57 -13.49 -20.92
C LYS H 57 43.42 -12.47 -21.04
N PRO H 58 42.87 -12.30 -22.25
CA PRO H 58 41.79 -11.28 -22.39
C PRO H 58 40.57 -11.55 -21.50
N ILE H 59 39.86 -10.47 -21.18
CA ILE H 59 38.59 -10.53 -20.45
C ILE H 59 37.50 -10.00 -21.39
N HIS H 60 36.39 -10.73 -21.47
CA HIS H 60 35.23 -10.34 -22.28
C HIS H 60 34.15 -9.70 -21.38
N MET H 61 33.72 -8.50 -21.75
CA MET H 61 32.72 -7.74 -21.00
C MET H 61 31.47 -7.57 -21.87
N TYR H 62 30.40 -8.27 -21.49
CA TYR H 62 29.09 -8.20 -22.15
C TYR H 62 28.30 -7.03 -21.55
N ILE H 63 27.86 -6.10 -22.41
CA ILE H 63 27.18 -4.88 -21.95
C ILE H 63 25.81 -4.76 -22.60
N ASN H 64 24.79 -4.82 -21.75
CA ASN H 64 23.40 -4.56 -22.16
C ASN H 64 22.76 -3.75 -21.03
N SER H 65 22.81 -2.42 -21.13
CA SER H 65 22.48 -1.56 -20.01
C SER H 65 21.94 -0.20 -20.47
N PRO H 66 20.87 0.30 -19.80
CA PRO H 66 20.35 1.65 -20.05
C PRO H 66 21.10 2.78 -19.31
N GLY H 67 22.11 2.44 -18.50
CA GLY H 67 22.90 3.44 -17.80
C GLY H 67 22.80 3.23 -16.30
N GLY H 68 23.00 4.30 -15.54
CA GLY H 68 22.94 4.22 -14.09
C GLY H 68 23.64 5.32 -13.35
N VAL H 69 24.06 5.03 -12.11
CA VAL H 69 24.69 6.02 -11.23
C VAL H 69 26.10 6.37 -11.73
N VAL H 70 26.39 7.67 -11.84
CA VAL H 70 27.67 8.12 -12.43
C VAL H 70 28.91 7.59 -11.67
N THR H 71 28.92 7.71 -10.35
CA THR H 71 30.08 7.29 -9.55
C THR H 71 30.31 5.77 -9.61
N ALA H 72 29.22 5.01 -9.70
CA ALA H 72 29.30 3.55 -9.86
C ALA H 72 29.88 3.17 -11.23
N GLY H 73 29.44 3.86 -12.27
CA GLY H 73 30.04 3.71 -13.61
C GLY H 73 31.52 4.05 -13.62
N LEU H 74 31.88 5.16 -12.99
CA LEU H 74 33.29 5.57 -12.91
C LEU H 74 34.15 4.59 -12.13
N ALA H 75 33.57 3.94 -11.13
CA ALA H 75 34.30 2.92 -10.35
C ALA H 75 34.71 1.72 -11.21
N ILE H 76 33.77 1.27 -12.05
CA ILE H 76 34.04 0.20 -13.01
C ILE H 76 35.07 0.68 -14.06
N TYR H 77 34.86 1.89 -14.59
CA TYR H 77 35.78 2.47 -15.56
C TYR H 77 37.22 2.44 -15.04
N ASP H 78 37.43 2.97 -13.82
CA ASP H 78 38.77 3.08 -13.27
C ASP H 78 39.42 1.71 -13.05
N THR H 79 38.62 0.71 -12.66
CA THR H 79 39.12 -0.63 -12.46
C THR H 79 39.55 -1.31 -13.77
N MET H 80 38.77 -1.08 -14.82
CA MET H 80 39.11 -1.54 -16.17
C MET H 80 40.48 -1.02 -16.62
N GLN H 81 40.69 0.28 -16.44
CA GLN H 81 41.98 0.90 -16.76
C GLN H 81 43.11 0.35 -15.88
N TYR H 82 42.82 0.17 -14.59
CA TYR H 82 43.83 -0.24 -13.59
C TYR H 82 44.42 -1.64 -13.82
N ILE H 83 43.57 -2.63 -14.09
CA ILE H 83 44.08 -3.98 -14.33
C ILE H 83 44.89 -4.05 -15.63
N LEU H 84 45.77 -5.05 -15.69
CA LEU H 84 46.70 -5.16 -16.81
C LEU H 84 46.10 -5.84 -18.04
N ASN H 85 45.04 -6.63 -17.83
CA ASN H 85 44.48 -7.43 -18.91
C ASN H 85 43.93 -6.60 -20.06
N PRO H 86 44.01 -7.13 -21.29
CA PRO H 86 43.17 -6.55 -22.34
C PRO H 86 41.69 -6.86 -22.07
N ILE H 87 40.81 -5.92 -22.41
CA ILE H 87 39.38 -6.08 -22.15
C ILE H 87 38.66 -5.86 -23.47
N CYS H 88 37.97 -6.90 -23.93
CA CYS H 88 37.11 -6.84 -25.11
C CYS H 88 35.70 -6.48 -24.66
N THR H 89 35.15 -5.37 -25.15
CA THR H 89 33.80 -4.97 -24.83
C THR H 89 32.85 -5.38 -25.96
N TRP H 90 31.67 -5.88 -25.58
CA TRP H 90 30.63 -6.36 -26.51
C TRP H 90 29.26 -5.73 -26.20
N CYS H 91 28.77 -4.86 -27.09
CA CYS H 91 27.44 -4.27 -26.94
C CYS H 91 26.36 -5.15 -27.61
N VAL H 92 25.45 -5.68 -26.81
CA VAL H 92 24.33 -6.46 -27.30
C VAL H 92 23.05 -5.83 -26.70
N GLY H 93 22.09 -5.49 -27.54
CA GLY H 93 20.87 -4.83 -27.08
C GLY H 93 21.07 -3.33 -27.05
N GLN H 94 21.66 -2.81 -25.97
CA GLN H 94 21.97 -1.39 -25.90
C GLN H 94 23.08 -1.04 -24.91
N ALA H 95 23.70 0.12 -25.15
CA ALA H 95 24.61 0.74 -24.19
C ALA H 95 24.29 2.22 -24.19
N ALA H 96 23.57 2.66 -23.16
CA ALA H 96 23.18 4.06 -23.02
C ALA H 96 23.87 4.69 -21.81
N SER H 97 24.19 5.99 -21.90
CA SER H 97 24.75 6.74 -20.78
C SER H 97 26.02 6.04 -20.28
N MET H 98 26.12 5.70 -18.99
CA MET H 98 27.34 5.07 -18.44
C MET H 98 27.70 3.74 -19.12
N GLY H 99 26.70 3.02 -19.63
CA GLY H 99 26.94 1.82 -20.42
C GLY H 99 27.81 2.07 -21.65
N SER H 100 27.56 3.18 -22.35
CA SER H 100 28.36 3.50 -23.55
C SER H 100 29.78 3.94 -23.19
N LEU H 101 29.97 4.50 -22.00
CA LEU H 101 31.30 4.87 -21.53
C LEU H 101 32.16 3.62 -21.31
N LEU H 102 31.57 2.61 -20.67
CA LEU H 102 32.26 1.34 -20.46
C LEU H 102 32.61 0.65 -21.78
N LEU H 103 31.65 0.67 -22.73
CA LEU H 103 31.89 0.12 -24.08
C LEU H 103 33.10 0.77 -24.74
N ALA H 104 33.12 2.11 -24.73
CA ALA H 104 34.21 2.90 -25.31
C ALA H 104 35.56 2.73 -24.61
N ALA H 105 35.52 2.31 -23.35
CA ALA H 105 36.72 2.13 -22.52
C ALA H 105 37.43 0.78 -22.70
N GLY H 106 36.94 -0.08 -23.60
CA GLY H 106 37.62 -1.34 -23.88
C GLY H 106 38.98 -1.07 -24.54
N THR H 107 39.86 -2.07 -24.51
CA THR H 107 41.16 -2.00 -25.15
C THR H 107 41.02 -1.64 -26.63
N PRO H 108 41.82 -0.65 -27.13
CA PRO H 108 41.72 -0.25 -28.54
C PRO H 108 41.84 -1.44 -29.50
N GLY H 109 41.01 -1.44 -30.54
CA GLY H 109 40.85 -2.58 -31.43
C GLY H 109 39.92 -3.70 -30.96
N MET H 110 39.53 -3.71 -29.68
CA MET H 110 38.74 -4.81 -29.11
C MET H 110 37.33 -4.41 -28.63
N ARG H 111 36.76 -3.36 -29.22
CA ARG H 111 35.44 -2.84 -28.85
C ARG H 111 34.45 -3.19 -29.98
N HIS H 112 33.44 -3.99 -29.64
CA HIS H 112 32.51 -4.59 -30.58
C HIS H 112 31.06 -4.28 -30.32
N SER H 113 30.25 -4.32 -31.38
CA SER H 113 28.80 -4.34 -31.26
C SER H 113 28.21 -5.33 -32.27
N LEU H 114 27.10 -5.96 -31.90
CA LEU H 114 26.31 -6.74 -32.83
C LEU H 114 25.41 -5.78 -33.62
N PRO H 115 24.84 -6.23 -34.76
CA PRO H 115 24.33 -5.25 -35.75
C PRO H 115 23.12 -4.42 -35.37
N ASN H 116 22.24 -4.90 -34.50
CA ASN H 116 21.00 -4.17 -34.16
C ASN H 116 21.03 -3.43 -32.82
N SER H 117 22.19 -3.37 -32.16
CA SER H 117 22.35 -2.66 -30.90
C SER H 117 22.12 -1.16 -31.08
N ARG H 118 21.77 -0.49 -29.98
CA ARG H 118 21.59 0.96 -29.93
C ARG H 118 22.54 1.57 -28.90
N ILE H 119 23.21 2.67 -29.27
CA ILE H 119 24.24 3.28 -28.45
C ILE H 119 23.91 4.76 -28.24
N MET H 120 23.93 5.20 -26.98
CA MET H 120 23.62 6.60 -26.63
C MET H 120 24.66 7.13 -25.65
N ILE H 121 25.25 8.28 -25.98
CA ILE H 121 26.18 8.95 -25.08
C ILE H 121 25.56 10.08 -24.26
N HIS H 122 24.39 10.57 -24.69
CA HIS H 122 23.57 11.50 -23.92
C HIS H 122 23.25 10.92 -22.52
N GLN H 123 23.23 11.80 -21.51
CA GLN H 123 22.86 11.44 -20.14
C GLN H 123 21.39 11.82 -19.87
N PRO H 124 20.52 10.82 -19.62
CA PRO H 124 19.12 11.16 -19.32
C PRO H 124 18.91 11.59 -17.88
N ILE H 137 22.72 16.43 -4.18
CA ILE H 137 24.06 16.79 -4.68
C ILE H 137 24.09 18.22 -5.30
N GLN H 138 25.11 18.99 -4.92
CA GLN H 138 25.20 20.41 -5.31
C GLN H 138 25.44 20.64 -6.81
N ALA H 139 25.03 21.81 -7.30
CA ALA H 139 25.19 22.20 -8.71
C ALA H 139 26.64 22.10 -9.19
N GLU H 140 27.58 22.62 -8.40
CA GLU H 140 29.00 22.57 -8.76
C GLU H 140 29.49 21.12 -8.93
N GLU H 141 29.02 20.22 -8.07
CA GLU H 141 29.43 18.82 -8.13
C GLU H 141 28.90 18.07 -9.36
N ILE H 142 27.66 18.34 -9.74
CA ILE H 142 27.10 17.71 -10.94
C ILE H 142 27.87 18.15 -12.19
N MET H 143 28.30 19.41 -12.26
CA MET H 143 29.14 19.88 -13.38
C MET H 143 30.54 19.28 -13.39
N LYS H 144 31.15 19.13 -12.21
CA LYS H 144 32.47 18.48 -12.14
C LYS H 144 32.42 17.03 -12.67
N LEU H 145 31.39 16.28 -12.28
CA LEU H 145 31.21 14.92 -12.78
C LEU H 145 30.97 14.91 -14.29
N LYS H 146 30.13 15.83 -14.78
CA LYS H 146 29.87 15.96 -16.21
C LYS H 146 31.18 16.20 -17.02
N LYS H 147 32.04 17.10 -16.52
CA LYS H 147 33.34 17.35 -17.15
C LYS H 147 34.27 16.15 -17.11
N GLN H 148 34.22 15.35 -16.05
CA GLN H 148 35.00 14.08 -16.03
C GLN H 148 34.53 13.14 -17.15
N LEU H 149 33.22 13.11 -17.43
CA LEU H 149 32.68 12.28 -18.50
C LEU H 149 33.18 12.79 -19.87
N TYR H 150 33.13 14.12 -20.08
CA TYR H 150 33.66 14.73 -21.32
C TYR H 150 35.09 14.29 -21.59
N ASN H 151 35.97 14.41 -20.60
CA ASN H 151 37.39 14.05 -20.78
C ASN H 151 37.60 12.57 -21.03
N ILE H 152 36.83 11.69 -20.38
CA ILE H 152 36.94 10.26 -20.64
C ILE H 152 36.50 9.90 -22.07
N TYR H 153 35.39 10.44 -22.54
CA TYR H 153 34.93 10.17 -23.91
C TYR H 153 35.93 10.71 -24.96
N ALA H 154 36.47 11.89 -24.70
CA ALA H 154 37.49 12.50 -25.59
C ALA H 154 38.73 11.61 -25.71
N LYS H 155 39.24 11.15 -24.59
CA LYS H 155 40.38 10.24 -24.58
C LYS H 155 40.14 8.98 -25.42
N HIS H 156 39.00 8.31 -25.24
CA HIS H 156 38.80 7.00 -25.86
C HIS H 156 38.23 7.05 -27.28
N THR H 157 37.50 8.11 -27.63
CA THR H 157 36.97 8.26 -28.97
C THR H 157 37.90 9.03 -29.91
N LYS H 158 38.82 9.81 -29.33
CA LYS H 158 39.73 10.71 -30.06
C LYS H 158 39.04 11.93 -30.67
N GLN H 159 37.83 12.25 -30.23
CA GLN H 159 37.11 13.45 -30.71
C GLN H 159 37.46 14.61 -29.80
N SER H 160 37.28 15.84 -30.29
CA SER H 160 37.54 17.02 -29.47
C SER H 160 36.50 17.20 -28.38
N LEU H 161 36.86 17.89 -27.30
CA LEU H 161 35.93 18.21 -26.21
C LEU H 161 34.67 18.94 -26.71
N GLN H 162 34.83 19.85 -27.66
CA GLN H 162 33.69 20.59 -28.21
C GLN H 162 32.69 19.66 -28.90
N VAL H 163 33.19 18.70 -29.67
CA VAL H 163 32.32 17.74 -30.38
C VAL H 163 31.62 16.79 -29.39
N ILE H 164 32.33 16.32 -28.36
CA ILE H 164 31.72 15.50 -27.31
C ILE H 164 30.59 16.24 -26.62
N GLU H 165 30.82 17.50 -26.25
CA GLU H 165 29.81 18.28 -25.53
C GLU H 165 28.56 18.46 -26.39
N SER H 166 28.74 18.81 -27.67
CA SER H 166 27.62 18.95 -28.60
C SER H 166 26.84 17.66 -28.78
N ALA H 167 27.54 16.55 -28.99
CA ALA H 167 26.88 15.26 -29.17
C ALA H 167 26.07 14.82 -27.93
N MET H 168 26.63 15.03 -26.73
CA MET H 168 25.97 14.64 -25.48
C MET H 168 24.72 15.43 -25.12
N GLU H 169 24.57 16.61 -25.72
CA GLU H 169 23.35 17.40 -25.57
C GLU H 169 22.20 16.89 -26.48
N ARG H 170 22.52 16.12 -27.53
CA ARG H 170 21.50 15.60 -28.46
C ARG H 170 20.84 14.31 -27.90
N ASP H 171 19.54 14.39 -27.70
CA ASP H 171 18.83 13.26 -27.10
C ASP H 171 18.46 12.22 -28.17
N ARG H 172 19.41 11.34 -28.49
CA ARG H 172 19.25 10.37 -29.58
C ARG H 172 20.16 9.19 -29.41
N TYR H 173 19.81 8.09 -30.07
CA TYR H 173 20.68 6.91 -30.18
C TYR H 173 21.39 6.89 -31.53
N MET H 174 22.49 6.17 -31.57
CA MET H 174 23.31 5.92 -32.75
C MET H 174 23.23 4.43 -33.06
N SER H 175 23.29 4.13 -34.36
CA SER H 175 23.48 2.76 -34.84
C SER H 175 24.94 2.35 -34.55
N PRO H 176 25.23 1.03 -34.59
CA PRO H 176 26.61 0.59 -34.42
C PRO H 176 27.60 1.22 -35.43
N MET H 177 27.20 1.36 -36.69
CA MET H 177 28.04 2.00 -37.70
C MET H 177 28.38 3.44 -37.36
N GLU H 178 27.39 4.21 -36.92
CA GLU H 178 27.63 5.59 -36.50
C GLU H 178 28.58 5.66 -35.29
N ALA H 179 28.40 4.73 -34.34
CA ALA H 179 29.24 4.67 -33.16
C ALA H 179 30.69 4.32 -33.51
N GLN H 180 30.87 3.46 -34.52
CA GLN H 180 32.20 3.14 -35.07
C GLN H 180 32.85 4.37 -35.68
N GLU H 181 32.13 5.07 -36.55
CA GLU H 181 32.62 6.32 -37.15
C GLU H 181 32.99 7.36 -36.08
N PHE H 182 32.23 7.42 -34.99
CA PHE H 182 32.46 8.39 -33.92
C PHE H 182 33.67 8.04 -33.03
N GLY H 183 34.10 6.78 -33.03
CA GLY H 183 35.21 6.31 -32.16
C GLY H 183 34.82 5.59 -30.86
N ILE H 184 33.53 5.27 -30.69
CA ILE H 184 33.04 4.53 -29.52
C ILE H 184 33.40 3.05 -29.60
N LEU H 185 33.42 2.50 -30.81
CA LEU H 185 33.77 1.10 -30.98
C LEU H 185 34.56 0.85 -32.28
N ASP H 186 35.16 -0.32 -32.37
CA ASP H 186 36.05 -0.70 -33.49
C ASP H 186 35.40 -1.61 -34.55
N LYS H 187 34.57 -2.56 -34.13
CA LYS H 187 34.05 -3.59 -35.06
C LYS H 187 32.55 -3.89 -34.88
N VAL H 188 31.84 -3.94 -36.00
CA VAL H 188 30.44 -4.32 -36.07
C VAL H 188 30.37 -5.68 -36.78
N LEU H 189 30.15 -6.74 -36.04
CA LEU H 189 30.21 -8.12 -36.58
C LEU H 189 28.82 -8.74 -36.65
N VAL H 190 28.48 -9.33 -37.81
CA VAL H 190 27.28 -10.15 -37.95
C VAL H 190 27.48 -11.62 -37.56
N HIS H 191 28.72 -12.12 -37.72
CA HIS H 191 29.16 -13.54 -37.62
C HIS H 191 30.62 -13.48 -37.19
N PRO H 192 31.17 -14.52 -36.53
CA PRO H 192 32.59 -14.41 -36.15
C PRO H 192 33.57 -14.33 -37.36
N PRO H 193 34.79 -13.78 -37.14
CA PRO H 193 35.72 -13.57 -38.25
C PRO H 193 36.57 -14.81 -38.53
N PRO I 1 19.67 -9.58 -7.03
CA PRO I 1 21.02 -9.52 -7.59
C PRO I 1 21.80 -10.83 -7.42
N LEU I 2 21.97 -11.58 -8.51
CA LEU I 2 22.68 -12.88 -8.48
C LEU I 2 24.16 -12.71 -8.19
N ILE I 3 24.66 -13.33 -7.11
CA ILE I 3 26.07 -13.30 -6.74
C ILE I 3 26.75 -14.51 -7.41
N PRO I 4 27.80 -14.29 -8.23
CA PRO I 4 28.42 -15.44 -8.89
C PRO I 4 29.32 -16.27 -7.96
N ILE I 5 29.43 -17.56 -8.29
CA ILE I 5 30.28 -18.50 -7.56
C ILE I 5 31.54 -18.92 -8.34
N VAL I 6 32.61 -19.24 -7.61
CA VAL I 6 33.90 -19.63 -8.24
C VAL I 6 34.49 -20.86 -7.54
N VAL I 7 35.11 -21.74 -8.33
CA VAL I 7 35.96 -22.86 -7.78
C VAL I 7 37.53 -22.64 -7.66
N GLU I 8 38.11 -23.38 -6.73
CA GLU I 8 39.49 -23.11 -6.23
C GLU I 8 40.24 -24.41 -5.98
N GLY I 13 40.76 -31.47 -4.23
CA GLY I 13 40.34 -30.88 -5.49
C GLY I 13 39.88 -29.43 -5.38
N GLU I 14 38.58 -29.18 -5.62
CA GLU I 14 37.97 -27.83 -5.69
C GLU I 14 36.96 -27.55 -4.55
N ARG I 15 36.48 -26.29 -4.48
CA ARG I 15 35.50 -25.84 -3.45
C ARG I 15 34.66 -24.66 -4.00
N ALA I 16 33.49 -24.36 -3.39
CA ALA I 16 32.48 -23.43 -3.98
C ALA I 16 32.20 -22.18 -3.12
N TYR I 17 32.76 -21.04 -3.54
CA TYR I 17 32.70 -19.75 -2.93
C TYR I 17 31.85 -18.79 -3.75
N ASP I 18 30.99 -17.98 -3.11
CA ASP I 18 30.50 -16.76 -3.78
C ASP I 18 31.66 -15.75 -3.89
N ILE I 19 31.57 -14.80 -4.83
CA ILE I 19 32.72 -13.96 -5.17
C ILE I 19 33.26 -13.14 -3.97
N TYR I 20 32.37 -12.67 -3.08
CA TYR I 20 32.81 -11.92 -1.89
C TYR I 20 33.59 -12.80 -0.92
N SER I 21 33.12 -14.05 -0.73
CA SER I 21 33.86 -15.00 0.09
C SER I 21 35.22 -15.32 -0.48
N ARG I 22 35.31 -15.38 -1.79
CA ARG I 22 36.55 -15.64 -2.46
C ARG I 22 37.49 -14.48 -2.21
N LEU I 23 37.03 -13.24 -2.32
CA LEU I 23 37.85 -12.07 -2.02
C LEU I 23 38.30 -12.05 -0.55
N LEU I 24 37.41 -12.46 0.34
CA LEU I 24 37.74 -12.57 1.77
C LEU I 24 38.91 -13.54 2.03
N ARG I 25 38.97 -14.66 1.31
CA ARG I 25 40.11 -15.58 1.41
C ARG I 25 41.45 -14.95 0.98
N GLU I 26 41.41 -13.91 0.15
CA GLU I 26 42.61 -13.11 -0.19
C GLU I 26 42.76 -11.83 0.64
N ARG I 27 42.09 -11.76 1.80
CA ARG I 27 42.21 -10.64 2.74
C ARG I 27 41.64 -9.28 2.22
N ILE I 28 40.62 -9.36 1.38
CA ILE I 28 39.91 -8.17 0.87
C ILE I 28 38.53 -8.11 1.51
N VAL I 29 38.25 -7.01 2.20
CA VAL I 29 36.94 -6.75 2.83
C VAL I 29 36.26 -5.60 2.07
N CYS I 30 34.97 -5.73 1.80
CA CYS I 30 34.21 -4.74 1.05
C CYS I 30 33.27 -3.92 1.96
N VAL I 31 33.42 -2.60 1.91
CA VAL I 31 32.52 -1.66 2.61
C VAL I 31 31.78 -0.88 1.54
N MET I 32 30.56 -1.32 1.24
CA MET I 32 29.82 -0.83 0.07
C MET I 32 28.42 -0.37 0.47
N GLY I 33 27.98 0.74 -0.09
CA GLY I 33 26.66 1.27 0.18
C GLY I 33 26.57 1.93 1.54
N PRO I 34 25.33 2.24 1.96
CA PRO I 34 25.16 2.93 3.25
C PRO I 34 25.62 2.09 4.44
N ILE I 35 26.33 2.72 5.36
CA ILE I 35 26.87 2.07 6.53
C ILE I 35 25.84 2.13 7.65
N ASP I 36 25.26 0.99 7.99
CA ASP I 36 24.38 0.88 9.16
C ASP I 36 24.96 -0.20 10.11
N ASP I 37 24.24 -0.48 11.20
CA ASP I 37 24.63 -1.49 12.19
C ASP I 37 24.90 -2.88 11.59
N SER I 38 24.08 -3.30 10.64
CA SER I 38 24.25 -4.58 9.98
C SER I 38 25.57 -4.63 9.19
N VAL I 39 25.84 -3.61 8.38
CA VAL I 39 27.11 -3.52 7.66
C VAL I 39 28.32 -3.50 8.62
N ALA I 40 28.24 -2.70 9.68
CA ALA I 40 29.34 -2.59 10.63
C ALA I 40 29.68 -3.93 11.28
N SER I 41 28.66 -4.64 11.75
CA SER I 41 28.85 -5.96 12.34
C SER I 41 29.51 -6.98 11.41
N LEU I 42 29.10 -6.98 10.14
CA LEU I 42 29.69 -7.87 9.13
C LEU I 42 31.16 -7.51 8.88
N VAL I 43 31.44 -6.23 8.73
CA VAL I 43 32.81 -5.80 8.50
C VAL I 43 33.70 -6.14 9.73
N ILE I 44 33.18 -5.88 10.93
CA ILE I 44 33.91 -6.18 12.16
C ILE I 44 34.19 -7.68 12.29
N ALA I 45 33.19 -8.51 12.01
CA ALA I 45 33.34 -9.96 12.05
C ALA I 45 34.43 -10.43 11.07
N GLN I 46 34.44 -9.85 9.86
CA GLN I 46 35.46 -10.17 8.88
C GLN I 46 36.87 -9.74 9.33
N LEU I 47 36.99 -8.57 9.93
CA LEU I 47 38.27 -8.10 10.46
C LEU I 47 38.82 -9.01 11.56
N LEU I 48 37.94 -9.50 12.45
CA LEU I 48 38.36 -10.47 13.47
C LEU I 48 38.84 -11.80 12.86
N PHE I 49 38.15 -12.26 11.83
CA PHE I 49 38.54 -13.48 11.12
C PHE I 49 39.93 -13.35 10.49
N LEU I 50 40.14 -12.29 9.73
CA LEU I 50 41.42 -12.07 9.06
C LEU I 50 42.59 -11.91 10.05
N GLN I 51 42.32 -11.29 11.20
CA GLN I 51 43.33 -11.11 12.23
C GLN I 51 43.81 -12.43 12.83
N SER I 52 42.87 -13.34 13.08
CA SER I 52 43.21 -14.67 13.62
C SER I 52 43.94 -15.57 12.62
N GLU I 53 43.68 -15.40 11.32
CA GLU I 53 44.46 -16.09 10.28
C GLU I 53 45.93 -15.64 10.30
N SER I 54 46.14 -14.35 10.55
CA SER I 54 47.48 -13.76 10.66
C SER I 54 47.36 -12.33 11.15
N ASN I 55 48.01 -12.02 12.26
CA ASN I 55 48.02 -10.66 12.80
C ASN I 55 49.11 -9.76 12.20
N LYS I 56 49.85 -10.25 11.21
CA LYS I 56 50.90 -9.49 10.51
C LYS I 56 50.54 -9.13 9.06
N LYS I 57 49.88 -10.04 8.34
CA LYS I 57 49.63 -9.84 6.91
C LYS I 57 48.64 -8.67 6.67
N PRO I 58 48.91 -7.82 5.67
CA PRO I 58 48.00 -6.69 5.43
C PRO I 58 46.55 -7.10 5.12
N ILE I 59 45.62 -6.20 5.43
CA ILE I 59 44.21 -6.34 5.08
C ILE I 59 43.85 -5.21 4.11
N HIS I 60 43.16 -5.56 3.03
CA HIS I 60 42.70 -4.59 2.03
C HIS I 60 41.21 -4.27 2.24
N MET I 61 40.91 -2.98 2.35
CA MET I 61 39.55 -2.50 2.60
C MET I 61 39.09 -1.66 1.39
N TYR I 62 38.14 -2.24 0.64
CA TYR I 62 37.53 -1.57 -0.53
C TYR I 62 36.37 -0.71 -0.05
N ILE I 63 36.39 0.58 -0.38
CA ILE I 63 35.38 1.54 0.12
C ILE I 63 34.71 2.24 -1.06
N ASN I 64 33.41 1.99 -1.18
CA ASN I 64 32.54 2.72 -2.11
C ASN I 64 31.22 2.98 -1.40
N SER I 65 31.10 4.15 -0.77
CA SER I 65 30.02 4.39 0.18
C SER I 65 29.65 5.87 0.25
N PRO I 66 28.34 6.19 0.27
CA PRO I 66 27.87 7.56 0.51
C PRO I 66 27.80 7.98 1.99
N GLY I 67 28.14 7.09 2.92
CA GLY I 67 28.15 7.42 4.34
C GLY I 67 27.19 6.52 5.10
N GLY I 68 26.70 7.01 6.22
CA GLY I 68 25.79 6.22 7.05
C GLY I 68 25.70 6.63 8.49
N VAL I 69 25.33 5.70 9.35
CA VAL I 69 25.08 5.96 10.79
C VAL I 69 26.42 6.21 11.51
N VAL I 70 26.49 7.29 12.27
CA VAL I 70 27.75 7.68 12.93
C VAL I 70 28.33 6.60 13.85
N THR I 71 27.51 6.06 14.74
CA THR I 71 28.01 5.04 15.72
C THR I 71 28.45 3.76 15.02
N ALA I 72 27.79 3.40 13.92
CA ALA I 72 28.19 2.23 13.13
C ALA I 72 29.55 2.46 12.44
N GLY I 73 29.74 3.65 11.90
CA GLY I 73 31.03 4.03 11.35
C GLY I 73 32.13 4.02 12.40
N LEU I 74 31.85 4.59 13.56
CA LEU I 74 32.82 4.62 14.67
C LEU I 74 33.17 3.21 15.18
N ALA I 75 32.22 2.28 15.12
CA ALA I 75 32.47 0.89 15.52
C ALA I 75 33.51 0.23 14.62
N ILE I 76 33.38 0.45 13.31
CA ILE I 76 34.36 -0.04 12.34
C ILE I 76 35.70 0.67 12.55
N TYR I 77 35.67 1.99 12.71
CA TYR I 77 36.88 2.77 12.96
C TYR I 77 37.67 2.19 14.12
N ASP I 78 37.01 2.00 15.27
CA ASP I 78 37.68 1.52 16.49
C ASP I 78 38.27 0.13 16.31
N THR I 79 37.58 -0.73 15.56
CA THR I 79 38.06 -2.08 15.32
C THR I 79 39.30 -2.09 14.42
N MET I 80 39.32 -1.23 13.41
CA MET I 80 40.49 -1.02 12.55
C MET I 80 41.73 -0.64 13.37
N GLN I 81 41.57 0.33 14.27
CA GLN I 81 42.65 0.75 15.15
C GLN I 81 43.06 -0.38 16.11
N TYR I 82 42.09 -1.11 16.64
CA TYR I 82 42.33 -2.14 17.66
C TYR I 82 43.15 -3.33 17.19
N ILE I 83 42.84 -3.86 16.01
CA ILE I 83 43.63 -4.98 15.47
C ILE I 83 45.05 -4.56 15.13
N LEU I 84 45.96 -5.53 15.11
CA LEU I 84 47.39 -5.25 14.93
C LEU I 84 47.77 -5.10 13.45
N ASN I 85 46.96 -5.66 12.55
CA ASN I 85 47.31 -5.69 11.14
C ASN I 85 47.44 -4.31 10.51
N PRO I 86 48.34 -4.17 9.53
CA PRO I 86 48.25 -2.99 8.67
C PRO I 86 46.98 -3.09 7.78
N ILE I 87 46.36 -1.95 7.52
CA ILE I 87 45.13 -1.90 6.74
C ILE I 87 45.33 -0.93 5.59
N CYS I 88 45.26 -1.43 4.37
CA CYS I 88 45.31 -0.62 3.14
C CYS I 88 43.88 -0.25 2.76
N THR I 89 43.59 1.04 2.70
CA THR I 89 42.27 1.51 2.28
C THR I 89 42.30 1.91 0.81
N TRP I 90 41.23 1.55 0.09
CA TRP I 90 41.08 1.83 -1.36
C TRP I 90 39.73 2.50 -1.67
N CYS I 91 39.75 3.77 -2.07
CA CYS I 91 38.53 4.47 -2.49
C CYS I 91 38.26 4.29 -3.99
N VAL I 92 37.16 3.64 -4.30
CA VAL I 92 36.72 3.46 -5.69
C VAL I 92 35.28 3.96 -5.77
N GLY I 93 34.99 4.87 -6.69
CA GLY I 93 33.67 5.46 -6.80
C GLY I 93 33.55 6.67 -5.92
N GLN I 94 33.23 6.44 -4.63
CA GLN I 94 33.21 7.55 -3.67
C GLN I 94 33.41 7.13 -2.22
N ALA I 95 33.83 8.08 -1.41
CA ALA I 95 33.85 7.94 0.05
C ALA I 95 33.36 9.25 0.61
N ALA I 96 32.09 9.26 1.03
CA ALA I 96 31.47 10.47 1.61
C ALA I 96 31.16 10.25 3.09
N SER I 97 31.24 11.32 3.87
CA SER I 97 30.86 11.30 5.29
C SER I 97 31.65 10.18 6.00
N MET I 98 31.00 9.23 6.67
CA MET I 98 31.70 8.16 7.42
C MET I 98 32.63 7.31 6.54
N GLY I 99 32.28 7.17 5.26
CA GLY I 99 33.16 6.50 4.31
C GLY I 99 34.53 7.14 4.20
N SER I 100 34.60 8.47 4.20
CA SER I 100 35.89 9.17 4.10
C SER I 100 36.69 9.06 5.41
N LEU I 101 36.01 8.90 6.54
CA LEU I 101 36.69 8.70 7.81
C LEU I 101 37.42 7.36 7.83
N LEU I 102 36.74 6.31 7.35
CA LEU I 102 37.35 4.99 7.25
C LEU I 102 38.55 5.00 6.28
N LEU I 103 38.41 5.68 5.15
CA LEU I 103 39.50 5.83 4.18
C LEU I 103 40.74 6.47 4.84
N ALA I 104 40.52 7.57 5.53
CA ALA I 104 41.58 8.31 6.24
C ALA I 104 42.22 7.52 7.39
N ALA I 105 41.48 6.56 7.94
CA ALA I 105 41.93 5.75 9.08
C ALA I 105 42.81 4.54 8.70
N GLY I 106 43.13 4.37 7.42
CA GLY I 106 44.05 3.31 7.02
C GLY I 106 45.46 3.58 7.55
N THR I 107 46.28 2.54 7.58
CA THR I 107 47.68 2.63 8.01
C THR I 107 48.41 3.71 7.19
N PRO I 108 49.17 4.61 7.86
CA PRO I 108 49.89 5.66 7.13
C PRO I 108 50.77 5.10 6.00
N GLY I 109 50.76 5.79 4.87
CA GLY I 109 51.36 5.30 3.64
C GLY I 109 50.55 4.32 2.81
N MET I 110 49.46 3.77 3.36
CA MET I 110 48.68 2.71 2.69
C MET I 110 47.22 3.14 2.34
N ARG I 111 46.98 4.43 2.16
CA ARG I 111 45.65 4.96 1.86
C ARG I 111 45.62 5.44 0.40
N HIS I 112 44.77 4.80 -0.39
CA HIS I 112 44.78 4.90 -1.87
C HIS I 112 43.40 5.38 -2.40
N SER I 113 43.44 6.05 -3.55
CA SER I 113 42.26 6.26 -4.37
C SER I 113 42.57 6.07 -5.84
N LEU I 114 41.58 5.57 -6.59
CA LEU I 114 41.67 5.55 -8.05
C LEU I 114 41.32 6.95 -8.58
N PRO I 115 41.64 7.24 -9.86
CA PRO I 115 41.67 8.65 -10.31
C PRO I 115 40.36 9.42 -10.37
N ASN I 116 39.23 8.74 -10.60
CA ASN I 116 37.94 9.44 -10.78
C ASN I 116 37.01 9.40 -9.54
N SER I 117 37.52 8.90 -8.40
CA SER I 117 36.76 8.87 -7.17
C SER I 117 36.45 10.26 -6.65
N ARG I 118 35.39 10.37 -5.84
CA ARG I 118 35.03 11.63 -5.19
C ARG I 118 35.01 11.44 -3.67
N ILE I 119 35.59 12.40 -2.94
CA ILE I 119 35.76 12.29 -1.49
C ILE I 119 35.12 13.49 -0.79
N MET I 120 34.28 13.23 0.20
CA MET I 120 33.59 14.30 0.94
C MET I 120 33.71 14.05 2.44
N ILE I 121 34.17 15.05 3.18
CA ILE I 121 34.23 14.98 4.64
C ILE I 121 33.04 15.66 5.34
N HIS I 122 32.33 16.53 4.62
CA HIS I 122 31.06 17.09 5.08
C HIS I 122 30.05 15.98 5.42
N GLN I 123 29.25 16.21 6.47
CA GLN I 123 28.19 15.27 6.91
C GLN I 123 26.84 15.72 6.39
N PRO I 124 26.19 14.96 5.47
CA PRO I 124 24.84 15.38 5.00
C PRO I 124 23.74 15.03 6.00
N ILE I 137 17.30 11.29 18.98
CA ILE I 137 18.56 11.57 19.66
C ILE I 137 18.78 13.08 19.99
N GLN I 138 19.20 13.35 21.22
CA GLN I 138 19.23 14.73 21.75
C GLN I 138 20.28 15.63 21.07
N ALA I 139 20.04 16.95 21.10
CA ALA I 139 20.95 17.94 20.52
C ALA I 139 22.38 17.82 21.07
N GLU I 140 22.51 17.69 22.39
CA GLU I 140 23.83 17.55 23.03
C GLU I 140 24.58 16.32 22.50
N GLU I 141 23.87 15.22 22.28
CA GLU I 141 24.50 13.99 21.79
C GLU I 141 24.99 14.08 20.35
N ILE I 142 24.24 14.75 19.48
CA ILE I 142 24.67 14.92 18.09
C ILE I 142 25.96 15.77 18.04
N MET I 143 26.08 16.79 18.91
CA MET I 143 27.32 17.59 19.00
C MET I 143 28.51 16.81 19.55
N LYS I 144 28.26 15.96 20.55
CA LYS I 144 29.35 15.12 21.10
C LYS I 144 29.92 14.19 20.02
N LEU I 145 29.04 13.56 19.24
CA LEU I 145 29.47 12.69 18.13
C LEU I 145 30.24 13.51 17.08
N LYS I 146 29.73 14.69 16.73
CA LYS I 146 30.40 15.58 15.78
C LYS I 146 31.85 15.93 16.24
N LYS I 147 32.02 16.26 17.52
CA LYS I 147 33.35 16.53 18.09
C LYS I 147 34.27 15.32 18.06
N GLN I 148 33.73 14.11 18.27
CA GLN I 148 34.54 12.90 18.10
C GLN I 148 35.06 12.78 16.66
N LEU I 149 34.24 13.14 15.67
CA LEU I 149 34.66 13.10 14.27
C LEU I 149 35.78 14.11 14.02
N TYR I 150 35.63 15.34 14.54
CA TYR I 150 36.68 16.36 14.43
C TYR I 150 38.05 15.83 14.90
N ASN I 151 38.08 15.25 16.09
CA ASN I 151 39.34 14.73 16.67
C ASN I 151 39.93 13.57 15.87
N ILE I 152 39.08 12.68 15.35
CA ILE I 152 39.58 11.57 14.53
C ILE I 152 40.18 12.07 13.20
N TYR I 153 39.52 13.01 12.52
CA TYR I 153 40.06 13.55 11.27
C TYR I 153 41.38 14.31 11.51
N ALA I 154 41.44 15.07 12.62
CA ALA I 154 42.66 15.81 12.99
C ALA I 154 43.84 14.85 13.22
N LYS I 155 43.62 13.79 13.97
CA LYS I 155 44.64 12.78 14.20
C LYS I 155 45.20 12.20 12.88
N HIS I 156 44.33 11.79 11.96
CA HIS I 156 44.78 11.04 10.79
C HIS I 156 45.21 11.91 9.59
N THR I 157 44.68 13.12 9.48
CA THR I 157 45.06 14.03 8.42
C THR I 157 46.24 14.96 8.81
N LYS I 158 46.46 15.11 10.12
CA LYS I 158 47.44 16.03 10.70
C LYS I 158 47.09 17.52 10.53
N GLN I 159 45.83 17.83 10.25
CA GLN I 159 45.37 19.21 10.16
C GLN I 159 44.88 19.65 11.54
N SER I 160 44.83 20.96 11.77
CA SER I 160 44.32 21.48 13.05
C SER I 160 42.81 21.28 13.16
N LEU I 161 42.30 21.25 14.39
CA LEU I 161 40.87 21.18 14.64
C LEU I 161 40.07 22.29 13.98
N GLN I 162 40.62 23.50 13.98
CA GLN I 162 39.95 24.65 13.35
C GLN I 162 39.78 24.44 11.84
N VAL I 163 40.80 23.91 11.17
CA VAL I 163 40.73 23.66 9.73
C VAL I 163 39.74 22.52 9.41
N ILE I 164 39.74 21.46 10.21
CA ILE I 164 38.77 20.37 10.04
C ILE I 164 37.34 20.88 10.17
N GLU I 165 37.07 21.70 11.17
CA GLU I 165 35.72 22.20 11.41
C GLU I 165 35.25 23.07 10.24
N SER I 166 36.12 23.97 9.77
CA SER I 166 35.81 24.80 8.60
C SER I 166 35.54 23.98 7.34
N ALA I 167 36.40 23.01 7.07
CA ALA I 167 36.23 22.18 5.87
C ALA I 167 34.93 21.35 5.90
N MET I 168 34.58 20.80 7.07
CA MET I 168 33.38 19.98 7.21
C MET I 168 32.05 20.74 7.09
N GLU I 169 32.10 22.04 7.27
CA GLU I 169 30.94 22.89 7.02
C GLU I 169 30.71 23.16 5.49
N ARG I 170 31.73 22.99 4.66
CA ARG I 170 31.60 23.21 3.20
C ARG I 170 30.98 22.00 2.50
N ASP I 171 29.82 22.21 1.87
CA ASP I 171 29.11 21.15 1.18
C ASP I 171 29.71 20.95 -0.22
N ARG I 172 30.77 20.15 -0.30
CA ARG I 172 31.47 19.92 -1.56
C ARG I 172 32.25 18.61 -1.51
N TYR I 173 32.64 18.18 -2.68
CA TYR I 173 33.43 17.00 -2.87
C TYR I 173 34.82 17.44 -3.28
N MET I 174 35.79 16.58 -3.02
CA MET I 174 37.16 16.84 -3.37
C MET I 174 37.63 15.78 -4.32
N SER I 175 38.58 16.15 -5.15
CA SER I 175 39.23 15.24 -6.06
C SER I 175 40.27 14.44 -5.29
N PRO I 176 40.70 13.31 -5.82
CA PRO I 176 41.72 12.51 -5.13
C PRO I 176 42.98 13.29 -4.83
N MET I 177 43.43 14.11 -5.75
CA MET I 177 44.61 14.96 -5.54
C MET I 177 44.40 15.94 -4.37
N GLU I 178 43.22 16.53 -4.29
CA GLU I 178 42.91 17.46 -3.21
C GLU I 178 42.91 16.74 -1.87
N ALA I 179 42.34 15.54 -1.85
CA ALA I 179 42.27 14.72 -0.64
C ALA I 179 43.66 14.30 -0.18
N GLN I 180 44.57 14.03 -1.14
CA GLN I 180 45.98 13.75 -0.83
C GLN I 180 46.66 14.96 -0.17
N GLU I 181 46.52 16.14 -0.78
CA GLU I 181 47.04 17.38 -0.21
C GLU I 181 46.49 17.67 1.20
N PHE I 182 45.23 17.33 1.44
CA PHE I 182 44.59 17.56 2.74
C PHE I 182 45.03 16.58 3.83
N GLY I 183 45.59 15.42 3.45
CA GLY I 183 45.99 14.37 4.40
C GLY I 183 45.02 13.19 4.59
N ILE I 184 43.98 13.12 3.76
CA ILE I 184 43.00 12.02 3.81
C ILE I 184 43.57 10.74 3.21
N LEU I 185 44.42 10.86 2.19
CA LEU I 185 45.02 9.69 1.58
C LEU I 185 46.47 9.96 1.13
N ASP I 186 47.18 8.87 0.82
CA ASP I 186 48.61 8.92 0.47
C ASP I 186 48.91 8.81 -1.03
N LYS I 187 48.18 7.97 -1.77
CA LYS I 187 48.51 7.68 -3.17
C LYS I 187 47.29 7.65 -4.12
N VAL I 188 47.45 8.30 -5.26
CA VAL I 188 46.46 8.31 -6.33
C VAL I 188 47.07 7.54 -7.51
N LEU I 189 46.62 6.30 -7.72
CA LEU I 189 47.21 5.40 -8.70
C LEU I 189 46.28 5.19 -9.90
N VAL I 190 46.84 5.32 -11.11
CA VAL I 190 46.13 4.97 -12.36
C VAL I 190 46.32 3.49 -12.74
N HIS I 191 47.45 2.90 -12.34
CA HIS I 191 47.97 1.57 -12.73
C HIS I 191 48.80 1.11 -11.51
N PRO I 192 49.00 -0.22 -11.31
CA PRO I 192 49.83 -0.60 -10.16
C PRO I 192 51.32 -0.15 -10.27
N PRO I 193 52.03 -0.05 -9.13
CA PRO I 193 53.42 0.45 -9.14
C PRO I 193 54.43 -0.66 -9.42
N PRO J 1 21.51 -7.91 2.93
CA PRO J 1 22.92 -8.05 3.27
C PRO J 1 23.44 -9.50 3.09
N LEU J 2 24.24 -9.72 2.05
CA LEU J 2 24.88 -11.02 1.78
C LEU J 2 25.92 -11.38 2.87
N ILE J 3 25.71 -12.52 3.53
CA ILE J 3 26.61 -12.98 4.58
C ILE J 3 27.69 -13.86 3.95
N PRO J 4 28.99 -13.54 4.14
CA PRO J 4 30.03 -14.37 3.51
C PRO J 4 30.25 -15.71 4.20
N ILE J 5 30.73 -16.68 3.43
CA ILE J 5 31.04 -18.04 3.92
C ILE J 5 32.54 -18.33 3.99
N VAL J 6 32.92 -19.26 4.86
CA VAL J 6 34.31 -19.69 5.06
C VAL J 6 34.34 -21.20 5.28
N TYR J 17 30.69 -22.68 6.71
CA TYR J 17 30.22 -21.78 7.73
C TYR J 17 29.96 -20.39 7.16
N ASP J 18 28.83 -19.76 7.48
CA ASP J 18 28.72 -18.31 7.37
C ASP J 18 29.60 -17.64 8.44
N ILE J 19 29.97 -16.39 8.25
CA ILE J 19 30.97 -15.72 9.11
C ILE J 19 30.57 -15.71 10.60
N TYR J 20 29.28 -15.52 10.92
CA TYR J 20 28.83 -15.54 12.33
C TYR J 20 28.99 -16.93 12.94
N SER J 21 28.68 -17.97 12.19
CA SER J 21 28.91 -19.34 12.65
C SER J 21 30.38 -19.63 12.87
N ARG J 22 31.23 -19.10 12.00
CA ARG J 22 32.67 -19.22 12.17
C ARG J 22 33.13 -18.56 13.48
N LEU J 23 32.62 -17.36 13.76
CA LEU J 23 32.92 -16.66 15.03
C LEU J 23 32.40 -17.45 16.24
N LEU J 24 31.23 -18.06 16.10
CA LEU J 24 30.68 -18.91 17.14
C LEU J 24 31.57 -20.10 17.50
N ARG J 25 32.23 -20.67 16.51
CA ARG J 25 33.12 -21.79 16.77
C ARG J 25 34.32 -21.31 17.53
N GLU J 26 34.55 -20.01 17.58
CA GLU J 26 35.66 -19.51 18.34
C GLU J 26 35.16 -18.78 19.57
N ARG J 27 33.99 -19.19 20.02
CA ARG J 27 33.34 -18.68 21.21
C ARG J 27 32.93 -17.20 21.28
N ILE J 28 32.56 -16.63 20.14
CA ILE J 28 32.13 -15.25 20.09
C ILE J 28 30.69 -15.14 19.66
N VAL J 29 29.85 -14.56 20.50
CA VAL J 29 28.42 -14.39 20.25
C VAL J 29 28.13 -12.92 19.98
N CYS J 30 27.32 -12.64 18.96
CA CYS J 30 27.00 -11.27 18.54
C CYS J 30 25.58 -10.85 18.96
N VAL J 31 25.47 -9.75 19.70
CA VAL J 31 24.20 -9.14 20.09
C VAL J 31 24.14 -7.79 19.37
N MET J 32 23.45 -7.77 18.23
CA MET J 32 23.48 -6.62 17.33
C MET J 32 22.05 -6.16 16.98
N GLY J 33 21.85 -4.87 16.93
CA GLY J 33 20.58 -4.30 16.57
C GLY J 33 19.54 -4.39 17.68
N PRO J 34 18.28 -4.09 17.35
CA PRO J 34 17.24 -4.11 18.39
C PRO J 34 17.02 -5.49 18.98
N ILE J 35 16.89 -5.56 20.30
CA ILE J 35 16.71 -6.82 21.01
C ILE J 35 15.22 -7.09 21.12
N ASP J 36 14.75 -8.10 20.40
CA ASP J 36 13.38 -8.61 20.54
C ASP J 36 13.45 -10.11 20.92
N ASP J 37 12.29 -10.75 21.01
CA ASP J 37 12.17 -12.18 21.32
C ASP J 37 12.99 -13.09 20.42
N SER J 38 13.00 -12.79 19.12
CA SER J 38 13.77 -13.58 18.16
C SER J 38 15.28 -13.47 18.42
N VAL J 39 15.78 -12.27 18.63
CA VAL J 39 17.20 -12.08 18.98
C VAL J 39 17.56 -12.78 20.31
N ALA J 40 16.71 -12.63 21.31
CA ALA J 40 16.97 -13.25 22.62
C ALA J 40 17.09 -14.77 22.52
N SER J 41 16.14 -15.39 21.84
CA SER J 41 16.17 -16.84 21.64
C SER J 41 17.43 -17.35 20.93
N LEU J 42 17.89 -16.58 19.96
CA LEU J 42 19.07 -16.91 19.22
C LEU J 42 20.30 -16.84 20.10
N VAL J 43 20.41 -15.75 20.82
CA VAL J 43 21.53 -15.55 21.72
C VAL J 43 21.55 -16.65 22.81
N ILE J 44 20.38 -16.93 23.39
CA ILE J 44 20.25 -17.97 24.41
C ILE J 44 20.67 -19.34 23.88
N ALA J 45 20.20 -19.69 22.69
CA ALA J 45 20.57 -20.95 22.05
C ALA J 45 22.08 -21.06 21.85
N GLN J 46 22.71 -19.97 21.42
CA GLN J 46 24.16 -19.93 21.26
C GLN J 46 24.91 -20.10 22.60
N LEU J 47 24.41 -19.44 23.65
CA LEU J 47 25.01 -19.59 24.99
C LEU J 47 24.93 -21.02 25.51
N LEU J 48 23.81 -21.71 25.28
CA LEU J 48 23.68 -23.13 25.64
C LEU J 48 24.65 -24.02 24.87
N PHE J 49 24.83 -23.73 23.59
CA PHE J 49 25.78 -24.48 22.76
C PHE J 49 27.20 -24.35 23.27
N LEU J 50 27.64 -23.11 23.50
CA LEU J 50 29.00 -22.87 23.98
C LEU J 50 29.28 -23.48 25.35
N GLN J 51 28.27 -23.48 26.21
CA GLN J 51 28.39 -24.06 27.53
C GLN J 51 28.63 -25.58 27.50
N SER J 52 27.91 -26.28 26.62
CA SER J 52 28.08 -27.72 26.44
C SER J 52 29.40 -28.13 25.80
N GLU J 53 29.97 -27.27 24.94
CA GLU J 53 31.33 -27.49 24.42
C GLU J 53 32.36 -27.42 25.56
N SER J 54 32.15 -26.51 26.51
CA SER J 54 33.01 -26.36 27.68
C SER J 54 32.37 -25.39 28.65
N ASN J 55 32.14 -25.84 29.88
CA ASN J 55 31.58 -24.96 30.92
C ASN J 55 32.64 -24.14 31.68
N LYS J 56 33.91 -24.21 31.26
CA LYS J 56 35.00 -23.43 31.87
C LYS J 56 35.55 -22.33 30.95
N LYS J 57 35.64 -22.59 29.64
CA LYS J 57 36.28 -21.65 28.72
C LYS J 57 35.46 -20.35 28.58
N PRO J 58 36.13 -19.18 28.59
CA PRO J 58 35.38 -17.93 28.48
C PRO J 58 34.53 -17.81 27.19
N ILE J 59 33.46 -17.01 27.29
CA ILE J 59 32.61 -16.66 26.17
C ILE J 59 32.73 -15.15 25.93
N HIS J 60 32.91 -14.75 24.68
CA HIS J 60 32.98 -13.35 24.29
C HIS J 60 31.64 -12.89 23.70
N MET J 61 31.10 -11.80 24.25
CA MET J 61 29.81 -11.25 23.83
C MET J 61 30.02 -9.85 23.25
N TYR J 62 29.87 -9.74 21.92
CA TYR J 62 29.96 -8.48 21.19
C TYR J 62 28.60 -7.77 21.23
N ILE J 63 28.58 -6.54 21.72
CA ILE J 63 27.33 -5.77 21.90
C ILE J 63 27.38 -4.46 21.15
N ASN J 64 26.49 -4.34 20.16
CA ASN J 64 26.26 -3.08 19.44
C ASN J 64 24.75 -2.98 19.22
N SER J 65 24.06 -2.29 20.13
CA SER J 65 22.60 -2.33 20.18
C SER J 65 22.00 -1.06 20.75
N PRO J 66 20.92 -0.53 20.14
CA PRO J 66 20.18 0.60 20.71
C PRO J 66 19.15 0.23 21.79
N GLY J 67 19.00 -1.06 22.10
CA GLY J 67 18.08 -1.50 23.16
C GLY J 67 17.03 -2.42 22.58
N GLY J 68 15.83 -2.41 23.18
CA GLY J 68 14.79 -3.33 22.79
C GLY J 68 13.82 -3.72 23.88
N VAL J 69 13.17 -4.86 23.70
CA VAL J 69 12.08 -5.31 24.58
C VAL J 69 12.62 -5.75 25.95
N VAL J 70 12.02 -5.24 27.03
CA VAL J 70 12.55 -5.48 28.38
C VAL J 70 12.61 -6.99 28.74
N THR J 71 11.53 -7.73 28.52
CA THR J 71 11.49 -9.15 28.87
C THR J 71 12.51 -9.99 28.07
N ALA J 72 12.72 -9.61 26.80
CA ALA J 72 13.72 -10.27 25.96
C ALA J 72 15.14 -9.99 26.46
N GLY J 73 15.41 -8.77 26.85
CA GLY J 73 16.68 -8.42 27.50
C GLY J 73 16.90 -9.19 28.80
N LEU J 74 15.87 -9.26 29.64
CA LEU J 74 15.95 -10.00 30.89
C LEU J 74 16.16 -11.50 30.69
N ALA J 75 15.62 -12.05 29.60
CA ALA J 75 15.83 -13.47 29.28
C ALA J 75 17.29 -13.78 29.01
N ILE J 76 17.95 -12.90 28.24
CA ILE J 76 19.38 -13.03 27.98
C ILE J 76 20.17 -12.81 29.27
N TYR J 77 19.81 -11.79 30.04
CA TYR J 77 20.47 -11.51 31.32
C TYR J 77 20.48 -12.74 32.21
N ASP J 78 19.30 -13.34 32.41
CA ASP J 78 19.17 -14.50 33.32
C ASP J 78 19.98 -15.69 32.83
N THR J 79 20.06 -15.90 31.52
CA THR J 79 20.82 -17.00 30.96
C THR J 79 22.33 -16.81 31.15
N MET J 80 22.80 -15.57 30.99
CA MET J 80 24.19 -15.21 31.26
C MET J 80 24.60 -15.56 32.71
N GLN J 81 23.75 -15.18 33.66
CA GLN J 81 23.97 -15.50 35.07
C GLN J 81 23.92 -17.01 35.31
N TYR J 82 22.96 -17.70 34.67
CA TYR J 82 22.73 -19.12 34.91
C TYR J 82 23.86 -20.04 34.49
N ILE J 83 24.45 -19.82 33.31
CA ILE J 83 25.57 -20.64 32.87
C ILE J 83 26.81 -20.41 33.73
N LEU J 84 27.68 -21.41 33.76
CA LEU J 84 28.86 -21.38 34.64
C LEU J 84 30.02 -20.58 34.05
N ASN J 85 30.05 -20.43 32.73
CA ASN J 85 31.19 -19.82 32.06
C ASN J 85 31.42 -18.37 32.46
N PRO J 86 32.70 -17.94 32.48
CA PRO J 86 32.93 -16.50 32.50
C PRO J 86 32.51 -15.87 31.16
N ILE J 87 31.99 -14.66 31.20
CA ILE J 87 31.50 -13.97 30.01
C ILE J 87 32.19 -12.61 29.94
N CYS J 88 32.97 -12.41 28.88
CA CYS J 88 33.59 -11.11 28.59
C CYS J 88 32.64 -10.32 27.69
N THR J 89 32.22 -9.14 28.13
CA THR J 89 31.37 -8.27 27.32
C THR J 89 32.21 -7.20 26.65
N TRP J 90 31.89 -6.93 25.39
CA TRP J 90 32.59 -5.93 24.55
C TRP J 90 31.61 -4.94 23.88
N CYS J 91 31.63 -3.68 24.30
CA CYS J 91 30.83 -2.63 23.68
C CYS J 91 31.55 -1.97 22.50
N VAL J 92 31.00 -2.15 21.31
CA VAL J 92 31.52 -1.49 20.10
C VAL J 92 30.35 -0.75 19.45
N GLY J 93 30.52 0.53 19.17
CA GLY J 93 29.46 1.35 18.61
C GLY J 93 28.60 1.95 19.70
N GLN J 94 27.64 1.18 20.20
CA GLN J 94 26.83 1.62 21.33
C GLN J 94 26.19 0.49 22.13
N ALA J 95 25.85 0.79 23.37
CA ALA J 95 25.01 -0.07 24.20
C ALA J 95 24.06 0.84 24.94
N ALA J 96 22.81 0.89 24.45
CA ALA J 96 21.77 1.73 25.04
C ALA J 96 20.66 0.87 25.65
N SER J 97 20.06 1.35 26.72
CA SER J 97 18.91 0.69 27.35
C SER J 97 19.31 -0.76 27.70
N MET J 98 18.55 -1.77 27.23
CA MET J 98 18.84 -3.17 27.59
C MET J 98 20.24 -3.64 27.16
N GLY J 99 20.77 -3.04 26.09
CA GLY J 99 22.15 -3.30 25.68
C GLY J 99 23.17 -2.98 26.77
N SER J 100 22.98 -1.87 27.48
CA SER J 100 23.92 -1.50 28.56
C SER J 100 23.77 -2.40 29.79
N LEU J 101 22.58 -2.97 29.99
CA LEU J 101 22.38 -3.92 31.09
C LEU J 101 23.18 -5.21 30.85
N LEU J 102 23.14 -5.71 29.61
CA LEU J 102 23.90 -6.89 29.23
C LEU J 102 25.42 -6.64 29.35
N LEU J 103 25.87 -5.46 28.92
CA LEU J 103 27.28 -5.06 29.06
C LEU J 103 27.72 -5.11 30.53
N ALA J 104 26.93 -4.48 31.40
CA ALA J 104 27.20 -4.45 32.83
C ALA J 104 27.14 -5.81 33.53
N ALA J 105 26.41 -6.75 32.93
CA ALA J 105 26.22 -8.09 33.48
C ALA J 105 27.35 -9.08 33.15
N GLY J 106 28.40 -8.65 32.47
CA GLY J 106 29.54 -9.52 32.22
C GLY J 106 30.26 -9.84 33.53
N THR J 107 31.08 -10.90 33.50
CA THR J 107 31.88 -11.32 34.66
C THR J 107 32.74 -10.16 35.16
N PRO J 108 32.76 -9.90 36.49
CA PRO J 108 33.57 -8.78 37.02
C PRO J 108 35.03 -8.84 36.56
N GLY J 109 35.58 -7.69 36.22
CA GLY J 109 36.90 -7.61 35.58
C GLY J 109 36.94 -7.85 34.07
N MET J 110 35.87 -8.37 33.47
CA MET J 110 35.86 -8.76 32.05
C MET J 110 34.87 -7.95 31.17
N ARG J 111 34.56 -6.72 31.58
CA ARG J 111 33.62 -5.86 30.87
C ARG J 111 34.40 -4.71 30.20
N HIS J 112 34.33 -4.67 28.87
CA HIS J 112 35.14 -3.80 28.03
C HIS J 112 34.37 -2.89 27.12
N SER J 113 34.98 -1.76 26.76
CA SER J 113 34.51 -0.92 25.66
C SER J 113 35.69 -0.42 24.84
N LEU J 114 35.47 -0.26 23.53
CA LEU J 114 36.42 0.43 22.68
C LEU J 114 36.21 1.95 22.85
N PRO J 115 37.19 2.77 22.40
CA PRO J 115 37.23 4.18 22.87
C PRO J 115 36.11 5.12 22.44
N ASN J 116 35.48 4.89 21.29
CA ASN J 116 34.47 5.83 20.77
C ASN J 116 33.00 5.36 20.96
N SER J 117 32.80 4.28 21.71
CA SER J 117 31.47 3.77 22.00
C SER J 117 30.66 4.74 22.84
N ARG J 118 29.34 4.63 22.77
CA ARG J 118 28.41 5.43 23.56
C ARG J 118 27.53 4.49 24.40
N ILE J 119 27.35 4.82 25.67
CA ILE J 119 26.63 3.96 26.62
C ILE J 119 25.51 4.77 27.28
N MET J 120 24.31 4.20 27.27
CA MET J 120 23.12 4.86 27.86
C MET J 120 22.35 3.87 28.73
N ILE J 121 22.07 4.26 29.96
CA ILE J 121 21.23 3.44 30.85
C ILE J 121 19.78 3.91 30.91
N HIS J 122 19.51 5.14 30.48
CA HIS J 122 18.14 5.64 30.29
C HIS J 122 17.35 4.74 29.33
N GLN J 123 16.06 4.57 29.61
CA GLN J 123 15.14 3.76 28.79
C GLN J 123 14.32 4.67 27.88
N PRO J 124 14.50 4.59 26.54
CA PRO J 124 13.68 5.45 25.66
C PRO J 124 12.28 4.90 25.43
N ILE J 137 0.98 -3.40 27.97
CA ILE J 137 1.24 -3.66 29.39
C ILE J 137 0.47 -2.65 30.27
N GLN J 138 -0.12 -3.12 31.37
CA GLN J 138 -0.69 -2.24 32.42
C GLN J 138 0.38 -1.41 33.16
N ALA J 139 -0.06 -0.27 33.73
CA ALA J 139 0.81 0.65 34.44
C ALA J 139 1.62 0.00 35.56
N GLU J 140 0.94 -0.81 36.39
CA GLU J 140 1.61 -1.50 37.49
C GLU J 140 2.72 -2.44 36.99
N GLU J 141 2.49 -3.11 35.86
CA GLU J 141 3.48 -4.04 35.31
C GLU J 141 4.72 -3.34 34.76
N ILE J 142 4.54 -2.20 34.11
CA ILE J 142 5.69 -1.45 33.59
C ILE J 142 6.57 -0.96 34.75
N MET J 143 5.98 -0.56 35.87
CA MET J 143 6.77 -0.17 37.07
C MET J 143 7.48 -1.35 37.72
N LYS J 144 6.83 -2.51 37.78
CA LYS J 144 7.49 -3.70 38.33
C LYS J 144 8.73 -4.08 37.52
N LEU J 145 8.62 -4.05 36.19
CA LEU J 145 9.78 -4.31 35.33
C LEU J 145 10.87 -3.26 35.52
N LYS J 146 10.48 -2.00 35.60
CA LYS J 146 11.44 -0.90 35.85
C LYS J 146 12.22 -1.12 37.18
N LYS J 147 11.53 -1.51 38.24
CA LYS J 147 12.19 -1.84 39.52
C LYS J 147 13.12 -3.04 39.43
N GLN J 148 12.78 -4.04 38.63
CA GLN J 148 13.72 -5.15 38.38
C GLN J 148 15.01 -4.64 37.72
N LEU J 149 14.90 -3.68 36.81
CA LEU J 149 16.08 -3.10 36.16
C LEU J 149 16.93 -2.33 37.17
N TYR J 150 16.29 -1.54 38.04
CA TYR J 150 17.00 -0.81 39.12
C TYR J 150 17.87 -1.77 39.94
N ASN J 151 17.28 -2.88 40.42
CA ASN J 151 18.01 -3.85 41.25
C ASN J 151 19.14 -4.55 40.51
N ILE J 152 18.95 -4.86 39.23
CA ILE J 152 20.02 -5.48 38.45
C ILE J 152 21.21 -4.51 38.24
N TYR J 153 20.93 -3.26 37.90
CA TYR J 153 22.01 -2.28 37.71
C TYR J 153 22.76 -2.02 39.04
N ALA J 154 22.02 -1.95 40.15
CA ALA J 154 22.61 -1.76 41.48
C ALA J 154 23.57 -2.90 41.84
N LYS J 155 23.13 -4.13 41.63
CA LYS J 155 23.97 -5.31 41.87
C LYS J 155 25.29 -5.24 41.10
N HIS J 156 25.23 -4.94 39.79
CA HIS J 156 26.43 -5.07 38.95
C HIS J 156 27.33 -3.84 38.90
N THR J 157 26.76 -2.65 39.14
CA THR J 157 27.54 -1.41 39.18
C THR J 157 28.05 -1.07 40.59
N LYS J 158 27.40 -1.64 41.62
CA LYS J 158 27.66 -1.34 43.04
C LYS J 158 27.20 0.06 43.47
N GLN J 159 26.35 0.71 42.69
CA GLN J 159 25.79 2.01 43.07
C GLN J 159 24.50 1.80 43.85
N SER J 160 24.09 2.79 44.64
CA SER J 160 22.84 2.71 45.37
C SER J 160 21.62 2.77 44.43
N LEU J 161 20.50 2.23 44.88
CA LEU J 161 19.24 2.31 44.14
C LEU J 161 18.82 3.76 43.82
N GLN J 162 19.03 4.67 44.77
CA GLN J 162 18.69 6.07 44.56
C GLN J 162 19.50 6.69 43.41
N VAL J 163 20.80 6.38 43.34
CA VAL J 163 21.67 6.91 42.28
C VAL J 163 21.29 6.31 40.91
N ILE J 164 21.01 5.00 40.87
CA ILE J 164 20.54 4.37 39.62
C ILE J 164 19.26 5.03 39.11
N GLU J 165 18.30 5.26 39.99
CA GLU J 165 17.02 5.83 39.59
C GLU J 165 17.22 7.24 39.02
N SER J 166 18.02 8.06 39.70
CA SER J 166 18.34 9.42 39.23
C SER J 166 19.03 9.41 37.86
N ALA J 167 20.04 8.56 37.70
CA ALA J 167 20.78 8.49 36.46
C ALA J 167 19.89 8.04 35.27
N MET J 168 19.02 7.07 35.50
CA MET J 168 18.13 6.54 34.45
C MET J 168 17.04 7.50 33.97
N GLU J 169 16.75 8.51 34.77
CA GLU J 169 15.85 9.58 34.36
C GLU J 169 16.53 10.61 33.41
N ARG J 170 17.86 10.69 33.42
CA ARG J 170 18.60 11.62 32.54
C ARG J 170 18.77 11.09 31.12
N ASP J 171 18.20 11.81 30.15
CA ASP J 171 18.25 11.41 28.76
C ASP J 171 19.59 11.81 28.14
N ARG J 172 20.61 10.97 28.31
CA ARG J 172 21.95 11.28 27.82
C ARG J 172 22.77 9.99 27.69
N TYR J 173 23.83 10.08 26.89
CA TYR J 173 24.83 9.02 26.78
C TYR J 173 26.07 9.39 27.61
N MET J 174 26.82 8.34 27.96
CA MET J 174 28.08 8.41 28.67
C MET J 174 29.18 7.95 27.74
N SER J 175 30.36 8.54 27.90
CA SER J 175 31.59 8.03 27.28
C SER J 175 32.00 6.73 27.98
N PRO J 176 32.89 5.94 27.36
CA PRO J 176 33.39 4.75 28.03
C PRO J 176 34.05 5.02 29.39
N MET J 177 34.82 6.11 29.51
CA MET J 177 35.45 6.48 30.78
C MET J 177 34.41 6.76 31.86
N GLU J 178 33.37 7.50 31.54
CA GLU J 178 32.29 7.74 32.50
C GLU J 178 31.59 6.47 32.94
N ALA J 179 31.36 5.57 31.98
CA ALA J 179 30.73 4.27 32.26
C ALA J 179 31.60 3.40 33.18
N GLN J 180 32.92 3.50 32.99
CA GLN J 180 33.89 2.81 33.89
C GLN J 180 33.79 3.38 35.32
N GLU J 181 33.84 4.70 35.45
CA GLU J 181 33.68 5.36 36.75
C GLU J 181 32.35 4.99 37.44
N PHE J 182 31.29 4.84 36.65
CA PHE J 182 29.96 4.51 37.19
C PHE J 182 29.82 3.04 37.62
N GLY J 183 30.69 2.15 37.13
CA GLY J 183 30.62 0.71 37.43
C GLY J 183 29.97 -0.19 36.36
N ILE J 184 29.68 0.36 35.19
CA ILE J 184 29.10 -0.40 34.07
C ILE J 184 30.14 -1.28 33.40
N LEU J 185 31.38 -0.82 33.34
CA LEU J 185 32.44 -1.60 32.73
C LEU J 185 33.79 -1.45 33.46
N ASP J 186 34.72 -2.35 33.14
CA ASP J 186 36.03 -2.41 33.81
C ASP J 186 37.19 -1.80 33.01
N LYS J 187 37.22 -1.97 31.68
CA LYS J 187 38.38 -1.59 30.87
C LYS J 187 38.01 -0.90 29.55
N VAL J 188 38.70 0.21 29.26
CA VAL J 188 38.59 0.94 28.02
C VAL J 188 39.92 0.77 27.26
N LEU J 189 39.91 -0.07 26.23
CA LEU J 189 41.13 -0.45 25.52
C LEU J 189 41.18 0.16 24.12
N VAL J 190 42.32 0.77 23.78
CA VAL J 190 42.61 1.22 22.40
C VAL J 190 43.26 0.11 21.55
N HIS J 191 43.99 -0.80 22.19
CA HIS J 191 44.87 -1.84 21.62
C HIS J 191 44.85 -3.00 22.65
N PRO J 192 45.13 -4.26 22.24
CA PRO J 192 45.14 -5.30 23.27
C PRO J 192 46.26 -5.15 24.34
N PRO J 193 46.07 -5.75 25.54
CA PRO J 193 47.00 -5.52 26.65
C PRO J 193 48.18 -6.49 26.62
N PRO K 1 16.70 -11.18 10.26
CA PRO K 1 16.63 -12.42 11.03
C PRO K 1 17.45 -13.56 10.40
N LEU K 2 18.60 -13.88 11.01
CA LEU K 2 19.54 -14.89 10.47
C LEU K 2 19.89 -15.94 11.52
N ILE K 3 19.59 -17.20 11.26
CA ILE K 3 19.93 -18.28 12.18
C ILE K 3 21.30 -18.77 11.75
N PRO K 4 22.17 -19.16 12.68
CA PRO K 4 23.55 -19.59 12.36
C PRO K 4 23.76 -21.08 12.17
N ILE K 5 24.66 -21.45 11.27
CA ILE K 5 24.98 -22.84 10.97
C ILE K 5 26.22 -23.37 11.73
N ALA K 16 20.79 -25.21 5.08
CA ALA K 16 21.61 -24.93 6.26
C ALA K 16 21.14 -25.59 7.55
N TYR K 17 22.09 -25.88 8.42
CA TYR K 17 21.90 -26.54 9.71
C TYR K 17 21.97 -25.56 10.88
N ASP K 18 20.85 -24.92 11.14
CA ASP K 18 20.71 -23.90 12.15
C ASP K 18 20.88 -24.36 13.57
N ILE K 19 21.00 -23.39 14.45
CA ILE K 19 21.16 -23.66 15.85
C ILE K 19 19.96 -24.33 16.51
N TYR K 20 18.75 -24.06 16.06
CA TYR K 20 17.55 -24.69 16.65
C TYR K 20 17.51 -26.19 16.36
N SER K 21 17.90 -26.60 15.16
CA SER K 21 18.02 -28.02 14.83
C SER K 21 19.08 -28.71 15.68
N ARG K 22 20.18 -28.01 15.92
CA ARG K 22 21.22 -28.52 16.80
C ARG K 22 20.70 -28.75 18.22
N LEU K 23 19.92 -27.79 18.74
CA LEU K 23 19.27 -27.92 20.06
C LEU K 23 18.26 -29.08 20.08
N LEU K 24 17.54 -29.26 18.98
CA LEU K 24 16.61 -30.38 18.83
C LEU K 24 17.31 -31.76 18.96
N ARG K 25 18.52 -31.88 18.40
CA ARG K 25 19.32 -33.11 18.56
C ARG K 25 19.68 -33.39 20.03
N GLU K 26 19.72 -32.37 20.88
CA GLU K 26 19.89 -32.53 22.35
C GLU K 26 18.56 -32.52 23.14
N ARG K 27 17.44 -32.78 22.45
CA ARG K 27 16.12 -32.89 23.09
C ARG K 27 15.55 -31.58 23.69
N ILE K 28 15.93 -30.45 23.08
CA ILE K 28 15.40 -29.14 23.46
C ILE K 28 14.46 -28.64 22.36
N VAL K 29 13.21 -28.37 22.74
CA VAL K 29 12.20 -27.81 21.83
C VAL K 29 11.90 -26.36 22.26
N CYS K 30 11.84 -25.46 21.28
CA CYS K 30 11.63 -24.03 21.54
C CYS K 30 10.20 -23.60 21.18
N VAL K 31 9.49 -23.01 22.15
CA VAL K 31 8.15 -22.47 21.95
C VAL K 31 8.27 -20.96 22.18
N MET K 32 8.40 -20.22 21.07
CA MET K 32 8.80 -18.82 21.11
C MET K 32 7.84 -17.96 20.29
N GLY K 33 7.50 -16.80 20.81
CA GLY K 33 6.60 -15.90 20.12
C GLY K 33 5.15 -16.34 20.16
N PRO K 34 4.30 -15.68 19.38
CA PRO K 34 2.87 -16.01 19.40
C PRO K 34 2.58 -17.43 18.92
N ILE K 35 1.70 -18.12 19.63
CA ILE K 35 1.34 -19.50 19.32
C ILE K 35 0.16 -19.49 18.38
N ASP K 36 0.38 -19.89 17.13
CA ASP K 36 -0.71 -20.13 16.18
C ASP K 36 -0.64 -21.58 15.69
N ASP K 37 -1.52 -21.94 14.75
CA ASP K 37 -1.54 -23.29 14.15
C ASP K 37 -0.22 -23.77 13.58
N SER K 38 0.50 -22.88 12.92
CA SER K 38 1.81 -23.20 12.34
C SER K 38 2.82 -23.55 13.43
N VAL K 39 2.91 -22.73 14.47
CA VAL K 39 3.79 -23.03 15.61
C VAL K 39 3.40 -24.35 16.29
N ALA K 40 2.11 -24.57 16.53
CA ALA K 40 1.65 -25.79 17.20
C ALA K 40 2.04 -27.04 16.43
N SER K 41 1.80 -27.04 15.12
CA SER K 41 2.17 -28.17 14.27
C SER K 41 3.67 -28.50 14.30
N LEU K 42 4.52 -27.47 14.26
CA LEU K 42 5.97 -27.64 14.35
C LEU K 42 6.39 -28.22 15.69
N VAL K 43 5.82 -27.69 16.76
CA VAL K 43 6.14 -28.19 18.11
C VAL K 43 5.68 -29.65 18.24
N ILE K 44 4.46 -29.95 17.78
CA ILE K 44 3.92 -31.31 17.83
C ILE K 44 4.79 -32.29 17.04
N ALA K 45 5.20 -31.89 15.84
CA ALA K 45 6.07 -32.72 14.99
C ALA K 45 7.41 -33.01 15.70
N GLN K 46 7.97 -31.99 16.35
CA GLN K 46 9.20 -32.18 17.11
C GLN K 46 9.02 -33.12 18.31
N LEU K 47 7.90 -33.00 19.03
CA LEU K 47 7.60 -33.91 20.14
C LEU K 47 7.47 -35.36 19.69
N LEU K 48 6.83 -35.60 18.54
CA LEU K 48 6.75 -36.96 17.97
C LEU K 48 8.13 -37.52 17.59
N PHE K 49 8.98 -36.67 17.04
CA PHE K 49 10.35 -37.07 16.68
C PHE K 49 11.14 -37.49 17.91
N LEU K 50 11.16 -36.64 18.94
CA LEU K 50 11.91 -36.93 20.15
C LEU K 50 11.41 -38.20 20.88
N GLN K 51 10.13 -38.45 20.75
CA GLN K 51 9.47 -39.57 21.36
C GLN K 51 9.94 -40.89 20.77
N SER K 52 10.04 -40.92 19.44
CA SER K 52 10.52 -42.09 18.70
C SER K 52 12.01 -42.37 18.86
N GLU K 53 12.82 -41.33 19.09
CA GLU K 53 14.23 -41.52 19.44
C GLU K 53 14.37 -42.24 20.79
N SER K 54 13.49 -41.90 21.73
CA SER K 54 13.45 -42.52 23.06
C SER K 54 12.21 -42.07 23.79
N ASN K 55 11.38 -43.01 24.21
CA ASN K 55 10.17 -42.69 24.98
C ASN K 55 10.41 -42.59 26.50
N LYS K 56 11.67 -42.68 26.93
CA LYS K 56 12.03 -42.53 28.35
C LYS K 56 12.82 -41.26 28.66
N LYS K 57 13.73 -40.84 27.75
CA LYS K 57 14.62 -39.71 28.03
C LYS K 57 13.84 -38.38 28.12
N PRO K 58 14.17 -37.54 29.12
CA PRO K 58 13.41 -36.29 29.25
C PRO K 58 13.47 -35.37 28.00
N ILE K 59 12.44 -34.55 27.85
CA ILE K 59 12.37 -33.52 26.83
C ILE K 59 12.35 -32.16 27.53
N HIS K 60 13.18 -31.24 27.04
CA HIS K 60 13.22 -29.87 27.58
C HIS K 60 12.45 -28.91 26.65
N MET K 61 11.52 -28.17 27.25
CA MET K 61 10.66 -27.25 26.51
C MET K 61 10.94 -25.82 27.00
N TYR K 62 11.58 -25.03 26.13
CA TYR K 62 11.89 -23.63 26.38
C TYR K 62 10.69 -22.78 25.96
N ILE K 63 10.17 -21.96 26.90
CA ILE K 63 8.96 -21.18 26.68
C ILE K 63 9.24 -19.69 26.91
N ASN K 64 9.12 -18.92 25.83
CA ASN K 64 9.15 -17.46 25.88
C ASN K 64 8.09 -16.95 24.92
N SER K 65 6.89 -16.69 25.43
CA SER K 65 5.72 -16.48 24.58
C SER K 65 4.70 -15.58 25.25
N PRO K 66 4.12 -14.61 24.50
CA PRO K 66 3.01 -13.78 24.99
C PRO K 66 1.62 -14.44 24.87
N GLY K 67 1.53 -15.65 24.32
CA GLY K 67 0.27 -16.37 24.21
C GLY K 67 -0.06 -16.66 22.77
N GLY K 68 -1.36 -16.74 22.46
CA GLY K 68 -1.79 -17.09 21.13
C GLY K 68 -3.15 -17.75 21.05
N VAL K 69 -3.37 -18.50 19.96
CA VAL K 69 -4.67 -19.09 19.65
C VAL K 69 -4.99 -20.25 20.60
N VAL K 70 -6.19 -20.23 21.19
CA VAL K 70 -6.55 -21.23 22.21
C VAL K 70 -6.46 -22.69 21.72
N THR K 71 -7.06 -22.98 20.55
CA THR K 71 -7.06 -24.36 20.04
C THR K 71 -5.66 -24.86 19.69
N ALA K 72 -4.79 -23.95 19.23
CA ALA K 72 -3.39 -24.29 18.93
C ALA K 72 -2.62 -24.59 20.22
N GLY K 73 -2.85 -23.81 21.26
CA GLY K 73 -2.30 -24.10 22.59
C GLY K 73 -2.77 -25.44 23.13
N LEU K 74 -4.07 -25.70 23.01
CA LEU K 74 -4.64 -26.97 23.47
C LEU K 74 -4.10 -28.17 22.70
N ALA K 75 -3.78 -27.99 21.42
CA ALA K 75 -3.19 -29.05 20.60
C ALA K 75 -1.82 -29.48 21.14
N ILE K 76 -1.00 -28.49 21.48
CA ILE K 76 0.30 -28.75 22.09
C ILE K 76 0.12 -29.37 23.48
N TYR K 77 -0.79 -28.82 24.28
CA TYR K 77 -1.09 -29.36 25.61
C TYR K 77 -1.40 -30.85 25.54
N ASP K 78 -2.35 -31.23 24.66
CA ASP K 78 -2.78 -32.62 24.57
C ASP K 78 -1.66 -33.55 24.13
N THR K 79 -0.78 -33.07 23.25
CA THR K 79 0.34 -33.87 22.78
C THR K 79 1.38 -34.10 23.88
N MET K 80 1.63 -33.07 24.69
CA MET K 80 2.50 -33.18 25.87
C MET K 80 2.00 -34.28 26.83
N GLN K 81 0.71 -34.27 27.13
CA GLN K 81 0.10 -35.29 27.98
C GLN K 81 0.18 -36.68 27.32
N TYR K 82 -0.07 -36.75 26.00
CA TYR K 82 -0.16 -38.01 25.28
C TYR K 82 1.15 -38.79 25.21
N ILE K 83 2.28 -38.13 24.93
CA ILE K 83 3.55 -38.83 24.87
C ILE K 83 3.97 -39.33 26.27
N LEU K 84 4.79 -40.38 26.29
CA LEU K 84 5.21 -40.99 27.56
C LEU K 84 6.43 -40.38 28.23
N ASN K 85 7.11 -39.48 27.53
CA ASN K 85 8.32 -38.85 28.09
C ASN K 85 8.00 -37.88 29.23
N PRO K 86 8.91 -37.79 30.21
CA PRO K 86 8.83 -36.62 31.09
C PRO K 86 9.20 -35.35 30.32
N ILE K 87 8.54 -34.24 30.66
CA ILE K 87 8.76 -32.97 29.99
C ILE K 87 9.10 -31.93 31.03
N CYS K 88 10.31 -31.38 30.92
CA CYS K 88 10.76 -30.28 31.79
C CYS K 88 10.42 -28.96 31.07
N THR K 89 9.62 -28.11 31.72
CA THR K 89 9.29 -26.81 31.16
C THR K 89 10.18 -25.75 31.79
N TRP K 90 10.63 -24.80 30.94
CA TRP K 90 11.52 -23.70 31.35
C TRP K 90 10.97 -22.33 30.87
N CYS K 91 10.54 -21.49 31.80
CA CYS K 91 10.09 -20.13 31.46
C CYS K 91 11.27 -19.15 31.50
N VAL K 92 11.58 -18.58 30.34
CA VAL K 92 12.60 -17.54 30.24
C VAL K 92 11.96 -16.35 29.53
N GLY K 93 12.05 -15.16 30.12
CA GLY K 93 11.42 -13.98 29.55
C GLY K 93 9.99 -13.85 30.03
N GLN K 94 9.07 -14.55 29.37
CA GLN K 94 7.68 -14.58 29.83
C GLN K 94 6.89 -15.80 29.37
N ALA K 95 5.82 -16.10 30.10
CA ALA K 95 4.81 -17.07 29.69
C ALA K 95 3.48 -16.47 30.04
N ALA K 96 2.79 -15.94 29.04
CA ALA K 96 1.47 -15.31 29.22
C ALA K 96 0.40 -16.12 28.50
N SER K 97 -0.81 -16.13 29.06
CA SER K 97 -1.97 -16.77 28.44
C SER K 97 -1.63 -18.24 28.15
N MET K 98 -1.77 -18.71 26.90
CA MET K 98 -1.52 -20.13 26.57
C MET K 98 -0.09 -20.58 26.89
N GLY K 99 0.87 -19.66 26.84
CA GLY K 99 2.23 -19.94 27.26
C GLY K 99 2.33 -20.42 28.71
N SER K 100 1.56 -19.81 29.61
CA SER K 100 1.59 -20.21 31.02
C SER K 100 0.88 -21.58 31.24
N LEU K 101 -0.07 -21.91 30.38
CA LEU K 101 -0.73 -23.22 30.46
C LEU K 101 0.26 -24.33 30.11
N LEU K 102 1.05 -24.14 29.06
CA LEU K 102 2.08 -25.09 28.67
C LEU K 102 3.15 -25.24 29.77
N LEU K 103 3.56 -24.13 30.38
CA LEU K 103 4.51 -24.15 31.50
C LEU K 103 3.99 -25.01 32.64
N ALA K 104 2.75 -24.76 33.03
CA ALA K 104 2.08 -25.50 34.12
C ALA K 104 1.84 -26.99 33.81
N ALA K 105 1.80 -27.33 32.52
CA ALA K 105 1.54 -28.70 32.07
C ALA K 105 2.79 -29.60 32.02
N GLY K 106 3.95 -29.10 32.44
CA GLY K 106 5.15 -29.94 32.51
C GLY K 106 4.97 -31.01 33.58
N THR K 107 5.81 -32.06 33.49
CA THR K 107 5.82 -33.14 34.47
C THR K 107 6.00 -32.59 35.89
N PRO K 108 5.17 -33.05 36.86
CA PRO K 108 5.29 -32.52 38.24
C PRO K 108 6.72 -32.66 38.79
N GLY K 109 7.17 -31.64 39.50
CA GLY K 109 8.55 -31.51 39.91
C GLY K 109 9.54 -30.96 38.87
N MET K 110 9.15 -30.88 37.60
CA MET K 110 10.06 -30.49 36.51
C MET K 110 9.67 -29.18 35.80
N ARG K 111 8.97 -28.28 36.50
CA ARG K 111 8.51 -27.01 35.93
C ARG K 111 9.33 -25.87 36.57
N HIS K 112 10.08 -25.16 35.72
CA HIS K 112 11.12 -24.23 36.14
C HIS K 112 10.86 -22.80 35.57
N SER K 113 11.35 -21.80 36.30
CA SER K 113 11.51 -20.45 35.77
C SER K 113 12.84 -19.87 36.21
N LEU K 114 13.44 -19.04 35.35
CA LEU K 114 14.58 -18.22 35.75
C LEU K 114 14.07 -16.99 36.50
N PRO K 115 14.95 -16.28 37.24
CA PRO K 115 14.47 -15.35 38.27
C PRO K 115 13.70 -14.11 37.84
N ASN K 116 13.95 -13.59 36.63
CA ASN K 116 13.28 -12.34 36.21
C ASN K 116 12.11 -12.52 35.22
N SER K 117 11.69 -13.76 35.00
CA SER K 117 10.56 -14.06 34.10
C SER K 117 9.26 -13.50 34.66
N ARG K 118 8.29 -13.28 33.77
CA ARG K 118 6.95 -12.83 34.13
C ARG K 118 5.91 -13.84 33.64
N ILE K 119 4.95 -14.17 34.50
CA ILE K 119 3.96 -15.21 34.23
C ILE K 119 2.55 -14.65 34.38
N MET K 120 1.71 -14.87 33.38
CA MET K 120 0.32 -14.36 33.39
C MET K 120 -0.64 -15.46 32.95
N ILE K 121 -1.72 -15.64 33.69
CA ILE K 121 -2.70 -16.62 33.32
C ILE K 121 -3.92 -15.96 32.72
N HIS K 122 -4.14 -14.69 32.99
CA HIS K 122 -5.16 -13.89 32.29
C HIS K 122 -5.01 -14.00 30.77
N GLN K 123 -6.14 -14.02 30.08
CA GLN K 123 -6.21 -14.12 28.59
C GLN K 123 -6.45 -12.72 28.02
N PRO K 124 -5.48 -12.14 27.27
CA PRO K 124 -5.74 -10.82 26.67
C PRO K 124 -6.59 -10.89 25.40
N ILE K 137 -16.27 -17.11 16.25
CA ILE K 137 -16.84 -18.07 17.19
C ILE K 137 -18.13 -17.52 17.83
N GLN K 138 -19.14 -18.37 18.01
CA GLN K 138 -20.34 -18.04 18.83
C GLN K 138 -20.03 -17.88 20.33
N ALA K 139 -20.88 -17.12 21.01
CA ALA K 139 -20.72 -16.84 22.45
C ALA K 139 -20.61 -18.12 23.29
N GLU K 140 -21.51 -19.07 23.05
CA GLU K 140 -21.49 -20.35 23.77
C GLU K 140 -20.16 -21.10 23.59
N GLU K 141 -19.59 -21.06 22.39
CA GLU K 141 -18.32 -21.73 22.12
C GLU K 141 -17.13 -21.11 22.81
N ILE K 142 -17.07 -19.79 22.88
CA ILE K 142 -15.98 -19.11 23.58
C ILE K 142 -16.02 -19.46 25.08
N MET K 143 -17.21 -19.57 25.68
CA MET K 143 -17.34 -20.00 27.09
C MET K 143 -16.95 -21.46 27.31
N LYS K 144 -17.31 -22.34 26.38
CA LYS K 144 -16.91 -23.75 26.50
C LYS K 144 -15.38 -23.90 26.50
N LEU K 145 -14.70 -23.18 25.60
CA LEU K 145 -13.24 -23.18 25.56
C LEU K 145 -12.66 -22.61 26.85
N LYS K 146 -13.22 -21.52 27.33
CA LYS K 146 -12.78 -20.90 28.59
C LYS K 146 -12.88 -21.89 29.77
N LYS K 147 -13.98 -22.62 29.86
CA LYS K 147 -14.15 -23.67 30.91
C LYS K 147 -13.15 -24.82 30.76
N GLN K 148 -12.80 -25.19 29.54
CA GLN K 148 -11.73 -26.19 29.34
C GLN K 148 -10.39 -25.68 29.92
N LEU K 149 -10.11 -24.38 29.77
CA LEU K 149 -8.89 -23.80 30.34
C LEU K 149 -8.94 -23.83 31.87
N TYR K 150 -10.08 -23.47 32.45
CA TYR K 150 -10.28 -23.54 33.91
C TYR K 150 -9.94 -24.93 34.46
N ASN K 151 -10.50 -25.97 33.85
CA ASN K 151 -10.25 -27.36 34.31
C ASN K 151 -8.81 -27.80 34.15
N ILE K 152 -8.15 -27.40 33.07
CA ILE K 152 -6.73 -27.74 32.89
C ILE K 152 -5.85 -27.06 33.95
N TYR K 153 -6.06 -25.77 34.20
CA TYR K 153 -5.28 -25.07 35.22
C TYR K 153 -5.52 -25.66 36.63
N ALA K 154 -6.77 -26.00 36.93
CA ALA K 154 -7.14 -26.62 38.21
C ALA K 154 -6.41 -27.95 38.42
N LYS K 155 -6.43 -28.80 37.40
CA LYS K 155 -5.71 -30.07 37.44
C LYS K 155 -4.23 -29.89 37.76
N HIS K 156 -3.54 -28.99 37.07
CA HIS K 156 -2.08 -28.92 37.18
C HIS K 156 -1.56 -28.04 38.32
N THR K 157 -2.34 -27.04 38.74
CA THR K 157 -1.97 -26.18 39.85
C THR K 157 -2.48 -26.68 41.21
N LYS K 158 -3.49 -27.55 41.18
CA LYS K 158 -4.21 -28.05 42.37
C LYS K 158 -5.07 -26.99 43.08
N GLN K 159 -5.37 -25.87 42.41
CA GLN K 159 -6.25 -24.85 42.97
C GLN K 159 -7.69 -25.16 42.59
N SER K 160 -8.64 -24.61 43.34
CA SER K 160 -10.06 -24.78 43.03
C SER K 160 -10.44 -24.02 41.76
N LEU K 161 -11.51 -24.47 41.10
CA LEU K 161 -12.08 -23.79 39.94
C LEU K 161 -12.43 -22.33 40.21
N GLN K 162 -12.98 -22.05 41.40
CA GLN K 162 -13.34 -20.69 41.78
C GLN K 162 -12.11 -19.77 41.83
N VAL K 163 -11.01 -20.26 42.39
CA VAL K 163 -9.76 -19.48 42.49
C VAL K 163 -9.14 -19.24 41.10
N ILE K 164 -9.15 -20.26 40.26
CA ILE K 164 -8.67 -20.11 38.86
C ILE K 164 -9.48 -19.03 38.12
N GLU K 165 -10.79 -19.07 38.24
CA GLU K 165 -11.66 -18.11 37.55
C GLU K 165 -11.38 -16.69 38.01
N SER K 166 -11.28 -16.50 39.32
CA SER K 166 -10.95 -15.18 39.90
C SER K 166 -9.59 -14.66 39.43
N ALA K 167 -8.57 -15.52 39.48
CA ALA K 167 -7.23 -15.11 39.06
C ALA K 167 -7.16 -14.73 37.57
N MET K 168 -7.85 -15.48 36.71
CA MET K 168 -7.84 -15.23 35.26
C MET K 168 -8.57 -13.94 34.83
N GLU K 169 -9.43 -13.43 35.69
CA GLU K 169 -10.06 -12.13 35.45
C GLU K 169 -9.11 -10.92 35.79
N ARG K 170 -8.08 -11.15 36.60
CA ARG K 170 -7.15 -10.08 37.00
C ARG K 170 -6.07 -9.84 35.94
N ASP K 171 -6.04 -8.63 35.41
CA ASP K 171 -5.08 -8.29 34.36
C ASP K 171 -3.73 -7.90 35.00
N ARG K 172 -2.91 -8.90 35.29
CA ARG K 172 -1.62 -8.70 35.94
C ARG K 172 -0.69 -9.87 35.70
N TYR K 173 0.60 -9.63 35.88
CA TYR K 173 1.62 -10.68 35.87
C TYR K 173 2.02 -11.04 37.30
N MET K 174 2.57 -12.25 37.44
CA MET K 174 3.11 -12.80 38.65
C MET K 174 4.61 -12.95 38.48
N SER K 175 5.34 -12.76 39.58
CA SER K 175 6.76 -13.13 39.66
C SER K 175 6.88 -14.65 39.68
N PRO K 176 8.08 -15.19 39.42
CA PRO K 176 8.26 -16.64 39.53
C PRO K 176 7.92 -17.22 40.90
N MET K 177 8.27 -16.51 41.98
CA MET K 177 7.93 -16.97 43.34
C MET K 177 6.42 -17.06 43.56
N GLU K 178 5.66 -16.06 43.10
CA GLU K 178 4.21 -16.11 43.20
C GLU K 178 3.60 -17.27 42.39
N ALA K 179 4.17 -17.50 41.20
CA ALA K 179 3.71 -18.59 40.34
C ALA K 179 3.99 -19.95 40.98
N GLN K 180 5.13 -20.07 41.70
CA GLN K 180 5.46 -21.28 42.47
C GLN K 180 4.43 -21.50 43.59
N GLU K 181 4.16 -20.47 44.38
CA GLU K 181 3.14 -20.53 45.43
C GLU K 181 1.75 -20.92 44.88
N PHE K 182 1.43 -20.44 43.68
CA PHE K 182 0.12 -20.70 43.07
C PHE K 182 0.00 -22.12 42.49
N GLY K 183 1.13 -22.81 42.26
CA GLY K 183 1.14 -24.15 41.66
C GLY K 183 1.42 -24.25 40.14
N ILE K 184 1.80 -23.13 39.52
CA ILE K 184 2.14 -23.08 38.10
C ILE K 184 3.52 -23.71 37.82
N LEU K 185 4.45 -23.55 38.76
CA LEU K 185 5.77 -24.13 38.60
C LEU K 185 6.36 -24.64 39.92
N ASP K 186 7.42 -25.42 39.83
CA ASP K 186 8.05 -26.07 40.97
C ASP K 186 9.33 -25.41 41.48
N LYS K 187 10.18 -24.91 40.58
CA LYS K 187 11.52 -24.41 40.95
C LYS K 187 11.90 -23.09 40.27
N VAL K 188 12.42 -22.17 41.07
CA VAL K 188 12.97 -20.90 40.62
C VAL K 188 14.48 -20.95 40.83
N LEU K 189 15.24 -21.14 39.76
CA LEU K 189 16.68 -21.36 39.85
C LEU K 189 17.46 -20.16 39.32
N VAL K 190 18.46 -19.71 40.09
CA VAL K 190 19.43 -18.70 39.65
C VAL K 190 20.65 -19.36 38.96
N HIS K 191 20.97 -20.60 39.33
CA HIS K 191 22.19 -21.36 38.95
C HIS K 191 21.77 -22.85 38.90
N PRO K 192 22.47 -23.69 38.12
CA PRO K 192 22.05 -25.11 38.15
C PRO K 192 22.26 -25.79 39.53
N PRO K 193 21.56 -26.91 39.80
CA PRO K 193 21.74 -27.65 41.06
C PRO K 193 22.92 -28.63 41.00
N PRO L 1 8.22 -18.94 9.53
CA PRO L 1 8.37 -20.09 10.42
C PRO L 1 9.52 -21.03 9.97
N LEU L 2 10.63 -21.02 10.71
CA LEU L 2 11.77 -21.91 10.43
C LEU L 2 11.42 -23.38 10.70
N ILE L 3 11.53 -24.23 9.68
CA ILE L 3 11.26 -25.66 9.80
C ILE L 3 12.58 -26.36 10.18
N PRO L 4 12.62 -27.11 11.31
CA PRO L 4 13.89 -27.74 11.68
C PRO L 4 14.23 -28.97 10.84
N ILE L 5 15.53 -29.24 10.74
CA ILE L 5 16.05 -30.39 9.99
C ILE L 5 16.63 -31.49 10.88
N VAL L 6 16.70 -32.71 10.33
CA VAL L 6 17.28 -33.89 11.01
C VAL L 6 18.09 -34.69 9.98
N TYR L 17 16.72 -34.04 6.08
CA TYR L 17 15.22 -34.06 6.12
C TYR L 17 14.74 -32.89 6.95
N ASP L 18 13.80 -32.10 6.45
CA ASP L 18 12.97 -31.25 7.32
C ASP L 18 12.02 -32.16 8.14
N ILE L 19 11.53 -31.66 9.26
CA ILE L 19 10.78 -32.50 10.22
C ILE L 19 9.54 -33.18 9.60
N TYR L 20 8.83 -32.48 8.71
CA TYR L 20 7.64 -33.07 8.04
C TYR L 20 8.03 -34.20 7.11
N SER L 21 9.14 -34.05 6.39
CA SER L 21 9.66 -35.15 5.55
C SER L 21 10.06 -36.34 6.37
N ARG L 22 10.66 -36.08 7.53
CA ARG L 22 11.00 -37.15 8.46
C ARG L 22 9.77 -37.92 8.92
N LEU L 23 8.69 -37.19 9.26
CA LEU L 23 7.42 -37.82 9.63
C LEU L 23 6.80 -38.61 8.47
N LEU L 24 6.94 -38.09 7.25
CA LEU L 24 6.48 -38.78 6.05
C LEU L 24 7.17 -40.15 5.86
N ARG L 25 8.47 -40.24 6.17
CA ARG L 25 9.18 -41.53 6.13
C ARG L 25 8.62 -42.56 7.12
N GLU L 26 7.97 -42.11 8.19
CA GLU L 26 7.23 -43.00 9.12
C GLU L 26 5.72 -43.10 8.82
N ARG L 27 5.30 -42.75 7.60
CA ARG L 27 3.90 -42.88 7.15
C ARG L 27 2.90 -41.94 7.87
N ILE L 28 3.38 -40.76 8.28
CA ILE L 28 2.54 -39.73 8.89
C ILE L 28 2.39 -38.57 7.90
N VAL L 29 1.15 -38.24 7.54
CA VAL L 29 0.82 -37.12 6.66
C VAL L 29 0.10 -36.05 7.48
N CYS L 30 0.49 -34.79 7.29
CA CYS L 30 -0.06 -33.67 8.06
C CYS L 30 -1.03 -32.82 7.22
N VAL L 31 -2.26 -32.67 7.72
CA VAL L 31 -3.28 -31.81 7.10
C VAL L 31 -3.55 -30.68 8.08
N MET L 32 -2.89 -29.55 7.85
CA MET L 32 -2.82 -28.46 8.83
C MET L 32 -3.21 -27.13 8.17
N GLY L 33 -3.98 -26.32 8.89
CA GLY L 33 -4.41 -25.04 8.40
C GLY L 33 -5.51 -25.14 7.34
N PRO L 34 -5.79 -24.02 6.68
CA PRO L 34 -6.87 -24.02 5.70
C PRO L 34 -6.59 -24.93 4.51
N ILE L 35 -7.60 -25.69 4.09
CA ILE L 35 -7.49 -26.63 2.99
C ILE L 35 -7.83 -25.92 1.70
N ASP L 36 -6.84 -25.72 0.85
CA ASP L 36 -7.07 -25.18 -0.51
C ASP L 36 -6.49 -26.18 -1.52
N ASP L 37 -6.54 -25.84 -2.81
CA ASP L 37 -6.01 -26.67 -3.90
C ASP L 37 -4.54 -27.09 -3.72
N SER L 38 -3.71 -26.18 -3.24
CA SER L 38 -2.30 -26.46 -3.00
C SER L 38 -2.12 -27.51 -1.90
N VAL L 39 -2.82 -27.34 -0.78
CA VAL L 39 -2.77 -28.35 0.28
C VAL L 39 -3.30 -29.73 -0.21
N ALA L 40 -4.40 -29.73 -0.92
CA ALA L 40 -4.98 -30.98 -1.42
C ALA L 40 -4.03 -31.75 -2.31
N SER L 41 -3.41 -31.06 -3.27
CA SER L 41 -2.44 -31.68 -4.17
C SER L 41 -1.24 -32.29 -3.44
N LEU L 42 -0.71 -31.58 -2.42
CA LEU L 42 0.38 -32.10 -1.62
C LEU L 42 0.00 -33.33 -0.83
N VAL L 43 -1.17 -33.29 -0.22
CA VAL L 43 -1.65 -34.44 0.56
C VAL L 43 -1.88 -35.64 -0.37
N ILE L 44 -2.51 -35.40 -1.53
CA ILE L 44 -2.75 -36.45 -2.50
C ILE L 44 -1.44 -37.09 -3.00
N ALA L 45 -0.46 -36.24 -3.32
CA ALA L 45 0.85 -36.73 -3.76
C ALA L 45 1.52 -37.59 -2.68
N GLN L 46 1.42 -37.17 -1.42
CA GLN L 46 1.95 -37.95 -0.31
C GLN L 46 1.24 -39.30 -0.14
N LEU L 47 -0.08 -39.31 -0.28
CA LEU L 47 -0.84 -40.56 -0.21
C LEU L 47 -0.45 -41.55 -1.31
N LEU L 48 -0.22 -41.06 -2.53
CA LEU L 48 0.25 -41.91 -3.63
C LEU L 48 1.66 -42.49 -3.35
N PHE L 49 2.53 -41.67 -2.76
CA PHE L 49 3.86 -42.12 -2.40
C PHE L 49 3.84 -43.23 -1.38
N LEU L 50 3.10 -43.03 -0.29
CA LEU L 50 3.00 -44.02 0.78
C LEU L 50 2.37 -45.33 0.31
N GLN L 51 1.41 -45.24 -0.61
CA GLN L 51 0.77 -46.41 -1.18
C GLN L 51 1.71 -47.30 -1.97
N SER L 52 2.58 -46.67 -2.77
CA SER L 52 3.58 -47.40 -3.57
C SER L 52 4.70 -48.03 -2.73
N GLU L 53 5.03 -47.42 -1.58
CA GLU L 53 5.96 -48.04 -0.62
C GLU L 53 5.37 -49.33 -0.05
N SER L 54 4.05 -49.33 0.20
CA SER L 54 3.33 -50.49 0.70
C SER L 54 1.84 -50.20 0.66
N ASN L 55 1.08 -51.04 -0.04
CA ASN L 55 -0.38 -50.89 -0.10
C ASN L 55 -1.12 -51.58 1.06
N LYS L 56 -0.39 -52.14 2.03
CA LYS L 56 -0.98 -52.78 3.22
C LYS L 56 -0.74 -52.02 4.51
N LYS L 57 0.44 -51.41 4.68
CA LYS L 57 0.80 -50.76 5.96
C LYS L 57 -0.07 -49.52 6.22
N PRO L 58 -0.54 -49.35 7.47
CA PRO L 58 -1.41 -48.19 7.73
C PRO L 58 -0.75 -46.84 7.45
N ILE L 59 -1.59 -45.83 7.16
CA ILE L 59 -1.17 -44.45 6.99
C ILE L 59 -1.83 -43.64 8.10
N HIS L 60 -1.03 -42.79 8.76
CA HIS L 60 -1.53 -41.90 9.81
C HIS L 60 -1.73 -40.48 9.27
N MET L 61 -2.92 -39.95 9.47
CA MET L 61 -3.30 -38.62 9.00
C MET L 61 -3.58 -37.71 10.19
N TYR L 62 -2.68 -36.75 10.42
CA TYR L 62 -2.81 -35.74 11.47
C TYR L 62 -3.65 -34.57 10.95
N ILE L 63 -4.73 -34.25 11.65
CA ILE L 63 -5.67 -33.21 11.21
C ILE L 63 -5.83 -32.13 12.27
N ASN L 64 -5.39 -30.92 11.92
CA ASN L 64 -5.63 -29.73 12.71
C ASN L 64 -5.97 -28.59 11.74
N SER L 65 -7.25 -28.38 11.49
CA SER L 65 -7.70 -27.53 10.40
C SER L 65 -9.04 -26.87 10.69
N PRO L 66 -9.18 -25.57 10.38
CA PRO L 66 -10.49 -24.87 10.46
C PRO L 66 -11.40 -25.09 9.23
N GLY L 67 -10.95 -25.81 8.21
CA GLY L 67 -11.77 -26.09 7.04
C GLY L 67 -11.11 -25.57 5.79
N GLY L 68 -11.91 -25.26 4.78
CA GLY L 68 -11.39 -24.81 3.50
C GLY L 68 -12.28 -25.01 2.31
N VAL L 69 -11.68 -25.07 1.12
CA VAL L 69 -12.41 -25.14 -0.15
C VAL L 69 -13.07 -26.52 -0.32
N VAL L 70 -14.35 -26.54 -0.64
CA VAL L 70 -15.10 -27.81 -0.71
C VAL L 70 -14.53 -28.82 -1.72
N THR L 71 -14.25 -28.37 -2.95
CA THR L 71 -13.74 -29.28 -3.98
C THR L 71 -12.34 -29.84 -3.64
N ALA L 72 -11.53 -29.04 -2.96
CA ALA L 72 -10.21 -29.47 -2.50
C ALA L 72 -10.33 -30.52 -1.39
N GLY L 73 -11.25 -30.32 -0.47
CA GLY L 73 -11.56 -31.32 0.54
C GLY L 73 -12.07 -32.63 -0.08
N LEU L 74 -12.98 -32.52 -1.04
CA LEU L 74 -13.50 -33.69 -1.73
C LEU L 74 -12.44 -34.45 -2.52
N ALA L 75 -11.45 -33.73 -3.05
CA ALA L 75 -10.34 -34.37 -3.78
C ALA L 75 -9.52 -35.28 -2.86
N ILE L 76 -9.24 -34.79 -1.65
CA ILE L 76 -8.54 -35.59 -0.64
C ILE L 76 -9.43 -36.76 -0.19
N TYR L 77 -10.70 -36.48 0.07
CA TYR L 77 -11.66 -37.52 0.47
C TYR L 77 -11.64 -38.68 -0.52
N ASP L 78 -11.80 -38.37 -1.82
CA ASP L 78 -11.89 -39.41 -2.85
C ASP L 78 -10.60 -40.24 -2.94
N THR L 79 -9.45 -39.58 -2.75
CA THR L 79 -8.17 -40.28 -2.81
C THR L 79 -7.98 -41.22 -1.62
N MET L 80 -8.41 -40.79 -0.43
CA MET L 80 -8.41 -41.64 0.77
C MET L 80 -9.20 -42.93 0.54
N GLN L 81 -10.41 -42.80 -0.02
CA GLN L 81 -11.23 -43.96 -0.34
C GLN L 81 -10.58 -44.84 -1.42
N TYR L 82 -9.98 -44.20 -2.43
CA TYR L 82 -9.44 -44.91 -3.59
C TYR L 82 -8.24 -45.82 -3.27
N ILE L 83 -7.29 -45.34 -2.49
CA ILE L 83 -6.14 -46.17 -2.13
C ILE L 83 -6.55 -47.35 -1.25
N LEU L 84 -5.73 -48.39 -1.26
CA LEU L 84 -6.07 -49.64 -0.58
C LEU L 84 -5.72 -49.62 0.91
N ASN L 85 -4.80 -48.75 1.31
CA ASN L 85 -4.31 -48.74 2.69
C ASN L 85 -5.38 -48.42 3.71
N PRO L 86 -5.27 -49.00 4.91
CA PRO L 86 -6.04 -48.43 6.02
C PRO L 86 -5.48 -47.05 6.40
N ILE L 87 -6.37 -46.14 6.79
CA ILE L 87 -5.99 -44.77 7.14
C ILE L 87 -6.52 -44.48 8.52
N CYS L 88 -5.59 -44.21 9.45
CA CYS L 88 -5.93 -43.79 10.80
C CYS L 88 -5.97 -42.26 10.83
N THR L 89 -7.10 -41.69 11.21
CA THR L 89 -7.23 -40.25 11.33
C THR L 89 -7.07 -39.83 12.80
N TRP L 90 -6.36 -38.72 13.01
CA TRP L 90 -6.08 -38.18 14.35
C TRP L 90 -6.42 -36.67 14.43
N CYS L 91 -7.46 -36.32 15.18
CA CYS L 91 -7.81 -34.92 15.41
C CYS L 91 -7.07 -34.35 16.64
N VAL L 92 -6.21 -33.36 16.38
CA VAL L 92 -5.52 -32.63 17.44
C VAL L 92 -5.78 -31.15 17.21
N GLY L 93 -6.26 -30.46 18.25
CA GLY L 93 -6.59 -29.04 18.13
C GLY L 93 -8.03 -28.88 17.67
N GLN L 94 -8.24 -28.96 16.36
CA GLN L 94 -9.61 -28.91 15.82
C GLN L 94 -9.75 -29.55 14.45
N ALA L 95 -10.98 -29.95 14.14
CA ALA L 95 -11.37 -30.35 12.78
C ALA L 95 -12.72 -29.73 12.54
N ALA L 96 -12.75 -28.65 11.78
CA ALA L 96 -13.99 -27.93 11.45
C ALA L 96 -14.27 -28.04 9.96
N SER L 97 -15.56 -28.07 9.59
CA SER L 97 -16.00 -28.06 8.21
C SER L 97 -15.32 -29.23 7.45
N MET L 98 -14.60 -28.98 6.35
CA MET L 98 -13.98 -30.05 5.57
C MET L 98 -12.98 -30.90 6.37
N GLY L 99 -12.35 -30.30 7.37
CA GLY L 99 -11.49 -31.04 8.28
C GLY L 99 -12.20 -32.18 8.99
N SER L 100 -13.45 -31.95 9.44
CA SER L 100 -14.20 -32.99 10.13
C SER L 100 -14.67 -34.10 9.17
N LEU L 101 -14.85 -33.76 7.89
CA LEU L 101 -15.22 -34.75 6.89
C LEU L 101 -14.07 -35.74 6.68
N LEU L 102 -12.84 -35.22 6.56
CA LEU L 102 -11.66 -36.06 6.44
C LEU L 102 -11.45 -36.95 7.67
N LEU L 103 -11.66 -36.39 8.86
CA LEU L 103 -11.58 -37.15 10.12
C LEU L 103 -12.55 -38.34 10.10
N ALA L 104 -13.80 -38.06 9.76
CA ALA L 104 -14.87 -39.08 9.67
C ALA L 104 -14.64 -40.14 8.58
N ALA L 105 -13.85 -39.79 7.55
CA ALA L 105 -13.57 -40.66 6.43
C ALA L 105 -12.42 -41.66 6.65
N GLY L 106 -11.83 -41.68 7.85
CA GLY L 106 -10.81 -42.69 8.15
C GLY L 106 -11.42 -44.08 8.18
N THR L 107 -10.56 -45.10 8.06
CA THR L 107 -10.96 -46.50 8.13
C THR L 107 -11.76 -46.77 9.42
N PRO L 108 -12.92 -47.46 9.31
CA PRO L 108 -13.72 -47.74 10.52
C PRO L 108 -12.92 -48.41 11.63
N GLY L 109 -13.15 -47.97 12.87
CA GLY L 109 -12.32 -48.36 14.00
C GLY L 109 -11.01 -47.60 14.21
N MET L 110 -10.57 -46.82 13.21
CA MET L 110 -9.27 -46.14 13.27
C MET L 110 -9.35 -44.60 13.26
N ARG L 111 -10.45 -44.05 13.75
CA ARG L 111 -10.67 -42.59 13.79
C ARG L 111 -10.59 -42.12 15.24
N HIS L 112 -9.60 -41.27 15.51
CA HIS L 112 -9.17 -40.89 16.87
C HIS L 112 -9.26 -39.35 17.08
N SER L 113 -9.47 -38.96 18.34
CA SER L 113 -9.23 -37.61 18.79
C SER L 113 -8.55 -37.58 20.15
N LEU L 114 -7.70 -36.59 20.37
CA LEU L 114 -7.17 -36.31 21.70
C LEU L 114 -8.23 -35.55 22.51
N PRO L 115 -8.07 -35.48 23.86
CA PRO L 115 -9.22 -35.12 24.71
C PRO L 115 -9.76 -33.69 24.62
N ASN L 116 -8.93 -32.71 24.27
CA ASN L 116 -9.39 -31.31 24.25
C ASN L 116 -9.69 -30.74 22.85
N SER L 117 -9.68 -31.59 21.83
CA SER L 117 -9.98 -31.17 20.46
C SER L 117 -11.43 -30.70 20.32
N ARG L 118 -11.69 -29.88 19.31
CA ARG L 118 -13.04 -29.40 19.01
C ARG L 118 -13.39 -29.79 17.57
N ILE L 119 -14.61 -30.30 17.39
CA ILE L 119 -15.06 -30.84 16.10
C ILE L 119 -16.35 -30.15 15.66
N MET L 120 -16.37 -29.65 14.43
CA MET L 120 -17.54 -28.93 13.90
C MET L 120 -17.86 -29.47 12.49
N ILE L 121 -19.11 -29.85 12.28
CA ILE L 121 -19.56 -30.25 10.94
C ILE L 121 -20.31 -29.13 10.19
N HIS L 122 -20.76 -28.11 10.90
CA HIS L 122 -21.29 -26.87 10.29
C HIS L 122 -20.25 -26.25 9.34
N GLN L 123 -20.74 -25.68 8.23
CA GLN L 123 -19.90 -25.02 7.20
C GLN L 123 -19.96 -23.51 7.42
N PRO L 124 -18.84 -22.86 7.79
CA PRO L 124 -18.84 -21.38 7.86
C PRO L 124 -18.74 -20.71 6.49
N ILE L 137 -19.16 -19.26 -7.41
CA ILE L 137 -20.04 -20.37 -7.73
C ILE L 137 -21.52 -19.91 -7.82
N GLN L 138 -22.27 -20.43 -8.79
CA GLN L 138 -23.72 -20.28 -8.84
C GLN L 138 -24.49 -20.97 -7.69
N ALA L 139 -25.67 -20.46 -7.39
CA ALA L 139 -26.49 -20.97 -6.27
C ALA L 139 -26.76 -22.47 -6.38
N GLU L 140 -27.16 -22.92 -7.57
CA GLU L 140 -27.44 -24.35 -7.78
C GLU L 140 -26.22 -25.23 -7.50
N GLU L 141 -25.02 -24.75 -7.87
CA GLU L 141 -23.79 -25.51 -7.66
C GLU L 141 -23.40 -25.63 -6.19
N ILE L 142 -23.58 -24.55 -5.41
CA ILE L 142 -23.27 -24.61 -3.98
C ILE L 142 -24.19 -25.62 -3.28
N MET L 143 -25.47 -25.70 -3.68
CA MET L 143 -26.39 -26.71 -3.14
C MET L 143 -26.05 -28.14 -3.54
N LYS L 144 -25.62 -28.34 -4.78
CA LYS L 144 -25.19 -29.68 -5.21
C LYS L 144 -23.99 -30.18 -4.39
N LEU L 145 -23.02 -29.31 -4.16
CA LEU L 145 -21.85 -29.66 -3.31
C LEU L 145 -22.30 -29.94 -1.88
N LYS L 146 -23.18 -29.11 -1.34
CA LYS L 146 -23.73 -29.32 0.02
C LYS L 146 -24.40 -30.69 0.15
N LYS L 147 -25.21 -31.10 -0.83
CA LYS L 147 -25.82 -32.43 -0.84
C LYS L 147 -24.81 -33.57 -0.93
N GLN L 148 -23.73 -33.37 -1.68
CA GLN L 148 -22.64 -34.37 -1.68
C GLN L 148 -22.04 -34.53 -0.27
N LEU L 149 -21.91 -33.44 0.48
CA LEU L 149 -21.38 -33.50 1.85
C LEU L 149 -22.37 -34.26 2.75
N TYR L 150 -23.66 -33.98 2.64
CA TYR L 150 -24.70 -34.71 3.40
C TYR L 150 -24.55 -36.23 3.21
N ASN L 151 -24.46 -36.68 1.97
CA ASN L 151 -24.34 -38.13 1.66
C ASN L 151 -23.05 -38.74 2.18
N ILE L 152 -21.95 -38.02 2.11
CA ILE L 152 -20.67 -38.53 2.65
C ILE L 152 -20.72 -38.66 4.17
N TYR L 153 -21.24 -37.66 4.88
CA TYR L 153 -21.35 -37.75 6.34
C TYR L 153 -22.30 -38.89 6.77
N ALA L 154 -23.41 -39.05 6.04
CA ALA L 154 -24.37 -40.13 6.31
C ALA L 154 -23.72 -41.51 6.17
N LYS L 155 -23.00 -41.71 5.08
CA LYS L 155 -22.26 -42.96 4.87
C LYS L 155 -21.31 -43.29 6.03
N HIS L 156 -20.50 -42.33 6.46
CA HIS L 156 -19.43 -42.63 7.43
C HIS L 156 -19.85 -42.57 8.90
N THR L 157 -20.86 -41.77 9.22
CA THR L 157 -21.37 -41.67 10.58
C THR L 157 -22.50 -42.67 10.88
N LYS L 158 -23.15 -43.17 9.82
CA LYS L 158 -24.34 -44.02 9.89
C LYS L 158 -25.59 -43.31 10.40
N GLN L 159 -25.62 -41.98 10.37
CA GLN L 159 -26.81 -41.21 10.73
C GLN L 159 -27.66 -40.99 9.50
N SER L 160 -28.94 -40.70 9.68
CA SER L 160 -29.83 -40.39 8.57
C SER L 160 -29.47 -39.03 7.94
N LEU L 161 -29.84 -38.86 6.67
CA LEU L 161 -29.67 -37.58 5.98
C LEU L 161 -30.34 -36.41 6.69
N GLN L 162 -31.53 -36.65 7.23
CA GLN L 162 -32.27 -35.60 7.97
C GLN L 162 -31.50 -35.13 9.20
N VAL L 163 -30.90 -36.06 9.95
CA VAL L 163 -30.13 -35.72 11.16
C VAL L 163 -28.84 -34.95 10.78
N ILE L 164 -28.16 -35.37 9.72
CA ILE L 164 -26.97 -34.66 9.23
C ILE L 164 -27.33 -33.22 8.85
N GLU L 165 -28.41 -33.03 8.12
CA GLU L 165 -28.82 -31.71 7.66
C GLU L 165 -29.14 -30.80 8.84
N SER L 166 -29.90 -31.31 9.81
CA SER L 166 -30.21 -30.55 11.03
C SER L 166 -28.97 -30.15 11.81
N ALA L 167 -28.06 -31.10 12.03
CA ALA L 167 -26.83 -30.82 12.77
C ALA L 167 -25.95 -29.77 12.08
N MET L 168 -25.83 -29.85 10.75
CA MET L 168 -24.98 -28.92 9.98
C MET L 168 -25.50 -27.48 9.93
N GLU L 169 -26.77 -27.28 10.20
CA GLU L 169 -27.33 -25.95 10.33
C GLU L 169 -27.00 -25.28 11.71
N ARG L 170 -26.66 -26.08 12.72
CA ARG L 170 -26.31 -25.53 14.04
C ARG L 170 -24.88 -25.06 14.12
N ASP L 171 -24.69 -23.78 14.41
CA ASP L 171 -23.36 -23.19 14.50
C ASP L 171 -22.74 -23.47 15.87
N ARG L 172 -22.12 -24.63 16.02
CA ARG L 172 -21.51 -25.02 17.27
C ARG L 172 -20.52 -26.14 17.10
N TYR L 173 -19.61 -26.28 18.05
CA TYR L 173 -18.64 -27.37 18.10
C TYR L 173 -19.11 -28.47 19.04
N MET L 174 -18.56 -29.66 18.81
CA MET L 174 -18.77 -30.86 19.62
C MET L 174 -17.46 -31.19 20.31
N SER L 175 -17.57 -31.72 21.53
CA SER L 175 -16.45 -32.36 22.22
C SER L 175 -16.13 -33.67 21.53
N PRO L 176 -14.93 -34.25 21.79
CA PRO L 176 -14.62 -35.57 21.23
C PRO L 176 -15.63 -36.66 21.60
N MET L 177 -16.12 -36.68 22.84
CA MET L 177 -17.13 -37.65 23.27
C MET L 177 -18.42 -37.52 22.48
N GLU L 178 -18.89 -36.30 22.27
CA GLU L 178 -20.09 -36.10 21.45
C GLU L 178 -19.90 -36.54 20.00
N ALA L 179 -18.72 -36.27 19.45
CA ALA L 179 -18.38 -36.68 18.09
C ALA L 179 -18.33 -38.20 17.96
N GLN L 180 -17.85 -38.89 19.01
CA GLN L 180 -17.87 -40.36 19.08
C GLN L 180 -19.31 -40.89 19.06
N GLU L 181 -20.16 -40.34 19.94
CA GLU L 181 -21.58 -40.70 19.97
C GLU L 181 -22.28 -40.47 18.62
N PHE L 182 -21.89 -39.41 17.92
CA PHE L 182 -22.50 -39.04 16.64
C PHE L 182 -22.03 -39.94 15.48
N GLY L 183 -20.90 -40.64 15.64
CA GLY L 183 -20.33 -41.49 14.57
C GLY L 183 -19.18 -40.88 13.73
N ILE L 184 -18.68 -39.70 14.14
CA ILE L 184 -17.58 -39.05 13.45
C ILE L 184 -16.24 -39.72 13.76
N LEU L 185 -16.09 -40.24 14.98
CA LEU L 185 -14.87 -40.91 15.35
C LEU L 185 -15.12 -42.12 16.27
N ASP L 186 -14.12 -42.97 16.41
CA ASP L 186 -14.24 -44.16 17.23
C ASP L 186 -13.58 -44.12 18.63
N LYS L 187 -12.46 -43.47 18.77
CA LYS L 187 -11.71 -43.50 20.04
C LYS L 187 -11.20 -42.13 20.51
N VAL L 188 -11.41 -41.86 21.79
CA VAL L 188 -10.91 -40.66 22.47
C VAL L 188 -9.84 -41.12 23.47
N LEU L 189 -8.57 -40.91 23.12
CA LEU L 189 -7.43 -41.42 23.88
C LEU L 189 -6.69 -40.32 24.62
N VAL L 190 -6.41 -40.53 25.90
CA VAL L 190 -5.54 -39.65 26.70
C VAL L 190 -4.05 -40.04 26.61
N HIS L 191 -3.78 -41.34 26.36
CA HIS L 191 -2.43 -41.95 26.36
C HIS L 191 -2.41 -43.03 25.26
N PRO L 192 -1.25 -43.35 24.67
CA PRO L 192 -1.34 -44.22 23.45
C PRO L 192 -1.82 -45.64 23.73
N LEU M 2 5.54 -25.51 2.29
CA LEU M 2 6.73 -26.41 2.32
C LEU M 2 6.45 -27.70 1.56
N ILE M 3 7.26 -27.99 0.53
CA ILE M 3 7.16 -29.22 -0.25
C ILE M 3 8.07 -30.27 0.41
N PRO M 4 7.53 -31.45 0.80
CA PRO M 4 8.40 -32.43 1.46
C PRO M 4 9.34 -33.16 0.52
N ILE M 5 10.45 -33.63 1.05
CA ILE M 5 11.48 -34.38 0.30
C ILE M 5 11.54 -35.88 0.65
N VAL M 6 12.05 -36.68 -0.28
CA VAL M 6 12.24 -38.14 -0.14
C VAL M 6 13.61 -38.52 -0.72
N TYR M 17 14.81 -35.87 -3.72
CA TYR M 17 13.64 -35.51 -4.51
C TYR M 17 12.61 -34.80 -3.66
N ASP M 18 12.06 -33.68 -4.14
CA ASP M 18 10.76 -33.21 -3.62
C ASP M 18 9.65 -34.17 -4.08
N ILE M 19 8.52 -34.17 -3.39
CA ILE M 19 7.47 -35.19 -3.62
C ILE M 19 6.96 -35.22 -5.06
N TYR M 20 6.83 -34.07 -5.71
CA TYR M 20 6.39 -34.02 -7.13
C TYR M 20 7.41 -34.63 -8.06
N SER M 21 8.69 -34.39 -7.81
CA SER M 21 9.76 -35.05 -8.58
C SER M 21 9.76 -36.55 -8.39
N ARG M 22 9.49 -36.98 -7.16
CA ARG M 22 9.35 -38.41 -6.88
C ARG M 22 8.20 -39.03 -7.68
N LEU M 23 7.06 -38.35 -7.74
CA LEU M 23 5.90 -38.80 -8.54
C LEU M 23 6.24 -38.81 -10.04
N LEU M 24 7.00 -37.81 -10.48
CA LEU M 24 7.47 -37.77 -11.86
C LEU M 24 8.32 -38.98 -12.27
N ARG M 25 9.16 -39.47 -11.36
CA ARG M 25 9.93 -40.72 -11.59
C ARG M 25 9.01 -41.94 -11.79
N GLU M 26 7.79 -41.91 -11.27
CA GLU M 26 6.77 -42.96 -11.55
C GLU M 26 5.78 -42.57 -12.68
N ARG M 27 6.17 -41.62 -13.52
CA ARG M 27 5.36 -41.19 -14.69
C ARG M 27 4.02 -40.51 -14.36
N ILE M 28 3.97 -39.81 -13.23
CA ILE M 28 2.79 -39.02 -12.82
C ILE M 28 3.12 -37.54 -12.96
N VAL M 29 2.33 -36.83 -13.75
CA VAL M 29 2.44 -35.38 -13.92
C VAL M 29 1.22 -34.71 -13.27
N CYS M 30 1.44 -33.64 -12.51
CA CYS M 30 0.40 -32.93 -11.81
C CYS M 30 0.05 -31.59 -12.48
N VAL M 31 -1.23 -31.41 -12.82
CA VAL M 31 -1.76 -30.16 -13.38
C VAL M 31 -2.74 -29.61 -12.36
N MET M 32 -2.26 -28.68 -11.54
CA MET M 32 -2.97 -28.25 -10.33
C MET M 32 -3.06 -26.72 -10.30
N GLY M 33 -4.22 -26.22 -9.87
CA GLY M 33 -4.44 -24.79 -9.78
C GLY M 33 -4.62 -24.11 -11.11
N PRO M 34 -4.59 -22.77 -11.11
CA PRO M 34 -4.81 -22.04 -12.36
C PRO M 34 -3.72 -22.30 -13.40
N ILE M 35 -4.13 -22.50 -14.64
CA ILE M 35 -3.21 -22.80 -15.74
C ILE M 35 -2.81 -21.46 -16.37
N ASP M 36 -1.55 -21.08 -16.20
CA ASP M 36 -0.96 -19.95 -16.92
C ASP M 36 0.26 -20.44 -17.72
N ASP M 37 0.97 -19.52 -18.36
CA ASP M 37 2.17 -19.83 -19.15
C ASP M 37 3.25 -20.60 -18.38
N SER M 38 3.46 -20.22 -17.12
CA SER M 38 4.44 -20.91 -16.27
C SER M 38 4.06 -22.37 -16.01
N VAL M 39 2.80 -22.60 -15.65
CA VAL M 39 2.32 -23.99 -15.46
C VAL M 39 2.41 -24.80 -16.76
N ALA M 40 1.99 -24.21 -17.88
CA ALA M 40 2.05 -24.91 -19.16
C ALA M 40 3.46 -25.36 -19.53
N SER M 41 4.42 -24.44 -19.42
CA SER M 41 5.82 -24.75 -19.70
C SER M 41 6.39 -25.88 -18.83
N LEU M 42 6.06 -25.87 -17.54
CA LEU M 42 6.48 -26.94 -16.62
C LEU M 42 5.89 -28.28 -17.00
N VAL M 43 4.60 -28.29 -17.30
CA VAL M 43 3.92 -29.53 -17.71
C VAL M 43 4.52 -30.05 -19.02
N ILE M 44 4.72 -29.15 -19.99
CA ILE M 44 5.31 -29.52 -21.29
C ILE M 44 6.73 -30.11 -21.11
N ALA M 45 7.54 -29.46 -20.28
CA ALA M 45 8.88 -29.93 -20.01
C ALA M 45 8.86 -31.35 -19.39
N GLN M 46 7.93 -31.57 -18.47
CA GLN M 46 7.76 -32.89 -17.86
C GLN M 46 7.32 -33.96 -18.88
N LEU M 47 6.41 -33.60 -19.77
CA LEU M 47 5.97 -34.52 -20.83
C LEU M 47 7.10 -34.90 -21.78
N LEU M 48 7.97 -33.95 -22.12
CA LEU M 48 9.17 -34.25 -22.94
C LEU M 48 10.15 -35.18 -22.22
N PHE M 49 10.32 -34.97 -20.92
CA PHE M 49 11.18 -35.84 -20.12
C PHE M 49 10.68 -37.29 -20.10
N LEU M 50 9.39 -37.46 -19.78
CA LEU M 50 8.81 -38.80 -19.72
C LEU M 50 8.83 -39.54 -21.05
N GLN M 51 8.66 -38.79 -22.14
CA GLN M 51 8.69 -39.36 -23.48
C GLN M 51 10.06 -39.93 -23.84
N SER M 52 11.12 -39.19 -23.49
CA SER M 52 12.49 -39.65 -23.74
C SER M 52 12.92 -40.84 -22.88
N GLU M 53 12.38 -40.98 -21.67
CA GLU M 53 12.58 -42.17 -20.85
C GLU M 53 11.97 -43.41 -21.52
N SER M 54 10.82 -43.23 -22.16
CA SER M 54 10.13 -44.29 -22.90
C SER M 54 8.96 -43.69 -23.67
N ASN M 55 8.95 -43.88 -24.99
CA ASN M 55 7.84 -43.39 -25.81
C ASN M 55 6.66 -44.38 -25.91
N LYS M 56 6.71 -45.48 -25.17
CA LYS M 56 5.62 -46.48 -25.13
C LYS M 56 4.88 -46.53 -23.79
N LYS M 57 5.59 -46.36 -22.66
CA LYS M 57 4.98 -46.52 -21.34
C LYS M 57 3.94 -45.42 -21.05
N PRO M 58 2.79 -45.79 -20.49
CA PRO M 58 1.77 -44.76 -20.22
C PRO M 58 2.23 -43.62 -19.30
N ILE M 59 1.60 -42.46 -19.47
CA ILE M 59 1.80 -41.30 -18.60
C ILE M 59 0.48 -41.00 -17.89
N HIS M 60 0.56 -40.78 -16.58
CA HIS M 60 -0.61 -40.43 -15.77
C HIS M 60 -0.63 -38.92 -15.50
N MET M 61 -1.77 -38.30 -15.82
CA MET M 61 -1.94 -36.84 -15.68
C MET M 61 -3.04 -36.58 -14.66
N TYR M 62 -2.64 -36.09 -13.48
CA TYR M 62 -3.55 -35.71 -12.40
C TYR M 62 -4.03 -34.26 -12.64
N ILE M 63 -5.35 -34.07 -12.69
CA ILE M 63 -5.94 -32.77 -13.00
C ILE M 63 -6.89 -32.34 -11.89
N ASN M 64 -6.51 -31.24 -11.23
CA ASN M 64 -7.37 -30.55 -10.26
C ASN M 64 -7.18 -29.05 -10.48
N SER M 65 -8.06 -28.46 -11.29
CA SER M 65 -7.83 -27.10 -11.79
C SER M 65 -9.14 -26.39 -12.10
N PRO M 66 -9.26 -25.10 -11.72
CA PRO M 66 -10.40 -24.26 -12.10
C PRO M 66 -10.32 -23.65 -13.51
N GLY M 67 -9.23 -23.90 -14.24
CA GLY M 67 -9.07 -23.39 -15.61
C GLY M 67 -7.87 -22.47 -15.68
N GLY M 68 -7.95 -21.47 -16.56
CA GLY M 68 -6.83 -20.57 -16.79
C GLY M 68 -6.76 -20.03 -18.23
N VAL M 69 -5.55 -19.64 -18.63
CA VAL M 69 -5.33 -18.93 -19.89
C VAL M 69 -5.52 -19.86 -21.10
N VAL M 70 -6.30 -19.44 -22.07
CA VAL M 70 -6.63 -20.31 -23.22
C VAL M 70 -5.40 -20.83 -23.99
N THR M 71 -4.50 -19.92 -24.36
CA THR M 71 -3.31 -20.32 -25.15
C THR M 71 -2.36 -21.27 -24.38
N ALA M 72 -2.29 -21.07 -23.06
CA ALA M 72 -1.50 -21.97 -22.20
C ALA M 72 -2.12 -23.37 -22.12
N GLY M 73 -3.45 -23.43 -22.00
CA GLY M 73 -4.18 -24.69 -22.10
C GLY M 73 -3.96 -25.39 -23.44
N LEU M 74 -4.07 -24.64 -24.52
CA LEU M 74 -3.88 -25.18 -25.86
C LEU M 74 -2.43 -25.69 -26.09
N ALA M 75 -1.45 -25.04 -25.45
CA ALA M 75 -0.07 -25.49 -25.53
C ALA M 75 0.14 -26.89 -24.95
N ILE M 76 -0.48 -27.12 -23.79
CA ILE M 76 -0.47 -28.42 -23.14
C ILE M 76 -1.25 -29.44 -24.01
N TYR M 77 -2.42 -29.04 -24.48
CA TYR M 77 -3.23 -29.90 -25.34
C TYR M 77 -2.42 -30.41 -26.53
N ASP M 78 -1.77 -29.49 -27.25
CA ASP M 78 -1.02 -29.86 -28.47
C ASP M 78 0.15 -30.78 -28.16
N THR M 79 0.79 -30.58 -27.02
CA THR M 79 1.92 -31.42 -26.61
C THR M 79 1.47 -32.84 -26.27
N MET M 80 0.33 -32.97 -25.59
CA MET M 80 -0.29 -34.26 -25.32
C MET M 80 -0.54 -35.06 -26.59
N GLN M 81 -1.14 -34.40 -27.59
CA GLN M 81 -1.37 -35.03 -28.89
C GLN M 81 -0.07 -35.38 -29.60
N TYR M 82 0.92 -34.49 -29.52
CA TYR M 82 2.18 -34.64 -30.26
C TYR M 82 3.03 -35.83 -29.81
N ILE M 83 3.19 -36.05 -28.50
CA ILE M 83 3.95 -37.20 -28.02
C ILE M 83 3.26 -38.50 -28.36
N LEU M 84 4.04 -39.58 -28.43
CA LEU M 84 3.55 -40.89 -28.85
C LEU M 84 2.87 -41.66 -27.72
N ASN M 85 3.21 -41.33 -26.48
CA ASN M 85 2.73 -42.11 -25.33
C ASN M 85 1.23 -42.10 -25.18
N PRO M 86 0.65 -43.20 -24.67
CA PRO M 86 -0.72 -43.09 -24.16
C PRO M 86 -0.73 -42.23 -22.89
N ILE M 87 -1.81 -41.46 -22.71
CA ILE M 87 -1.93 -40.56 -21.56
C ILE M 87 -3.24 -40.88 -20.87
N CYS M 88 -3.15 -41.30 -19.61
CA CYS M 88 -4.32 -41.52 -18.76
C CYS M 88 -4.60 -40.22 -17.99
N THR M 89 -5.79 -39.67 -18.15
CA THR M 89 -6.17 -38.47 -17.42
C THR M 89 -7.03 -38.85 -16.22
N TRP M 90 -6.78 -38.17 -15.09
CA TRP M 90 -7.48 -38.40 -13.82
C TRP M 90 -8.02 -37.08 -13.23
N CYS M 91 -9.34 -36.92 -13.20
CA CYS M 91 -9.97 -35.76 -12.55
C CYS M 91 -10.24 -36.02 -11.07
N VAL M 92 -9.57 -35.26 -10.21
CA VAL M 92 -9.78 -35.31 -8.77
C VAL M 92 -10.08 -33.88 -8.30
N GLY M 93 -11.18 -33.68 -7.59
CA GLY M 93 -11.58 -32.35 -7.15
C GLY M 93 -12.42 -31.67 -8.20
N GLN M 94 -11.76 -31.04 -9.18
CA GLN M 94 -12.48 -30.45 -10.32
C GLN M 94 -11.64 -30.30 -11.58
N ALA M 95 -12.33 -30.21 -12.71
CA ALA M 95 -11.73 -29.82 -13.98
C ALA M 95 -12.71 -28.88 -14.64
N ALA M 96 -12.40 -27.58 -14.57
CA ALA M 96 -13.25 -26.54 -15.16
C ALA M 96 -12.53 -25.86 -16.31
N SER M 97 -13.28 -25.43 -17.32
CA SER M 97 -12.75 -24.66 -18.44
C SER M 97 -11.60 -25.44 -19.09
N MET M 98 -10.39 -24.86 -19.22
CA MET M 98 -9.27 -25.56 -19.89
C MET M 98 -8.90 -26.88 -19.23
N GLY M 99 -9.12 -26.98 -17.92
CA GLY M 99 -8.91 -28.25 -17.22
C GLY M 99 -9.75 -29.40 -17.78
N SER M 100 -11.01 -29.11 -18.12
CA SER M 100 -11.88 -30.17 -18.68
C SER M 100 -11.48 -30.55 -20.12
N LEU M 101 -10.87 -29.61 -20.85
CA LEU M 101 -10.37 -29.90 -22.18
C LEU M 101 -9.21 -30.90 -22.13
N LEU M 102 -8.29 -30.67 -21.20
CA LEU M 102 -7.16 -31.58 -20.98
C LEU M 102 -7.64 -32.98 -20.55
N LEU M 103 -8.63 -33.02 -19.66
CA LEU M 103 -9.24 -34.29 -19.22
C LEU M 103 -9.79 -35.07 -20.42
N ALA M 104 -10.58 -34.38 -21.25
CA ALA M 104 -11.17 -34.98 -22.45
C ALA M 104 -10.17 -35.40 -23.52
N ALA M 105 -8.98 -34.79 -23.49
CA ALA M 105 -7.93 -35.06 -24.48
C ALA M 105 -7.04 -36.27 -24.15
N GLY M 106 -7.34 -36.99 -23.07
CA GLY M 106 -6.59 -38.22 -22.77
C GLY M 106 -6.86 -39.28 -23.82
N THR M 107 -5.99 -40.28 -23.88
CA THR M 107 -6.13 -41.41 -24.80
C THR M 107 -7.50 -42.07 -24.62
N PRO M 108 -8.23 -42.35 -25.74
CA PRO M 108 -9.56 -42.97 -25.62
C PRO M 108 -9.53 -44.26 -24.79
N GLY M 109 -10.54 -44.43 -23.95
CA GLY M 109 -10.55 -45.49 -22.94
C GLY M 109 -9.79 -45.24 -21.64
N MET M 110 -8.95 -44.20 -21.60
CA MET M 110 -8.08 -43.96 -20.44
C MET M 110 -8.36 -42.63 -19.70
N ARG M 111 -9.60 -42.14 -19.78
CA ARG M 111 -10.00 -40.88 -19.16
C ARG M 111 -10.92 -41.19 -17.96
N HIS M 112 -10.46 -40.80 -16.77
CA HIS M 112 -11.05 -41.15 -15.50
C HIS M 112 -11.46 -39.98 -14.65
N SER M 113 -12.45 -40.20 -13.79
CA SER M 113 -12.77 -39.31 -12.67
C SER M 113 -13.08 -40.11 -11.42
N LEU M 114 -12.71 -39.56 -10.27
CA LEU M 114 -13.15 -40.08 -8.99
C LEU M 114 -14.59 -39.58 -8.72
N PRO M 115 -15.31 -40.22 -7.77
CA PRO M 115 -16.77 -40.06 -7.72
C PRO M 115 -17.35 -38.67 -7.39
N ASN M 116 -16.63 -37.86 -6.61
CA ASN M 116 -17.16 -36.56 -6.18
C ASN M 116 -16.63 -35.33 -6.93
N SER M 117 -15.87 -35.57 -8.01
CA SER M 117 -15.31 -34.50 -8.84
C SER M 117 -16.43 -33.72 -9.54
N ARG M 118 -16.11 -32.46 -9.90
CA ARG M 118 -17.02 -31.60 -10.65
C ARG M 118 -16.34 -31.19 -11.96
N ILE M 119 -17.09 -31.24 -13.06
CA ILE M 119 -16.56 -31.00 -14.39
C ILE M 119 -17.37 -29.90 -15.09
N MET M 120 -16.69 -28.88 -15.61
CA MET M 120 -17.35 -27.76 -16.30
C MET M 120 -16.66 -27.46 -17.61
N ILE M 121 -17.42 -27.39 -18.70
CA ILE M 121 -16.88 -27.00 -20.00
C ILE M 121 -17.12 -25.52 -20.34
N HIS M 122 -18.05 -24.87 -19.65
CA HIS M 122 -18.22 -23.41 -19.70
C HIS M 122 -16.93 -22.67 -19.37
N GLN M 123 -16.68 -21.56 -20.05
CA GLN M 123 -15.50 -20.68 -19.83
C GLN M 123 -15.89 -19.49 -18.97
N PRO M 124 -15.36 -19.39 -17.74
CA PRO M 124 -15.68 -18.19 -16.92
C PRO M 124 -14.88 -16.95 -17.32
N ILE M 137 -7.10 -8.47 -25.99
CA ILE M 137 -7.38 -9.17 -27.24
C ILE M 137 -8.62 -8.59 -27.95
N GLN M 138 -8.55 -8.45 -29.27
CA GLN M 138 -9.68 -7.99 -30.10
C GLN M 138 -10.85 -9.02 -30.15
N ALA M 139 -12.04 -8.50 -30.44
CA ALA M 139 -13.26 -9.29 -30.57
C ALA M 139 -13.11 -10.48 -31.52
N GLU M 140 -12.56 -10.23 -32.71
CA GLU M 140 -12.37 -11.31 -33.70
C GLU M 140 -11.47 -12.43 -33.15
N GLU M 141 -10.43 -12.07 -32.41
CA GLU M 141 -9.50 -13.06 -31.85
C GLU M 141 -10.11 -13.92 -30.75
N ILE M 142 -10.95 -13.34 -29.89
CA ILE M 142 -11.61 -14.12 -28.85
C ILE M 142 -12.56 -15.15 -29.48
N MET M 143 -13.24 -14.79 -30.57
CA MET M 143 -14.10 -15.76 -31.29
C MET M 143 -13.31 -16.86 -32.00
N LYS M 144 -12.17 -16.52 -32.59
CA LYS M 144 -11.33 -17.53 -33.23
C LYS M 144 -10.86 -18.57 -32.22
N LEU M 145 -10.42 -18.13 -31.03
CA LEU M 145 -10.01 -19.05 -29.97
C LEU M 145 -11.18 -19.91 -29.50
N LYS M 146 -12.33 -19.27 -29.32
CA LYS M 146 -13.56 -20.00 -28.93
C LYS M 146 -13.91 -21.12 -29.92
N LYS M 147 -13.85 -20.83 -31.22
CA LYS M 147 -14.09 -21.85 -32.26
C LYS M 147 -13.05 -22.98 -32.25
N GLN M 148 -11.79 -22.67 -31.93
CA GLN M 148 -10.79 -23.73 -31.76
C GLN M 148 -11.19 -24.68 -30.61
N LEU M 149 -11.75 -24.13 -29.52
CA LEU M 149 -12.19 -24.95 -28.42
C LEU M 149 -13.37 -25.83 -28.83
N TYR M 150 -14.34 -25.27 -29.55
CA TYR M 150 -15.48 -26.02 -30.08
C TYR M 150 -15.02 -27.26 -30.85
N ASN M 151 -14.10 -27.08 -31.79
CA ASN M 151 -13.60 -28.20 -32.62
C ASN M 151 -12.85 -29.24 -31.83
N ILE M 152 -12.06 -28.82 -30.85
CA ILE M 152 -11.33 -29.80 -29.99
C ILE M 152 -12.32 -30.63 -29.16
N TYR M 153 -13.30 -30.00 -28.53
CA TYR M 153 -14.29 -30.75 -27.74
C TYR M 153 -15.10 -31.71 -28.63
N ALA M 154 -15.49 -31.25 -29.81
CA ALA M 154 -16.22 -32.08 -30.78
C ALA M 154 -15.44 -33.33 -31.17
N LYS M 155 -14.17 -33.17 -31.51
CA LYS M 155 -13.30 -34.28 -31.82
C LYS M 155 -13.25 -35.33 -30.70
N HIS M 156 -13.03 -34.91 -29.45
CA HIS M 156 -12.76 -35.86 -28.38
C HIS M 156 -14.01 -36.41 -27.68
N THR M 157 -15.11 -35.64 -27.68
CA THR M 157 -16.37 -36.10 -27.09
C THR M 157 -17.29 -36.81 -28.09
N LYS M 158 -17.06 -36.58 -29.38
CA LYS M 158 -17.94 -37.05 -30.49
C LYS M 158 -19.31 -36.40 -30.56
N GLN M 159 -19.48 -35.26 -29.91
CA GLN M 159 -20.76 -34.51 -29.97
C GLN M 159 -20.68 -33.52 -31.13
N SER M 160 -21.84 -33.08 -31.63
CA SER M 160 -21.86 -32.10 -32.69
C SER M 160 -21.40 -30.72 -32.22
N LEU M 161 -20.91 -29.90 -33.15
CA LEU M 161 -20.52 -28.53 -32.86
C LEU M 161 -21.65 -27.70 -32.24
N GLN M 162 -22.87 -27.89 -32.73
CA GLN M 162 -24.04 -27.17 -32.21
C GLN M 162 -24.29 -27.51 -30.74
N VAL M 163 -24.17 -28.78 -30.36
CA VAL M 163 -24.38 -29.21 -28.97
C VAL M 163 -23.26 -28.69 -28.05
N ILE M 164 -22.01 -28.73 -28.51
CA ILE M 164 -20.88 -28.16 -27.76
C ILE M 164 -21.11 -26.67 -27.49
N GLU M 165 -21.52 -25.91 -28.51
CA GLU M 165 -21.74 -24.49 -28.36
C GLU M 165 -22.82 -24.18 -27.34
N SER M 166 -23.94 -24.89 -27.44
CA SER M 166 -25.03 -24.75 -26.46
C SER M 166 -24.59 -25.08 -25.02
N ALA M 167 -23.90 -26.18 -24.86
CA ALA M 167 -23.46 -26.62 -23.53
C ALA M 167 -22.46 -25.61 -22.89
N MET M 168 -21.54 -25.07 -23.69
CA MET M 168 -20.54 -24.11 -23.20
C MET M 168 -21.10 -22.75 -22.78
N GLU M 169 -22.27 -22.41 -23.25
CA GLU M 169 -22.98 -21.21 -22.80
C GLU M 169 -23.68 -21.40 -21.42
N ARG M 170 -23.92 -22.65 -20.99
CA ARG M 170 -24.58 -22.92 -19.71
C ARG M 170 -23.59 -22.87 -18.54
N ASP M 171 -23.84 -21.97 -17.61
CA ASP M 171 -22.96 -21.81 -16.45
C ASP M 171 -23.31 -22.85 -15.37
N ARG M 172 -22.76 -24.04 -15.50
CA ARG M 172 -23.05 -25.15 -14.59
C ARG M 172 -21.94 -26.19 -14.64
N TYR M 173 -21.88 -26.99 -13.58
CA TYR M 173 -21.03 -28.16 -13.51
C TYR M 173 -21.82 -29.44 -13.78
N MET M 174 -21.10 -30.48 -14.17
CA MET M 174 -21.60 -31.82 -14.41
C MET M 174 -20.98 -32.74 -13.37
N SER M 175 -21.74 -33.76 -12.97
CA SER M 175 -21.22 -34.89 -12.20
C SER M 175 -20.35 -35.75 -13.11
N PRO M 176 -19.50 -36.62 -12.54
CA PRO M 176 -18.72 -37.54 -13.36
C PRO M 176 -19.56 -38.41 -14.29
N MET M 177 -20.71 -38.92 -13.83
CA MET M 177 -21.59 -39.73 -14.68
C MET M 177 -22.12 -38.93 -15.87
N GLU M 178 -22.53 -37.70 -15.66
CA GLU M 178 -22.98 -36.86 -16.78
C GLU M 178 -21.85 -36.59 -17.80
N ALA M 179 -20.64 -36.36 -17.27
CA ALA M 179 -19.47 -36.13 -18.12
C ALA M 179 -19.13 -37.38 -18.95
N GLN M 180 -19.31 -38.57 -18.36
CA GLN M 180 -19.15 -39.84 -19.08
C GLN M 180 -20.17 -39.96 -20.22
N GLU M 181 -21.44 -39.73 -19.91
CA GLU M 181 -22.51 -39.73 -20.93
C GLU M 181 -22.24 -38.74 -22.06
N PHE M 182 -21.67 -37.58 -21.73
CA PHE M 182 -21.39 -36.53 -22.71
C PHE M 182 -20.17 -36.83 -23.60
N GLY M 183 -19.29 -37.75 -23.17
CA GLY M 183 -18.07 -38.09 -23.92
C GLY M 183 -16.76 -37.44 -23.44
N ILE M 184 -16.80 -36.76 -22.30
CA ILE M 184 -15.61 -36.10 -21.71
C ILE M 184 -14.69 -37.14 -21.06
N LEU M 185 -15.26 -38.19 -20.49
CA LEU M 185 -14.45 -39.23 -19.87
C LEU M 185 -15.04 -40.64 -20.05
N ASP M 186 -14.23 -41.65 -19.77
CA ASP M 186 -14.58 -43.05 -20.00
C ASP M 186 -15.00 -43.82 -18.72
N LYS M 187 -14.36 -43.56 -17.59
CA LYS M 187 -14.58 -44.36 -16.38
C LYS M 187 -14.69 -43.55 -15.09
N VAL M 188 -15.69 -43.88 -14.27
CA VAL M 188 -15.88 -43.30 -12.94
C VAL M 188 -15.60 -44.41 -11.92
N LEU M 189 -14.45 -44.35 -11.27
CA LEU M 189 -14.00 -45.40 -10.36
C LEU M 189 -14.04 -44.96 -8.90
N VAL M 190 -14.59 -45.81 -8.03
CA VAL M 190 -14.48 -45.63 -6.57
C VAL M 190 -13.21 -46.26 -5.98
N HIS M 191 -12.71 -47.33 -6.61
CA HIS M 191 -11.63 -48.23 -6.12
C HIS M 191 -10.98 -48.79 -7.39
N PRO M 192 -9.70 -49.22 -7.34
CA PRO M 192 -9.16 -49.88 -8.55
C PRO M 192 -9.89 -51.18 -8.93
N LEU N 2 6.62 -24.07 -8.06
CA LEU N 2 7.60 -25.13 -7.65
C LEU N 2 8.20 -25.85 -8.87
N ILE N 3 9.51 -25.78 -9.04
CA ILE N 3 10.19 -26.33 -10.22
C ILE N 3 10.63 -27.76 -9.87
N PRO N 4 10.21 -28.78 -10.64
CA PRO N 4 10.62 -30.15 -10.28
C PRO N 4 12.07 -30.46 -10.62
N ILE N 5 12.67 -31.38 -9.88
CA ILE N 5 14.06 -31.83 -10.07
C ILE N 5 14.14 -33.27 -10.63
N VAL N 6 15.25 -33.57 -11.30
CA VAL N 6 15.52 -34.89 -11.89
C VAL N 6 16.98 -35.25 -11.70
N TYR N 17 19.39 -31.74 -11.17
CA TYR N 17 18.96 -30.80 -12.17
C TYR N 17 17.48 -30.41 -11.91
N ASP N 18 17.16 -29.10 -11.94
CA ASP N 18 15.78 -28.70 -12.19
C ASP N 18 15.40 -29.01 -13.65
N ILE N 19 14.11 -29.13 -13.95
CA ILE N 19 13.67 -29.63 -15.25
C ILE N 19 14.19 -28.80 -16.45
N TYR N 20 14.27 -27.48 -16.30
CA TYR N 20 14.79 -26.61 -17.38
C TYR N 20 16.27 -26.86 -17.62
N SER N 21 17.04 -27.05 -16.55
CA SER N 21 18.47 -27.41 -16.69
C SER N 21 18.64 -28.76 -17.36
N ARG N 22 17.76 -29.70 -17.04
CA ARG N 22 17.79 -30.99 -17.70
C ARG N 22 17.53 -30.86 -19.21
N LEU N 23 16.55 -30.03 -19.59
CA LEU N 23 16.29 -29.75 -21.01
C LEU N 23 17.47 -29.06 -21.69
N LEU N 24 18.12 -28.16 -20.97
CA LEU N 24 19.33 -27.48 -21.46
C LEU N 24 20.45 -28.48 -21.81
N ARG N 25 20.63 -29.53 -21.01
CA ARG N 25 21.60 -30.60 -21.32
C ARG N 25 21.27 -31.34 -22.63
N GLU N 26 20.01 -31.34 -23.06
CA GLU N 26 19.61 -31.86 -24.38
C GLU N 26 19.47 -30.79 -25.47
N ARG N 27 20.10 -29.62 -25.27
CA ARG N 27 20.13 -28.54 -26.26
C ARG N 27 18.77 -27.85 -26.53
N ILE N 28 17.91 -27.82 -25.51
CA ILE N 28 16.62 -27.11 -25.58
C ILE N 28 16.68 -25.87 -24.70
N VAL N 29 16.46 -24.71 -25.30
CA VAL N 29 16.42 -23.42 -24.60
C VAL N 29 14.98 -22.89 -24.60
N CYS N 30 14.52 -22.41 -23.46
CA CYS N 30 13.12 -21.97 -23.28
C CYS N 30 13.01 -20.43 -23.23
N VAL N 31 12.19 -19.88 -24.12
CA VAL N 31 11.91 -18.44 -24.16
C VAL N 31 10.42 -18.31 -23.82
N MET N 32 10.15 -18.02 -22.56
CA MET N 32 8.79 -18.11 -22.01
C MET N 32 8.42 -16.82 -21.27
N GLY N 33 7.19 -16.38 -21.47
CA GLY N 33 6.69 -15.18 -20.82
C GLY N 33 7.27 -13.89 -21.44
N PRO N 34 7.05 -12.77 -20.76
CA PRO N 34 7.51 -11.49 -21.32
C PRO N 34 9.03 -11.41 -21.45
N ILE N 35 9.50 -10.90 -22.58
CA ILE N 35 10.91 -10.78 -22.85
C ILE N 35 11.41 -9.44 -22.35
N ASP N 36 12.23 -9.45 -21.31
CA ASP N 36 12.93 -8.24 -20.86
C ASP N 36 14.45 -8.50 -20.88
N ASP N 37 15.24 -7.52 -20.41
CA ASP N 37 16.70 -7.64 -20.34
C ASP N 37 17.21 -8.86 -19.60
N SER N 38 16.57 -9.21 -18.50
CA SER N 38 16.94 -10.40 -17.71
C SER N 38 16.73 -11.68 -18.50
N VAL N 39 15.57 -11.83 -19.14
CA VAL N 39 15.32 -13.00 -20.01
C VAL N 39 16.32 -13.06 -21.17
N ALA N 40 16.58 -11.93 -21.82
CA ALA N 40 17.49 -11.91 -22.96
C ALA N 40 18.89 -12.38 -22.58
N SER N 41 19.42 -11.84 -21.48
CA SER N 41 20.74 -12.24 -20.98
C SER N 41 20.86 -13.72 -20.67
N LEU N 42 19.82 -14.30 -20.05
CA LEU N 42 19.79 -15.73 -19.75
C LEU N 42 19.77 -16.58 -21.01
N VAL N 43 18.94 -16.18 -21.97
CA VAL N 43 18.86 -16.93 -23.24
C VAL N 43 20.21 -16.82 -23.97
N ILE N 44 20.79 -15.62 -24.03
CA ILE N 44 22.08 -15.42 -24.69
C ILE N 44 23.19 -16.27 -24.04
N ALA N 45 23.22 -16.27 -22.70
CA ALA N 45 24.20 -17.08 -21.97
C ALA N 45 24.05 -18.57 -22.28
N GLN N 46 22.81 -19.05 -22.36
CA GLN N 46 22.54 -20.44 -22.73
C GLN N 46 22.99 -20.76 -24.17
N LEU N 47 22.73 -19.84 -25.10
CA LEU N 47 23.18 -20.03 -26.48
C LEU N 47 24.71 -20.11 -26.60
N LEU N 48 25.44 -19.28 -25.85
CA LEU N 48 26.90 -19.37 -25.80
C LEU N 48 27.41 -20.70 -25.22
N PHE N 49 26.73 -21.19 -24.19
CA PHE N 49 27.07 -22.48 -23.59
C PHE N 49 26.91 -23.63 -24.59
N LEU N 50 25.75 -23.69 -25.23
CA LEU N 50 25.48 -24.75 -26.19
C LEU N 50 26.42 -24.73 -27.40
N GLN N 51 26.81 -23.53 -27.83
CA GLN N 51 27.73 -23.36 -28.94
C GLN N 51 29.12 -23.91 -28.64
N SER N 52 29.62 -23.68 -27.43
CA SER N 52 30.92 -24.20 -27.02
C SER N 52 30.94 -25.72 -26.80
N GLU N 53 29.82 -26.32 -26.43
CA GLU N 53 29.69 -27.77 -26.39
C GLU N 53 29.83 -28.38 -27.79
N SER N 54 29.27 -27.69 -28.80
CA SER N 54 29.34 -28.10 -30.19
C SER N 54 28.78 -26.98 -31.07
N ASN N 55 29.59 -26.51 -32.01
CA ASN N 55 29.15 -25.47 -32.94
C ASN N 55 28.45 -26.03 -34.20
N LYS N 56 28.22 -27.35 -34.25
CA LYS N 56 27.51 -27.99 -35.36
C LYS N 56 26.13 -28.54 -34.98
N LYS N 57 25.98 -29.08 -33.77
CA LYS N 57 24.73 -29.75 -33.38
C LYS N 57 23.58 -28.74 -33.25
N PRO N 58 22.38 -29.10 -33.77
CA PRO N 58 21.27 -28.13 -33.70
C PRO N 58 20.90 -27.71 -32.27
N ILE N 59 20.32 -26.51 -32.16
CA ILE N 59 19.78 -26.00 -30.91
C ILE N 59 18.27 -25.84 -31.10
N HIS N 60 17.51 -26.31 -30.12
CA HIS N 60 16.04 -26.17 -30.13
C HIS N 60 15.60 -25.01 -29.22
N MET N 61 14.82 -24.09 -29.78
CA MET N 61 14.34 -22.90 -29.08
C MET N 61 12.81 -22.99 -28.95
N TYR N 62 12.34 -23.22 -27.73
CA TYR N 62 10.92 -23.28 -27.39
C TYR N 62 10.40 -21.88 -27.10
N ILE N 63 9.36 -21.44 -27.83
CA ILE N 63 8.85 -20.08 -27.71
C ILE N 63 7.37 -20.09 -27.36
N ASN N 64 7.08 -19.55 -26.18
CA ASN N 64 5.72 -19.29 -25.73
C ASN N 64 5.71 -17.95 -25.02
N SER N 65 5.42 -16.88 -25.75
CA SER N 65 5.67 -15.51 -25.27
C SER N 65 4.70 -14.51 -25.88
N PRO N 66 4.17 -13.58 -25.07
CA PRO N 66 3.35 -12.46 -25.58
C PRO N 66 4.15 -11.27 -26.10
N GLY N 67 5.49 -11.32 -26.04
CA GLY N 67 6.32 -10.24 -26.58
C GLY N 67 7.19 -9.66 -25.45
N GLY N 68 7.60 -8.41 -25.63
CA GLY N 68 8.40 -7.74 -24.63
C GLY N 68 9.18 -6.54 -25.12
N VAL N 69 10.29 -6.24 -24.47
CA VAL N 69 11.11 -5.05 -24.77
C VAL N 69 11.85 -5.23 -26.10
N VAL N 70 11.75 -4.22 -26.97
CA VAL N 70 12.31 -4.35 -28.35
C VAL N 70 13.82 -4.63 -28.35
N THR N 71 14.60 -3.85 -27.60
CA THR N 71 16.07 -4.02 -27.60
C THR N 71 16.50 -5.37 -27.03
N ALA N 72 15.75 -5.88 -26.05
CA ALA N 72 16.00 -7.22 -25.50
C ALA N 72 15.71 -8.32 -26.52
N GLY N 73 14.61 -8.18 -27.25
CA GLY N 73 14.32 -9.07 -28.38
C GLY N 73 15.41 -9.04 -29.45
N LEU N 74 15.84 -7.84 -29.82
CA LEU N 74 16.89 -7.66 -30.82
C LEU N 74 18.23 -8.27 -30.36
N ALA N 75 18.51 -8.23 -29.06
CA ALA N 75 19.73 -8.82 -28.52
C ALA N 75 19.78 -10.33 -28.72
N ILE N 76 18.64 -10.98 -28.46
CA ILE N 76 18.50 -12.41 -28.70
C ILE N 76 18.58 -12.70 -30.21
N TYR N 77 17.87 -11.91 -31.01
CA TYR N 77 17.90 -12.06 -32.46
C TYR N 77 19.33 -12.06 -33.00
N ASP N 78 20.10 -11.03 -32.62
CA ASP N 78 21.48 -10.87 -33.12
C ASP N 78 22.37 -12.05 -32.71
N THR N 79 22.17 -12.56 -31.50
CA THR N 79 22.97 -13.69 -31.01
C THR N 79 22.64 -14.98 -31.77
N MET N 80 21.35 -15.20 -32.07
CA MET N 80 20.92 -16.32 -32.89
C MET N 80 21.62 -16.32 -34.25
N GLN N 81 21.64 -15.16 -34.91
CA GLN N 81 22.32 -15.02 -36.19
C GLN N 81 23.84 -15.22 -36.05
N TYR N 82 24.42 -14.69 -34.98
CA TYR N 82 25.86 -14.69 -34.79
C TYR N 82 26.49 -16.08 -34.60
N ILE N 83 25.88 -16.92 -33.78
CA ILE N 83 26.41 -18.27 -33.56
C ILE N 83 26.30 -19.12 -34.83
N LEU N 84 27.13 -20.15 -34.91
CA LEU N 84 27.22 -20.95 -36.13
C LEU N 84 26.16 -22.05 -36.21
N ASN N 85 25.62 -22.44 -35.05
CA ASN N 85 24.68 -23.56 -35.00
C ASN N 85 23.41 -23.32 -35.79
N PRO N 86 22.84 -24.39 -36.37
CA PRO N 86 21.45 -24.26 -36.82
C PRO N 86 20.53 -24.17 -35.59
N ILE N 87 19.45 -23.38 -35.71
CA ILE N 87 18.52 -23.17 -34.62
C ILE N 87 17.13 -23.51 -35.12
N CYS N 88 16.52 -24.52 -34.49
CA CYS N 88 15.13 -24.90 -34.75
C CYS N 88 14.23 -24.15 -33.79
N THR N 89 13.30 -23.37 -34.32
CA THR N 89 12.33 -22.66 -33.48
C THR N 89 11.02 -23.43 -33.42
N TRP N 90 10.42 -23.45 -32.22
CA TRP N 90 9.16 -24.16 -31.96
C TRP N 90 8.14 -23.26 -31.24
N CYS N 91 7.06 -22.88 -31.92
CA CYS N 91 5.98 -22.09 -31.32
C CYS N 91 4.93 -23.01 -30.67
N VAL N 92 4.80 -22.92 -29.36
CA VAL N 92 3.77 -23.63 -28.61
C VAL N 92 3.02 -22.60 -27.77
N GLY N 93 1.70 -22.58 -27.90
CA GLY N 93 0.87 -21.59 -27.18
C GLY N 93 0.75 -20.33 -28.00
N GLN N 94 1.74 -19.44 -27.92
CA GLN N 94 1.73 -18.23 -28.76
C GLN N 94 3.11 -17.62 -28.98
N ALA N 95 3.22 -16.86 -30.06
CA ALA N 95 4.37 -16.01 -30.30
C ALA N 95 3.83 -14.70 -30.82
N ALA N 96 3.80 -13.69 -29.95
CA ALA N 96 3.30 -12.34 -30.32
C ALA N 96 4.42 -11.32 -30.29
N SER N 97 4.34 -10.32 -31.16
CA SER N 97 5.29 -9.20 -31.18
C SER N 97 6.73 -9.76 -31.28
N MET N 98 7.64 -9.42 -30.37
CA MET N 98 9.04 -9.89 -30.44
C MET N 98 9.19 -11.40 -30.44
N GLY N 99 8.24 -12.10 -29.80
CA GLY N 99 8.21 -13.57 -29.86
C GLY N 99 8.11 -14.11 -31.28
N SER N 100 7.28 -13.47 -32.12
CA SER N 100 7.13 -13.93 -33.50
C SER N 100 8.36 -13.61 -34.36
N LEU N 101 9.11 -12.56 -33.99
CA LEU N 101 10.35 -12.23 -34.68
C LEU N 101 11.40 -13.32 -34.45
N LEU N 102 11.52 -13.76 -33.20
CA LEU N 102 12.44 -14.85 -32.86
C LEU N 102 12.06 -16.15 -33.57
N LEU N 103 10.76 -16.46 -33.61
CA LEU N 103 10.25 -17.65 -34.32
C LEU N 103 10.66 -17.61 -35.80
N ALA N 104 10.41 -16.48 -36.44
CA ALA N 104 10.76 -16.27 -37.86
C ALA N 104 12.27 -16.28 -38.15
N ALA N 105 13.08 -15.99 -37.13
CA ALA N 105 14.53 -15.92 -37.24
C ALA N 105 15.25 -17.26 -37.11
N GLY N 106 14.52 -18.36 -36.97
CA GLY N 106 15.14 -19.68 -36.95
C GLY N 106 15.76 -20.00 -38.31
N THR N 107 16.67 -20.98 -38.33
CA THR N 107 17.31 -21.44 -39.56
C THR N 107 16.25 -21.84 -40.60
N PRO N 108 16.40 -21.38 -41.87
CA PRO N 108 15.37 -21.71 -42.89
C PRO N 108 15.15 -23.22 -43.01
N GLY N 109 13.89 -23.61 -43.16
CA GLY N 109 13.49 -25.03 -43.07
C GLY N 109 13.27 -25.59 -41.67
N MET N 110 13.72 -24.90 -40.62
CA MET N 110 13.65 -25.42 -39.25
C MET N 110 12.75 -24.64 -38.29
N ARG N 111 11.74 -23.96 -38.83
CA ARG N 111 10.81 -23.13 -38.05
C ARG N 111 9.45 -23.82 -38.00
N HIS N 112 9.03 -24.16 -36.78
CA HIS N 112 7.86 -25.00 -36.51
C HIS N 112 6.83 -24.38 -35.63
N SER N 113 5.59 -24.83 -35.78
CA SER N 113 4.51 -24.57 -34.82
C SER N 113 3.67 -25.81 -34.61
N LEU N 114 3.16 -25.98 -33.40
CA LEU N 114 2.13 -27.00 -33.14
C LEU N 114 0.78 -26.42 -33.59
N PRO N 115 -0.25 -27.28 -33.75
CA PRO N 115 -1.44 -26.87 -34.54
C PRO N 115 -2.34 -25.78 -33.93
N ASN N 116 -2.38 -25.62 -32.59
CA ASN N 116 -3.29 -24.64 -32.00
C ASN N 116 -2.66 -23.30 -31.55
N SER N 117 -1.38 -23.11 -31.88
CA SER N 117 -0.67 -21.87 -31.54
C SER N 117 -1.26 -20.65 -32.22
N ARG N 118 -1.03 -19.48 -31.64
CA ARG N 118 -1.44 -18.19 -32.23
C ARG N 118 -0.22 -17.30 -32.44
N ILE N 119 -0.13 -16.69 -33.62
CA ILE N 119 1.05 -15.91 -34.01
C ILE N 119 0.63 -14.49 -34.40
N MET N 120 1.29 -13.50 -33.81
CA MET N 120 0.98 -12.08 -34.09
C MET N 120 2.27 -11.30 -34.37
N ILE N 121 2.31 -10.61 -35.48
CA ILE N 121 3.43 -9.74 -35.83
C ILE N 121 3.19 -8.25 -35.51
N HIS N 122 1.94 -7.87 -35.31
CA HIS N 122 1.56 -6.54 -34.82
C HIS N 122 2.25 -6.28 -33.43
N GLN N 123 2.67 -5.03 -33.21
CA GLN N 123 3.30 -4.58 -31.99
C GLN N 123 2.27 -3.88 -31.09
N PRO N 124 1.95 -4.42 -29.92
CA PRO N 124 0.96 -3.74 -29.07
C PRO N 124 1.09 -2.25 -28.56
N SER N 125 -0.06 -1.79 -28.05
CA SER N 125 -0.24 -0.46 -27.46
N ILE N 137 11.87 7.10 -24.31
CA ILE N 137 12.45 7.20 -25.65
C ILE N 137 11.77 8.34 -26.45
N GLN N 138 12.56 9.07 -27.22
CA GLN N 138 12.05 10.09 -28.17
C GLN N 138 11.27 9.44 -29.36
N ALA N 139 10.40 10.22 -29.98
CA ALA N 139 9.64 9.85 -31.15
C ALA N 139 10.50 9.28 -32.28
N GLU N 140 11.60 9.98 -32.61
CA GLU N 140 12.51 9.50 -33.66
C GLU N 140 13.08 8.10 -33.36
N GLU N 141 13.39 7.84 -32.09
CA GLU N 141 13.97 6.56 -31.70
C GLU N 141 12.97 5.39 -31.80
N ILE N 142 11.71 5.63 -31.44
CA ILE N 142 10.71 4.58 -31.54
C ILE N 142 10.50 4.19 -33.04
N MET N 143 10.54 5.18 -33.94
CA MET N 143 10.45 4.89 -35.39
C MET N 143 11.67 4.17 -35.94
N LYS N 144 12.86 4.52 -35.48
CA LYS N 144 14.07 3.81 -35.92
C LYS N 144 14.02 2.33 -35.55
N LEU N 145 13.60 2.03 -34.33
CA LEU N 145 13.45 0.64 -33.88
C LEU N 145 12.37 -0.09 -34.73
N LYS N 146 11.25 0.59 -34.96
CA LYS N 146 10.18 0.03 -35.79
C LYS N 146 10.69 -0.36 -37.22
N LYS N 147 11.47 0.54 -37.83
CA LYS N 147 12.07 0.27 -39.15
C LYS N 147 13.07 -0.90 -39.12
N GLN N 148 13.82 -1.04 -38.02
CA GLN N 148 14.68 -2.23 -37.89
C GLN N 148 13.84 -3.53 -37.88
N LEU N 149 12.66 -3.50 -37.25
CA LEU N 149 11.79 -4.66 -37.23
C LEU N 149 11.28 -4.98 -38.64
N TYR N 150 10.85 -3.95 -39.38
CA TYR N 150 10.40 -4.12 -40.78
C TYR N 150 11.45 -4.88 -41.61
N ASN N 151 12.71 -4.41 -41.56
CA ASN N 151 13.78 -5.02 -42.34
C ASN N 151 14.08 -6.48 -41.92
N ILE N 152 14.04 -6.74 -40.62
CA ILE N 152 14.27 -8.12 -40.14
C ILE N 152 13.14 -9.09 -40.61
N TYR N 153 11.89 -8.67 -40.48
CA TYR N 153 10.78 -9.51 -40.94
C TYR N 153 10.81 -9.76 -42.47
N ALA N 154 11.18 -8.71 -43.22
CA ALA N 154 11.30 -8.82 -44.69
C ALA N 154 12.38 -9.85 -45.07
N LYS N 155 13.54 -9.74 -44.44
CA LYS N 155 14.62 -10.70 -44.66
C LYS N 155 14.18 -12.16 -44.43
N HIS N 156 13.53 -12.42 -43.30
CA HIS N 156 13.25 -13.82 -42.93
C HIS N 156 11.96 -14.42 -43.48
N THR N 157 10.98 -13.58 -43.79
CA THR N 157 9.72 -14.03 -44.40
C THR N 157 9.77 -14.06 -45.92
N LYS N 158 10.72 -13.28 -46.51
CA LYS N 158 10.86 -13.09 -47.94
C LYS N 158 9.71 -12.28 -48.56
N GLN N 159 8.94 -11.55 -47.75
CA GLN N 159 7.92 -10.65 -48.23
C GLN N 159 8.53 -9.28 -48.46
N SER N 160 7.88 -8.44 -49.26
CA SER N 160 8.34 -7.06 -49.46
C SER N 160 8.14 -6.23 -48.17
N LEU N 161 8.97 -5.24 -47.97
CA LEU N 161 8.76 -4.40 -46.84
C LEU N 161 7.36 -3.73 -46.84
N GLN N 162 6.82 -3.31 -47.99
CA GLN N 162 5.48 -2.72 -48.06
C GLN N 162 4.42 -3.66 -47.48
N VAL N 163 4.52 -4.96 -47.80
CA VAL N 163 3.56 -5.95 -47.29
C VAL N 163 3.72 -6.15 -45.76
N ILE N 164 4.97 -6.20 -45.28
CA ILE N 164 5.25 -6.29 -43.85
C ILE N 164 4.64 -5.10 -43.10
N GLU N 165 4.83 -3.89 -43.61
CA GLU N 165 4.35 -2.71 -42.92
C GLU N 165 2.82 -2.73 -42.84
N SER N 166 2.15 -3.07 -43.95
CA SER N 166 0.70 -3.17 -43.95
C SER N 166 0.17 -4.23 -42.97
N ALA N 167 0.79 -5.41 -42.99
CA ALA N 167 0.36 -6.49 -42.11
C ALA N 167 0.53 -6.14 -40.61
N MET N 168 1.64 -5.49 -40.26
CA MET N 168 1.94 -5.12 -38.86
C MET N 168 1.04 -4.03 -38.28
N GLU N 169 0.37 -3.29 -39.15
CA GLU N 169 -0.64 -2.33 -38.70
C GLU N 169 -1.99 -3.00 -38.34
N ARG N 170 -2.25 -4.22 -38.83
CA ARG N 170 -3.48 -4.97 -38.50
C ARG N 170 -3.39 -5.66 -37.15
N ASP N 171 -4.28 -5.28 -36.23
CA ASP N 171 -4.31 -5.86 -34.89
C ASP N 171 -5.02 -7.20 -34.89
N ARG N 172 -4.28 -8.25 -35.23
CA ARG N 172 -4.84 -9.59 -35.29
C ARG N 172 -3.81 -10.71 -35.18
N TYR N 173 -4.28 -11.89 -34.81
CA TYR N 173 -3.47 -13.09 -34.80
C TYR N 173 -3.69 -13.91 -36.07
N MET N 174 -2.70 -14.74 -36.38
CA MET N 174 -2.70 -15.69 -37.48
C MET N 174 -2.69 -17.09 -36.88
N SER N 175 -3.34 -18.04 -37.56
CA SER N 175 -3.19 -19.46 -37.30
C SER N 175 -1.80 -19.90 -37.80
N PRO N 176 -1.32 -21.08 -37.36
CA PRO N 176 -0.07 -21.61 -37.89
C PRO N 176 -0.03 -21.75 -39.41
N MET N 177 -1.11 -22.20 -40.03
CA MET N 177 -1.18 -22.33 -41.50
C MET N 177 -1.01 -20.96 -42.18
N GLU N 178 -1.68 -19.94 -41.67
CA GLU N 178 -1.52 -18.58 -42.24
C GLU N 178 -0.09 -18.06 -42.07
N ALA N 179 0.52 -18.35 -40.93
CA ALA N 179 1.90 -17.95 -40.65
C ALA N 179 2.89 -18.64 -41.59
N GLN N 180 2.59 -19.90 -41.91
CA GLN N 180 3.38 -20.67 -42.92
C GLN N 180 3.27 -20.02 -44.30
N GLU N 181 2.04 -19.74 -44.74
CA GLU N 181 1.82 -19.04 -46.00
C GLU N 181 2.52 -17.67 -46.07
N PHE N 182 2.58 -16.98 -44.95
CA PHE N 182 3.19 -15.64 -44.87
C PHE N 182 4.73 -15.68 -44.87
N GLY N 183 5.33 -16.83 -44.53
CA GLY N 183 6.79 -16.98 -44.44
C GLY N 183 7.42 -16.89 -43.03
N ILE N 184 6.57 -16.91 -42.03
CA ILE N 184 6.98 -16.84 -40.66
C ILE N 184 7.55 -18.18 -40.18
N LEU N 185 6.99 -19.26 -40.66
CA LEU N 185 7.44 -20.59 -40.30
C LEU N 185 7.35 -21.57 -41.47
N ASP N 186 8.01 -22.72 -41.33
CA ASP N 186 8.13 -23.72 -42.38
C ASP N 186 7.19 -24.93 -42.23
N LYS N 187 6.97 -25.41 -41.00
CA LYS N 187 6.23 -26.67 -40.77
C LYS N 187 5.23 -26.58 -39.61
N VAL N 188 4.03 -27.08 -39.85
CA VAL N 188 2.97 -27.22 -38.85
C VAL N 188 2.78 -28.73 -38.61
N LEU N 189 3.30 -29.22 -37.48
CA LEU N 189 3.31 -30.67 -37.19
C LEU N 189 2.32 -31.02 -36.08
N VAL N 190 1.52 -32.05 -36.32
CA VAL N 190 0.64 -32.65 -35.29
C VAL N 190 1.35 -33.75 -34.48
N HIS N 191 2.34 -34.41 -35.07
CA HIS N 191 3.07 -35.59 -34.55
C HIS N 191 4.48 -35.49 -35.15
N PRO N 192 5.52 -36.10 -34.52
CA PRO N 192 6.82 -36.09 -35.21
C PRO N 192 6.84 -36.87 -36.53
C10 9DF O . 0.95 43.91 13.32
C2 9DF O . -2.31 44.06 9.99
C4 9DF O . -1.04 45.56 8.39
C6 9DF O . 0.34 46.80 10.19
C9 9DF O . 1.57 45.28 13.02
N3 9DF O . -1.18 44.64 9.52
O1 9DF O . -2.26 43.02 10.64
C5 9DF O . -0.33 46.85 8.81
C8 9DF O . 1.94 45.55 11.54
C11 9DF O . 1.49 43.25 14.57
C17 9DF O . 0.11 44.40 10.24
C18 9DF O . 1.19 43.67 9.38
C20 9DF O . 3.55 42.85 9.36
C21 9DF O . 3.24 41.36 9.38
C22 9DF O . 3.51 40.50 10.48
C23 9DF O . 4.09 40.95 11.68
C24 9DF O . 4.32 40.06 12.74
C25 9DF O . 3.98 38.72 12.62
C26 9DF O . 3.42 38.25 11.44
C27 9DF O . 3.17 39.12 10.38
C28 9DF O . 2.58 38.62 9.22
C29 9DF O . 2.32 39.46 8.13
C30 9DF O . 2.65 40.84 8.21
C31 9DF O . 2.92 44.52 11.05
C35 9DF O . -4.72 43.93 10.35
C36 9DF O . -5.08 42.67 9.59
C37 9DF O . -5.72 41.63 10.48
C38 9DF O . -6.84 40.93 9.75
C46 9DF O . 0.69 46.38 13.61
F40 9DF O . -7.99 41.57 9.96
F41 9DF O . -6.59 40.86 8.44
F42 9DF O . -6.95 39.70 10.23
N7 9DF O . 0.76 45.63 10.66
N19 9DF O . 2.55 43.73 10.00
N34 9DF O . -3.52 44.56 9.81
O32 9DF O . 4.02 44.46 11.64
O33 9DF O . 0.49 47.83 10.81
C10 9DF P . 0.03 43.69 -13.98
C2 9DF P . -4.77 42.86 -14.78
C4 9DF P . -4.54 42.70 -17.31
C6 9DF P . -2.84 44.58 -17.29
C9 9DF P . -0.03 44.66 -15.20
N3 9DF P . -4.04 42.73 -15.92
O1 9DF P . -4.26 42.59 -13.70
C5 9DF P . -3.89 43.85 -18.10
C8 9DF P . -0.54 44.07 -16.55
C11 9DF P . 1.29 43.84 -13.17
C17 9DF P . -2.54 42.70 -15.82
C18 9DF P . -1.85 41.41 -16.38
C20 9DF P . 0.16 40.42 -17.53
C21 9DF P . 0.24 39.18 -16.62
C22 9DF P . 1.24 38.96 -15.65
C23 9DF P . 2.30 39.86 -15.41
C24 9DF P . 3.25 39.59 -14.43
C25 9DF P . 3.18 38.42 -13.66
C26 9DF P . 2.13 37.52 -13.89
C27 9DF P . 1.18 37.79 -14.87
C28 9DF P . 0.15 36.87 -15.06
C29 9DF P . -0.82 37.09 -16.01
C30 9DF P . -0.78 38.25 -16.79
C31 9DF P . 0.20 42.80 -16.89
C35 9DF P . -6.86 43.41 -13.57
C36 9DF P . -7.17 42.09 -12.90
C37 9DF P . -7.13 42.14 -11.38
C38 9DF P . -7.40 40.75 -10.82
C46 9DF P . -0.80 45.93 -14.83
F40 9DF P . -7.75 40.82 -9.54
F41 9DF P . -8.38 40.18 -11.47
F42 9DF P . -6.29 40.03 -10.91
N7 9DF P . -2.00 43.83 -16.57
N19 9DF P . -0.47 41.62 -16.91
N34 9DF P . -6.06 43.28 -14.79
O32 9DF P . 1.40 42.93 -17.15
O33 9DF P . -2.80 45.80 -17.31
C10 9DF Q . -37.17 12.54 -23.37
C2 9DF Q . -38.16 14.82 -19.35
C4 9DF Q . -40.16 13.41 -18.65
C6 9DF Q . -40.99 12.98 -21.05
C9 9DF Q . -38.67 12.31 -23.63
N3 9DF Q . -38.94 13.71 -19.41
O1 9DF Q . -36.98 14.78 -19.76
C5 9DF Q . -41.31 13.46 -19.65
C8 9DF Q . -39.52 11.65 -22.52
C11 9DF Q . -36.30 12.47 -24.61
C17 9DF Q . -38.64 12.69 -20.43
C18 9DF Q . -38.22 11.31 -19.86
C20 9DF Q . -37.76 8.94 -20.47
C21 9DF Q . -36.31 8.86 -20.05
C22 9DF Q . -35.27 8.72 -20.96
C23 9DF Q . -35.48 8.70 -22.36
C24 9DF Q . -34.36 8.60 -23.23
C25 9DF Q . -33.06 8.52 -22.71
C26 9DF Q . -32.85 8.55 -21.32
C27 9DF Q . -33.95 8.64 -20.45
C28 9DF Q . -33.72 8.65 -19.08
C29 9DF Q . -34.79 8.75 -18.20
C30 9DF Q . -36.06 8.84 -18.69
C31 9DF Q . -38.90 10.35 -22.08
C35 9DF Q . -37.92 17.19 -18.81
C36 9DF Q . -36.94 17.18 -17.66
C37 9DF Q . -35.48 17.22 -18.07
C38 9DF Q . -34.62 17.96 -17.06
C46 9DF Q . -39.32 13.61 -24.10
F40 9DF Q . -34.71 19.26 -17.30
F41 9DF Q . -34.95 17.71 -15.81
F42 9DF Q . -33.36 17.59 -17.17
N7 9DF Q . -39.77 12.47 -21.32
N19 9DF Q . -38.29 10.26 -20.89
N34 9DF Q . -38.68 15.98 -18.87
O32 9DF Q . -39.03 9.42 -22.86
O33 9DF Q . -41.86 13.08 -21.90
C10 9DF R . -16.61 29.88 -30.45
C2 9DF R . -20.22 29.68 -27.34
C4 9DF R . -21.98 28.99 -29.02
C6 9DF R . -21.00 29.90 -31.17
C9 9DF R . -17.56 30.12 -31.65
N3 9DF R . -20.61 29.13 -28.51
O1 9DF R . -19.02 29.73 -27.07
C5 9DF R . -22.08 30.07 -30.10
C8 9DF R . -18.75 29.13 -31.87
C11 9DF R . -15.20 30.39 -30.69
C17 9DF R . -19.59 28.71 -29.53
C18 9DF R . -19.51 27.18 -29.76
C20 9DF R . -18.30 25.39 -31.06
C21 9DF R . -17.53 24.77 -29.91
C22 9DF R . -16.13 24.88 -29.75
C23 9DF R . -15.30 25.60 -30.64
C24 9DF R . -13.93 25.70 -30.44
C25 9DF R . -13.33 25.10 -29.33
C26 9DF R . -14.13 24.41 -28.42
C27 9DF R . -15.53 24.29 -28.64
C28 9DF R . -16.29 23.58 -27.71
C29 9DF R . -17.67 23.46 -27.89
C30 9DF R . -18.28 24.05 -28.98
C31 9DF R . -18.26 27.70 -31.89
C35 9DF R . -20.66 30.85 -25.23
C36 9DF R . -20.06 29.82 -24.29
C37 9DF R . -19.24 30.50 -23.21
C38 9DF R . -20.01 30.77 -21.94
C46 9DF R . -18.06 31.57 -31.59
F40 9DF R . -20.79 31.83 -22.13
F41 9DF R . -20.74 29.73 -21.57
F42 9DF R . -19.15 30.98 -20.95
N7 9DF R . -19.83 29.29 -30.86
N19 9DF R . -18.65 26.83 -30.93
N34 9DF R . -21.08 30.24 -26.48
O32 9DF R . -17.54 27.40 -32.83
O33 9DF R . -21.26 30.29 -32.30
C10 9DF S . -45.51 5.60 1.80
C2 9DF S . -44.07 9.35 3.91
C4 9DF S . -44.75 8.84 6.26
C6 9DF S . -46.81 7.57 5.48
C9 9DF S . -46.77 5.48 2.71
N3 9DF S . -44.36 8.49 4.90
O1 9DF S . -43.91 8.94 2.78
C5 9DF S . -46.27 8.86 6.08
C8 9DF S . -46.47 5.45 4.23
C11 9DF S . -45.58 4.78 0.53
C17 9DF S . -44.57 7.05 4.61
C18 9DF S . -43.89 6.04 5.54
C20 9DF S . -43.48 3.64 5.70
C21 9DF S . -42.06 3.61 5.15
C22 9DF S . -41.71 2.97 3.96
C23 9DF S . -42.64 2.29 3.15
C24 9DF S . -42.24 1.65 1.99
C25 9DF S . -40.91 1.70 1.60
C26 9DF S . -39.97 2.37 2.38
C27 9DF S . -40.36 3.00 3.56
C28 9DF S . -39.40 3.64 4.31
C29 9DF S . -39.77 4.28 5.49
C30 9DF S . -41.09 4.25 5.90
C31 9DF S . -45.49 4.36 4.53
C35 9DF S . -43.78 11.67 3.09
C36 9DF S . -42.62 11.34 2.18
C37 9DF S . -41.92 12.58 1.68
C38 9DF S . -40.47 12.60 2.06
C46 9DF S . -47.82 6.57 2.40
F40 9DF S . -40.29 12.24 3.31
F41 9DF S . -39.83 11.73 1.30
F42 9DF S . -40.02 13.81 1.86
N7 9DF S . -45.99 6.73 4.77
N19 9DF S . -44.35 4.67 5.19
N34 9DF S . -44.03 10.68 4.12
O32 9DF S . -45.82 3.25 4.18
O33 9DF S . -47.97 7.31 5.69
C10 9DF T . -35.81 13.17 26.07
C2 9DF T . -34.22 17.46 24.75
C4 9DF T . -33.76 18.34 27.08
C6 9DF T . -35.05 16.96 28.60
C9 9DF T . -36.25 13.79 27.41
N3 9DF T . -33.96 17.30 26.08
O1 9DF T . -34.59 16.50 24.09
C5 9DF T . -35.07 18.29 27.88
C8 9DF T . -35.19 14.50 28.29
C11 9DF T . -36.41 11.79 25.82
C17 9DF T . -33.97 15.93 26.66
C18 9DF T . -32.60 15.38 27.13
C20 9DF T . -31.48 13.48 28.31
C21 9DF T . -30.66 12.93 27.16
C22 9DF T . -30.93 11.70 26.50
C23 9DF T . -32.01 10.87 26.84
C24 9DF T . -32.26 9.69 26.14
C25 9DF T . -31.41 9.31 25.10
C26 9DF T . -30.33 10.11 24.75
C27 9DF T . -30.08 11.31 25.44
C28 9DF T . -29.00 12.08 25.06
C29 9DF T . -28.72 13.27 25.72
C30 9DF T . -29.56 13.69 26.77
C31 9DF T . -33.94 13.66 28.41
C35 9DF T . -34.41 18.84 22.74
C36 9DF T . -33.48 17.94 21.96
C37 9DF T . -33.95 17.60 20.56
C38 9DF T . -33.65 18.67 19.54
C46 9DF T . -37.47 14.69 27.16
F40 9DF T . -32.99 18.13 18.53
F41 9DF T . -34.79 19.12 19.05
F42 9DF T . -32.97 19.68 20.06
N7 9DF T . -34.81 15.85 27.87
N19 9DF T . -32.75 14.15 27.94
N34 9DF T . -34.13 18.66 24.15
O32 9DF T . -34.09 12.57 28.94
O33 9DF T . -35.18 16.97 29.82
C10 9DF U . -15.12 30.27 31.42
C2 9DF U . -15.56 32.55 27.40
C4 9DF U . -13.99 34.46 27.94
C6 9DF U . -13.66 34.45 30.35
C9 9DF U . -14.72 31.59 32.13
N3 9DF U . -14.52 33.09 28.08
O1 9DF U . -15.84 31.37 27.49
C5 9DF U . -14.46 35.11 29.25
C8 9DF U . -13.46 32.32 31.62
C11 9DF U . -15.49 29.11 32.33
C17 9DF U . -13.86 32.34 29.18
C18 9DF U . -12.42 31.84 28.91
C20 9DF U . -10.40 30.80 29.96
C21 9DF U . -10.35 29.60 29.02
C22 9DF U . -10.61 28.27 29.43
C23 9DF U . -10.95 27.92 30.74
C24 9DF U . -11.20 26.59 31.09
C25 9DF U . -11.12 25.60 30.12
C26 9DF U . -10.81 25.93 28.80
C27 9DF U . -10.55 27.25 28.46
C28 9DF U . -10.24 27.53 27.13
C29 9DF U . -9.99 28.84 26.74
C30 9DF U . -10.03 29.86 27.68
C31 9DF U . -12.25 31.44 31.41
C35 9DF U . -17.46 32.83 25.90
C36 9DF U . -17.12 31.95 24.73
C37 9DF U . -18.50 31.50 24.30
C38 9DF U . -18.50 30.92 22.92
C46 9DF U . -15.89 32.58 32.17
F40 9DF U . -17.70 31.59 22.13
F41 9DF U . -18.10 29.66 22.98
F42 9DF U . -19.75 31.01 22.46
N7 9DF U . -13.70 33.10 30.40
N19 9DF U . -11.74 31.35 30.16
N34 9DF U . -16.33 33.33 26.64
O32 9DF U . -11.78 30.89 32.42
O33 9DF U . -12.98 35.14 31.10
C10 9DF V . 30.91 -16.54 -29.30
C2 9DF V . 32.89 -18.26 -25.41
C4 9DF V . 34.95 -16.83 -25.35
C6 9DF V . 35.09 -16.87 -27.91
C9 9DF V . 32.32 -16.44 -29.91
N3 9DF V . 33.59 -17.16 -25.76
O1 9DF V . 31.70 -18.38 -25.77
C5 9DF V . 35.78 -17.18 -26.58
C8 9DF V . 33.35 -15.58 -29.16
C11 9DF V . 29.78 -16.56 -30.32
C17 9DF V . 33.03 -16.22 -26.78
C18 9DF V . 32.96 -14.74 -26.40
C20 9DF V . 32.12 -12.56 -27.19
C21 9DF V . 30.82 -12.50 -26.41
C22 9DF V . 29.58 -12.50 -27.03
C23 9DF V . 29.43 -12.57 -28.42
C24 9DF V . 28.16 -12.56 -29.00
C25 9DF V . 27.03 -12.48 -28.19
C26 9DF V . 27.17 -12.43 -26.82
C27 9DF V . 28.43 -12.43 -26.23
C28 9DF V . 28.50 -12.35 -24.83
C29 9DF V . 29.75 -12.34 -24.24
C30 9DF V . 30.90 -12.39 -25.02
C31 9DF V . 32.78 -14.21 -28.85
C35 9DF V . 32.80 -20.43 -24.28
C36 9DF V . 31.69 -20.08 -23.31
C37 9DF V . 31.40 -21.27 -22.44
C38 9DF V . 30.19 -20.97 -21.62
C46 9DF V . 32.83 -17.86 -30.18
F40 9DF V . 29.66 -22.10 -21.24
F41 9DF V . 30.56 -20.26 -20.55
F42 9DF V . 29.33 -20.28 -22.36
N7 9DF V . 33.87 -16.26 -27.96
N19 9DF V . 32.60 -13.89 -27.57
N34 9DF V . 33.48 -19.23 -24.69
O32 9DF V . 32.55 -13.46 -29.78
O33 9DF V . 35.70 -17.20 -28.90
C10 9DF W . 44.71 -5.68 -8.22
C2 9DF W . 44.02 -9.12 -5.15
C4 9DF W . 45.65 -8.39 -3.35
C6 9DF W . 47.17 -7.22 -5.06
C9 9DF W . 46.16 -5.38 -7.76
N3 9DF W . 44.77 -8.19 -4.52
O1 9DF W . 42.94 -8.78 -5.62
C5 9DF W . 47.05 -7.85 -3.68
C8 9DF W . 46.37 -5.22 -6.22
C11 9DF W . 44.44 -5.19 -9.63
C17 9DF W . 44.80 -6.82 -5.11
C18 9DF W . 44.26 -5.73 -4.17
C20 9DF W . 43.78 -3.31 -4.15
C21 9DF W . 42.29 -3.31 -4.34
C22 9DF W . 41.64 -2.78 -5.47
C23 9DF W . 42.30 -2.21 -6.58
C24 9DF W . 41.60 -1.71 -7.69
C25 9DF W . 40.21 -1.77 -7.72
C26 9DF W . 39.53 -2.34 -6.64
C27 9DF W . 40.23 -2.84 -5.53
C28 9DF W . 39.51 -3.40 -4.47
C29 9DF W . 40.17 -3.90 -3.35
C30 9DF W . 41.55 -3.85 -3.28
C31 9DF W . 45.47 -4.14 -5.70
C35 9DF W . 43.66 -11.37 -6.02
C36 9DF W . 42.33 -11.77 -5.39
C37 9DF W . 41.45 -12.39 -6.46
C38 9DF W . 39.97 -12.35 -6.15
C46 9DF W . 47.14 -6.37 -8.40
F40 9DF W . 39.78 -12.32 -4.84
F41 9DF W . 39.44 -11.29 -6.73
F42 9DF W . 39.37 -13.42 -6.62
N7 9DF W . 46.17 -6.46 -5.46
N19 9DF W . 44.54 -4.40 -4.76
N34 9DF W . 44.44 -10.37 -5.30
O32 9DF W . 45.64 -3.02 -6.18
O33 9DF W . 48.13 -7.44 -5.78
C10 9DF X . 41.24 -9.85 18.72
C2 9DF X . 39.17 -14.23 18.52
C4 9DF X . 38.74 -14.42 20.98
C6 9DF X . 40.76 -13.21 21.89
C9 9DF X . 41.97 -10.48 19.93
N3 9DF X . 39.09 -13.72 19.75
O1 9DF X . 38.88 -13.54 17.54
C5 9DF X . 40.05 -14.54 21.76
C8 9DF X . 41.08 -10.86 21.16
C11 9DF X . 41.69 -8.45 18.32
C17 9DF X . 39.48 -12.32 19.97
C18 9DF X . 38.30 -11.42 20.36
C20 9DF X . 37.59 -9.57 21.91
C21 9DF X . 36.41 -9.24 21.02
C22 9DF X . 36.36 -8.14 20.14
C23 9DF X . 37.41 -7.22 19.99
C24 9DF X . 37.30 -6.14 19.10
C25 9DF X . 36.15 -5.97 18.33
C26 9DF X . 35.12 -6.88 18.46
C27 9DF X . 35.22 -7.95 19.36
C28 9DF X . 34.16 -8.82 19.44
C29 9DF X . 34.20 -9.90 20.30
C30 9DF X . 35.32 -10.09 21.09
C31 9DF X . 39.99 -9.86 21.38
C35 9DF X . 39.70 -16.17 17.09
C36 9DF X . 38.41 -16.23 16.32
C37 9DF X . 38.56 -15.64 14.93
C38 9DF X . 37.29 -15.74 14.12
C46 9DF X . 42.82 -11.67 19.50
F40 9DF X . 37.56 -16.18 12.90
F41 9DF X . 36.43 -16.59 14.66
F42 9DF X . 36.72 -14.54 14.08
N7 9DF X . 40.48 -12.20 21.04
N19 9DF X . 38.70 -10.27 21.22
N34 9DF X . 39.56 -15.50 18.37
O32 9DF X . 40.33 -8.72 21.67
O33 9DF X . 41.56 -13.10 22.81
C10 9DF Y . 22.25 -25.66 30.75
C2 9DF Y . 21.79 -28.73 27.18
C4 9DF Y . 20.16 -30.24 28.36
C6 9DF Y . 21.19 -29.93 30.65
C9 9DF Y . 22.08 -26.76 31.82
N3 9DF Y . 20.89 -28.99 28.15
O1 9DF Y . 22.09 -27.57 26.90
C5 9DF Y . 20.93 -30.89 29.49
C8 9DF Y . 20.85 -27.69 31.70
C11 9DF Y . 22.93 -24.42 31.29
C17 9DF Y . 20.64 -28.01 29.22
C18 9DF Y . 19.18 -27.47 29.27
C20 9DF Y . 17.44 -26.35 30.60
C21 9DF Y . 17.16 -25.27 29.57
C22 9DF Y . 17.52 -23.91 29.75
C23 9DF Y . 18.20 -23.44 30.88
C24 9DF Y . 18.55 -22.09 31.00
C25 9DF Y . 18.23 -21.20 29.99
C26 9DF Y . 17.58 -21.65 28.85
C27 9DF Y . 17.21 -22.99 28.73
C28 9DF Y . 16.53 -23.41 27.57
C29 9DF Y . 16.17 -24.74 27.42
C30 9DF Y . 16.48 -25.67 28.41
C31 9DF Y . 19.57 -26.90 31.69
C35 9DF Y . 23.36 -29.57 25.49
C36 9DF Y . 22.80 -28.91 24.24
C37 9DF Y . 23.85 -28.02 23.62
C38 9DF Y . 23.35 -27.41 22.33
C46 9DF Y . 23.35 -27.60 31.93
F40 9DF Y . 22.90 -26.19 22.58
F41 9DF Y . 24.34 -27.36 21.45
F42 9DF Y . 22.40 -28.12 21.79
N7 9DF Y . 20.92 -28.59 30.53
N19 9DF Y . 18.81 -26.90 30.58
N34 9DF Y . 22.38 -29.75 26.53
O32 9DF Y . 19.28 -26.32 32.74
O33 9DF Y . 21.64 -30.43 31.66
C10 9DF Z . 2.78 -41.49 19.22
C2 9DF Z . 5.33 -42.12 15.39
C4 9DF Z . 3.86 -43.89 14.28
C6 9DF Z . 2.96 -44.89 16.46
C9 9DF Z . 2.28 -42.94 19.18
N3 9DF Z . 4.13 -42.77 15.21
O1 9DF Z . 5.43 -41.12 16.11
C5 9DF Z . 3.81 -45.10 15.21
C8 9DF Z . 1.56 -43.41 17.88
C11 9DF Z . 2.91 -40.91 20.63
C17 9DF Z . 2.93 -42.45 16.03
C18 9DF Z . 1.64 -41.99 15.29
C20 9DF Z . -0.59 -40.98 15.82
C21 9DF Z . -0.34 -39.50 15.60
C22 9DF Z . -0.40 -38.51 16.62
C23 9DF Z . -0.67 -38.80 17.96
C24 9DF Z . -0.69 -37.78 18.92
C25 9DF Z . -0.44 -36.46 18.55
C26 9DF Z . -0.18 -36.15 17.22
C27 9DF Z . -0.16 -37.16 16.26
C28 9DF Z . 0.12 -36.82 14.94
C29 9DF Z . 0.16 -37.79 13.96
C30 9DF Z . -0.08 -39.12 14.29
C31 9DF Z . 0.49 -42.42 17.49
C35 9DF Z . 7.74 -41.94 14.95
C36 9DF Z . 7.93 -40.86 13.92
C37 9DF Z . 8.52 -39.60 14.50
C38 9DF Z . 9.49 -38.91 13.55
C46 9DF Z . 3.42 -43.89 19.56
F40 9DF Z . 10.72 -39.26 13.90
F41 9DF Z . 9.30 -39.23 12.28
F42 9DF Z . 9.37 -37.60 13.67
N7 9DF Z . 2.51 -43.65 16.78
N19 9DF Z . 0.54 -41.81 16.27
N34 9DF Z . 6.45 -42.59 14.79
O32 9DF Z . -0.39 -42.25 18.34
O33 9DF Z . 2.72 -45.88 17.14
C10 9DF AA . -2.85 -45.38 -7.21
C2 9DF AA . 1.55 -45.00 -8.86
C4 9DF AA . 1.05 -45.55 -11.31
C6 9DF AA . -0.78 -47.24 -10.72
C9 9DF AA . -3.12 -46.54 -8.18
N3 9DF AA . 0.73 -45.16 -9.92
O1 9DF AA . 1.11 -44.56 -7.80
C5 9DF AA . 0.36 -46.88 -11.64
C8 9DF AA . -2.86 -46.33 -9.70
C11 9DF AA . -3.72 -45.43 -5.98
C17 9DF AA . -0.73 -45.02 -9.69
C18 9DF AA . -1.39 -43.85 -10.45
C20 9DF AA . -3.53 -42.85 -11.20
C21 9DF AA . -3.41 -41.56 -10.42
C22 9DF AA . -4.18 -41.26 -9.27
C23 9DF AA . -5.15 -42.14 -8.73
C24 9DF AA . -5.89 -41.80 -7.59
C25 9DF AA . -5.67 -40.57 -6.97
C26 9DF AA . -4.72 -39.70 -7.49
C27 9DF AA . -3.99 -40.03 -8.63
C28 9DF AA . -3.05 -39.13 -9.12
C29 9DF AA . -2.28 -39.44 -10.24
C30 9DF AA . -2.49 -40.64 -10.88
C31 9DF AA . -3.59 -45.12 -10.23
C35 9DF AA . 3.77 -45.17 -7.84
C36 9DF AA . 3.80 -43.74 -7.31
C37 9DF AA . 4.61 -43.67 -6.02
C38 9DF AA . 5.37 -42.40 -5.73
C46 9DF AA . -2.40 -47.80 -7.66
F40 9DF AA . 4.49 -41.47 -5.34
F41 9DF AA . 6.21 -42.65 -4.75
F42 9DF AA . 6.06 -41.94 -6.75
N7 9DF AA . -1.43 -46.25 -10.05
N19 9DF AA . -2.86 -44.01 -10.58
N34 9DF AA . 2.85 -45.33 -8.95
O32 9DF AA . -4.80 -45.22 -10.35
O33 9DF AA . -1.08 -48.41 -10.61
C10 9DF BA . 9.74 -34.56 -28.94
C2 9DF BA . 13.59 -33.94 -26.67
C4 9DF BA . 15.10 -33.24 -28.57
C6 9DF BA . 13.79 -34.66 -30.21
C9 9DF BA . 10.39 -34.91 -30.29
N3 9DF BA . 13.80 -33.41 -27.88
O1 9DF BA . 12.46 -34.13 -26.23
C5 9DF BA . 15.10 -34.49 -29.45
C8 9DF BA . 11.49 -33.93 -30.80
C11 9DF BA . 8.41 -35.25 -28.64
C17 9DF BA . 12.65 -33.10 -28.74
C18 9DF BA . 12.56 -31.68 -29.29
C20 9DF BA . 10.99 -30.20 -30.43
C21 9DF BA . 10.53 -29.44 -29.20
C22 9DF BA . 9.22 -29.55 -28.70
C23 9DF BA . 8.23 -30.36 -29.32
C24 9DF BA . 6.95 -30.42 -28.82
C25 9DF BA . 6.60 -29.68 -27.68
C26 9DF BA . 7.55 -28.87 -27.08
C27 9DF BA . 8.85 -28.80 -27.57
C28 9DF BA . 9.79 -28.00 -26.94
C29 9DF BA . 11.07 -27.90 -27.44
C30 9DF BA . 11.44 -28.60 -28.57
C31 9DF BA . 10.92 -32.56 -30.98
C35 9DF BA . 14.53 -34.96 -24.68
C36 9DF BA . 14.31 -34.03 -23.51
C37 9DF BA . 14.62 -34.93 -22.31
C38 9DF BA . 14.73 -34.15 -21.05
C46 9DF BA . 10.91 -36.35 -30.24
F40 9DF BA . 15.64 -33.23 -21.13
F41 9DF BA . 13.58 -33.55 -20.84
F42 9DF BA . 15.02 -34.97 -20.07
N7 9DF BA . 12.69 -33.93 -29.92
N19 9DF BA . 11.43 -31.57 -30.24
N34 9DF BA . 14.65 -34.34 -25.96
O32 9DF BA . 10.01 -32.44 -31.80
O33 9DF BA . 13.77 -35.50 -31.09
MG MG CA . 24.26 -18.30 -37.79
#